data_8UCJ
#
_entry.id   8UCJ
#
_cell.length_a   1.00
_cell.length_b   1.00
_cell.length_c   1.00
_cell.angle_alpha   90.00
_cell.angle_beta   90.00
_cell.angle_gamma   90.00
#
_symmetry.space_group_name_H-M   'P 1'
#
loop_
_entity.id
_entity.type
_entity.pdbx_description
1 polymer 'Synaptic vesicular amine transporter'
2 polymer 'Cytochrome c oxidase subunit 1'
3 polymer 'Cytochrome c oxidase subunit 2'
4 polymer 'Cytochrome c oxidase subunit 3'
5 polymer 'Cytochrome c oxidase subunit 4'
6 polymer 'Cytochrome c oxidase subunit 5'
7 polymer 'Cytochrome c oxidase subunit 6'
8 polymer 'Cytochrome c oxidase subunit 7'
9 polymer 'Cytochrome c oxidase subunit 8'
10 polymer 'Cytochrome c oxidase subunit 9'
11 polymer 'Cytochrome c oxidase subunit 12'
12 polymer 'Cytochrome c oxidase subunit 13'
13 non-polymer 'COPPER (II) ION'
14 non-polymer HEME-A
15 non-polymer PHOSPHATIDYLETHANOLAMINE
16 non-polymer 'DINUCLEAR COPPER ION'
17 non-polymer 'ZINC ION'
18 non-polymer 1,2-DIACYL-SN-GLYCERO-3-PHOSHOCHOLINE
#
loop_
_entity_poly.entity_id
_entity_poly.type
_entity_poly.pdbx_seq_one_letter_code
_entity_poly.pdbx_strand_id
1 'polypeptide(L)'
;MALSELALVRWLQESRRSRKLILFIVFLALLLDNMLLTVVVPIIPSYLYSIKHEKNATEIQTARPVHTASISDSFQSIFS
YYDNSTMVTGNATRDLTLHQTATQHMVTNASAVPSDCPSEDKDLLNENVQVGLLFASKATVQLITNPFIGLLTNRIGYPI
PIFAGFCIMFVSTIMFAFSSSYAFLLIARSLQGIGSSCSSVAGMGMLASVYTDDEERGNVMGIALGGLAMGVLVGPPFGS
VLYEFVGKTAPFLVLAALVLLDGAIQLFVLQPSRVQPESQKGTPLTTLLKDPYILIAAGSICFANMGIAMLEPALPIWMM
ETMCSRKWQLGVAFLPASISYLIGTNIFGILAHKMGRWLCALLGMIIVGVSILCIPFAKNIYGLIAPNFGVGFAIGMVDS
SMMPIMGYLVDLRHVSVYGSVYAIADVAFCMGYAIGPSAGGAIAKAIGFPWLMTIIGIIDILFAPLCFFLRSPPAKEEKM
AILMDHNCPIKTKMYTQNNIQSYPIGEDEESESD
;
A
2 'polypeptide(L)'
;MNYINRWLFSTNAKDIAVLYFIFALFCGLLGSIMSLILRLELSAPGNQILMGNHQLFNVVATAHAVLMVFFLVMPAAIGF
FGNYLLPLMIGASDMSFARLNNISFWLLPPALVSLLASALIENGAGTGWTVYPPLAGVQSHSGPSVDLAIFALHLTSISS
LLGAINFITTTLNMRTIGMTMSKLPLFVWAVVFTSILLLLSLPVLSAGVTLLLLDRNFNTSFFEPAGGGDPILYQHLFWF
FGHPEVYILIIPGFGIISHIVSTYSKKPVFGAIGMVYAMGSIGFLGLLVWSHHMYTVGLDVDSRAYFTSATMVIAVPTGI
KIFSWLATLYGGSIRYTTPMLYAFAFLFLFTVGGLSGVVLSNASLDIAFHDTYYVIGHFHYVLSLGAVFSLFAGYYYWSP
LITGLYYNNNLANIQFWLLFIGTNVTFFPMHFLGLNGMPRRIPDYPDAFAGWNAISSFGSLISIISVILFAYVIYDQLVN
GLTNKQLSTNSLFKNPDFIESNIIFNDNSIKSSSIDFLLTSPPLPHTFNTPAIQS
;
a
3 'polypeptide(L)'
;DVPTPWGIFFQDSATPNMEGIIELHNNIMFYLVLILTFVSYILYTIIYNYSNATIVHKYMNHGQLIEIVWTTLPAVILLI
IAFPSFILLYLCDEVISPAMTIKAIGLQWYWKYEYSDFINDDGEIVEFESYVIPEELLEDGQLRLLDVDASVVVPVDTHI
RFIVSSADVIHDFCVPALGVKVDASPGRLNQTSALIQREGVYYGQCSELCGVMHSAMPIKIEAVSLYEFINWLDEQ
;
b
4 'polypeptide(L)'
;MRIQNRENLQLFPFHLVTNSPWPLTTSLALMSLALTLGLTMHGYIGNHLWLFLAISLVLSSIFLWVRDVVIEGTYLGDHT
IAVRKGLNIGFMLFVLSEILIFAALFWSYFHSAMGPTIEIGCQWPPVGITSIKPTELPLLNTIILLASGATVTWAHHSIL
YKDRQGTLVGLFITTLLIILFVGCQVLEYTWATFTIADSVFGSIFYAGTGLHFIHMVMLIVMLAICYARMYFYHFTSNHH
LGLETTILYLHVLDIIWLFLYIVFYWWGC
;
c
5 'polypeptide(L)'
;PFMLRQCLPRVRPASRLFSTASILRQQTPKQFKTATSIAEVEGLENLVGPGAKTGTVPTDLEQATGLERYELLGKLEGIE
VFDETPLEAVRKGTMKDPILIDSYDDYRYVGCTGVPADSHNIEWLKPTTEKNARCWECGSVYKLNFL
;
d
6 'polypeptide(L)'
;LSNATVTNLEKRWEDLPETDQKDIISQLSERQKLPWKDLTLSEKKAAWYISFGEWGPRRPVHTKEDKLYIFWGTVIGIVI
SATIFGAFRYNRNVPKTMNREWQAASDEYLKSKNAEPFTGYSQIQS
;
e
7 'polypeptide(L)'
;EETYEEFSQRYEKEFDEAYDLFEVQRVLNNCFSYDIVPSPAVIGKALNACRRVNDYATAVRVFEGLKHKVETKEQYDAYL
EELKDVREELGIDLKEELFP
;
f
8 'polypeptide(L)' TATEKIIELQKFYQSTNKPIYAAHPRSKYYLIPYFGLLGVSVAATLFYTGRACFGIKD g
9 'polypeptide(L)' DVGPYSNLPFKVKNRRVPYAVPHFLFFAIGMGIPFFACYVQLKRSGSI h
10 'polypeptide(L)' SLTRIQGSVKRRILTDISVGLTLGFGFASYWWWGVHKPTVAHRENYYIELAKKKKAE i
11 'polypeptide(L)' ELKTVGFDARFPQQNQTKHCYQSYLDYHKCITVKGEDFAPCKVFWKTYNSLCPSAWVEEWDEQREKGIFPGNLKV j
12 'polypeptide(L)'
;FTTVKGDPAKAQAFKKHLDDVYHHSKGTTALWKKISYFVALPAIALTAVNTYFVEAEHAEHRAHNRHLSDEEWPKAYPYQ
NVRRVDFFWGDGDKTLFWNPDVNRHVK
;
k
#
# COMPACT_ATOMS: atom_id res chain seq x y z
N SER A 18 -5.89 19.47 -23.10
CA SER A 18 -7.02 20.34 -23.38
C SER A 18 -7.16 21.42 -22.32
N ARG A 19 -8.15 21.27 -21.44
CA ARG A 19 -8.42 22.27 -20.41
C ARG A 19 -7.91 21.85 -19.04
N LYS A 20 -7.74 20.55 -18.80
CA LYS A 20 -7.32 20.07 -17.49
C LYS A 20 -5.83 20.24 -17.26
N LEU A 21 -5.03 20.30 -18.33
CA LEU A 21 -3.59 20.43 -18.18
C LEU A 21 -3.20 21.79 -17.65
N ILE A 22 -4.03 22.81 -17.95
CA ILE A 22 -3.89 24.12 -17.34
C ILE A 22 -4.09 24.05 -15.83
N LEU A 23 -5.07 23.26 -15.39
CA LEU A 23 -5.30 23.07 -13.96
C LEU A 23 -4.11 22.38 -13.30
N PHE A 24 -3.51 21.41 -14.00
CA PHE A 24 -2.31 20.75 -13.48
C PHE A 24 -1.15 21.74 -13.34
N ILE A 25 -0.96 22.60 -14.35
CA ILE A 25 0.12 23.57 -14.34
C ILE A 25 -0.05 24.58 -13.22
N VAL A 26 -1.28 25.06 -12.99
CA VAL A 26 -1.52 26.04 -11.93
C VAL A 26 -1.35 25.42 -10.55
N PHE A 27 -1.79 24.16 -10.38
CA PHE A 27 -1.61 23.46 -9.11
C PHE A 27 -0.13 23.30 -8.78
N LEU A 28 0.67 22.89 -9.77
CA LEU A 28 2.11 22.75 -9.55
C LEU A 28 2.79 24.10 -9.32
N ALA A 29 2.28 25.17 -9.97
CA ALA A 29 2.84 26.50 -9.78
C ALA A 29 2.63 27.01 -8.36
N LEU A 30 1.42 26.81 -7.81
CA LEU A 30 1.16 27.23 -6.44
C LEU A 30 1.92 26.35 -5.44
N LEU A 31 2.07 25.06 -5.76
CA LEU A 31 2.86 24.16 -4.92
C LEU A 31 4.32 24.61 -4.83
N LEU A 32 4.91 24.96 -5.98
CA LEU A 32 6.30 25.42 -5.97
C LEU A 32 6.43 26.80 -5.34
N ASP A 33 5.39 27.64 -5.47
CA ASP A 33 5.32 28.92 -4.76
C ASP A 33 5.47 28.75 -3.25
N ASN A 34 4.57 27.98 -2.64
CA ASN A 34 4.69 27.83 -1.20
C ASN A 34 5.83 26.92 -0.76
N MET A 35 6.33 26.04 -1.63
CA MET A 35 7.49 25.24 -1.26
C MET A 35 8.74 26.09 -1.19
N LEU A 36 8.95 26.95 -2.19
CA LEU A 36 10.12 27.82 -2.14
C LEU A 36 9.94 28.99 -1.19
N LEU A 37 8.71 29.29 -0.78
CA LEU A 37 8.53 30.33 0.25
C LEU A 37 8.77 29.76 1.64
N THR A 38 7.96 28.78 2.05
CA THR A 38 8.00 28.32 3.43
C THR A 38 9.21 27.44 3.72
N VAL A 39 9.50 26.48 2.84
CA VAL A 39 10.52 25.47 3.11
C VAL A 39 11.86 26.06 2.66
N VAL A 40 12.53 26.75 3.59
CA VAL A 40 13.85 27.32 3.32
C VAL A 40 14.83 26.83 4.37
N VAL A 41 14.33 26.46 5.56
CA VAL A 41 15.20 26.09 6.67
C VAL A 41 15.67 24.64 6.56
N PRO A 42 14.83 23.60 6.31
CA PRO A 42 15.44 22.27 6.10
C PRO A 42 16.10 22.11 4.74
N ILE A 43 15.55 22.76 3.71
CA ILE A 43 16.10 22.65 2.37
C ILE A 43 16.68 23.99 1.92
N VAL A 129 16.62 43.28 12.69
CA VAL A 129 17.22 41.95 12.77
C VAL A 129 17.42 41.43 11.34
N GLN A 130 18.44 40.58 11.14
CA GLN A 130 18.74 40.08 9.81
C GLN A 130 17.74 39.03 9.35
N VAL A 131 17.26 38.19 10.27
CA VAL A 131 16.34 37.13 9.91
C VAL A 131 14.97 37.65 9.51
N GLY A 132 14.52 38.76 10.09
CA GLY A 132 13.26 39.38 9.72
C GLY A 132 13.30 39.95 8.32
N LEU A 133 14.43 40.56 7.95
CA LEU A 133 14.58 41.10 6.60
C LEU A 133 14.81 40.00 5.58
N LEU A 134 15.51 38.93 5.96
CA LEU A 134 15.79 37.85 5.02
C LEU A 134 14.59 36.96 4.79
N PHE A 135 13.76 36.74 5.82
CA PHE A 135 12.57 35.92 5.64
C PHE A 135 11.52 36.64 4.80
N ALA A 136 11.43 37.96 4.91
CA ALA A 136 10.45 38.75 4.18
C ALA A 136 11.02 39.35 2.91
N SER A 137 12.17 38.86 2.43
CA SER A 137 12.74 39.39 1.19
C SER A 137 11.90 38.98 -0.02
N LYS A 138 11.33 37.78 0.01
CA LYS A 138 10.55 37.28 -1.12
C LYS A 138 9.19 37.95 -1.22
N ALA A 139 8.50 38.14 -0.10
CA ALA A 139 7.12 38.58 -0.11
C ALA A 139 6.99 40.04 -0.56
N THR A 140 7.90 40.91 -0.13
CA THR A 140 7.83 42.31 -0.54
C THR A 140 8.18 42.49 -2.01
N VAL A 141 9.17 41.74 -2.52
CA VAL A 141 9.48 41.91 -3.95
C VAL A 141 8.37 41.31 -4.82
N GLN A 142 7.71 40.24 -4.35
CA GLN A 142 6.51 39.75 -5.01
C GLN A 142 5.38 40.77 -4.99
N LEU A 143 5.23 41.45 -3.85
CA LEU A 143 4.22 42.49 -3.68
C LEU A 143 4.44 43.66 -4.63
N ILE A 144 5.71 44.03 -4.85
CA ILE A 144 6.01 45.09 -5.80
C ILE A 144 5.78 44.65 -7.24
N THR A 145 6.26 43.45 -7.62
CA THR A 145 6.24 43.16 -9.06
C THR A 145 4.97 42.45 -9.51
N ASN A 146 4.02 42.21 -8.60
CA ASN A 146 2.72 41.67 -9.03
C ASN A 146 1.90 42.56 -9.98
N PRO A 147 1.77 43.90 -9.82
CA PRO A 147 0.94 44.64 -10.80
C PRO A 147 1.53 44.74 -12.20
N PHE A 148 2.83 44.50 -12.38
CA PHE A 148 3.41 44.62 -13.72
C PHE A 148 3.01 43.45 -14.61
N ILE A 149 2.90 42.25 -14.04
CA ILE A 149 2.58 41.06 -14.82
C ILE A 149 1.14 41.10 -15.31
N GLY A 150 0.26 41.75 -14.56
CA GLY A 150 -1.12 41.92 -15.00
C GLY A 150 -1.24 42.77 -16.25
N LEU A 151 -0.37 43.77 -16.40
CA LEU A 151 -0.31 44.52 -17.65
C LEU A 151 0.45 43.77 -18.73
N LEU A 152 1.44 42.96 -18.35
CA LEU A 152 2.22 42.23 -19.34
C LEU A 152 1.42 41.12 -20.03
N THR A 153 0.52 40.45 -19.30
CA THR A 153 -0.25 39.36 -19.90
C THR A 153 -1.27 39.86 -20.91
N ASN A 154 -1.70 41.12 -20.80
CA ASN A 154 -2.55 41.69 -21.83
C ASN A 154 -1.76 41.97 -23.10
N ARG A 155 -0.46 42.24 -22.98
CA ARG A 155 0.36 42.53 -24.14
C ARG A 155 0.83 41.26 -24.85
N ILE A 156 1.61 40.42 -24.15
CA ILE A 156 2.29 39.31 -24.80
C ILE A 156 1.52 37.99 -24.71
N GLY A 157 0.43 37.94 -23.96
CA GLY A 157 -0.35 36.73 -23.86
C GLY A 157 -0.05 35.93 -22.60
N TYR A 158 -0.85 34.90 -22.39
CA TYR A 158 -0.78 34.10 -21.16
C TYR A 158 0.40 33.12 -21.06
N PRO A 159 0.69 32.24 -22.05
CA PRO A 159 1.55 31.07 -21.72
C PRO A 159 3.03 31.37 -21.50
N ILE A 160 3.60 32.36 -22.17
CA ILE A 160 5.04 32.65 -22.07
C ILE A 160 5.50 33.11 -20.68
N PRO A 161 4.79 34.01 -19.94
CA PRO A 161 5.28 34.34 -18.59
C PRO A 161 5.28 33.18 -17.60
N ILE A 162 4.45 32.16 -17.80
CA ILE A 162 4.42 31.01 -16.89
C ILE A 162 5.73 30.24 -16.96
N PHE A 163 6.15 29.89 -18.17
CA PHE A 163 7.38 29.11 -18.32
C PHE A 163 8.62 29.98 -18.13
N ALA A 164 8.51 31.29 -18.40
CA ALA A 164 9.59 32.21 -18.03
C ALA A 164 9.77 32.25 -16.51
N GLY A 165 8.67 32.26 -15.77
CA GLY A 165 8.75 32.24 -14.32
C GLY A 165 9.29 30.93 -13.79
N PHE A 166 8.94 29.81 -14.43
CA PHE A 166 9.51 28.52 -14.04
C PHE A 166 11.03 28.49 -14.26
N CYS A 167 11.49 29.00 -15.40
CA CYS A 167 12.93 29.03 -15.66
C CYS A 167 13.67 29.97 -14.72
N ILE A 168 13.07 31.13 -14.42
CA ILE A 168 13.66 32.09 -13.50
C ILE A 168 13.74 31.51 -12.09
N MET A 169 12.69 30.80 -11.68
CA MET A 169 12.67 30.14 -10.37
C MET A 169 13.73 29.06 -10.28
N PHE A 170 13.93 28.29 -11.36
CA PHE A 170 14.96 27.24 -11.37
C PHE A 170 16.36 27.83 -11.28
N VAL A 171 16.65 28.86 -12.08
CA VAL A 171 18.01 29.43 -12.04
C VAL A 171 18.25 30.19 -10.74
N SER A 172 17.21 30.76 -10.14
CA SER A 172 17.39 31.44 -8.87
C SER A 172 17.60 30.46 -7.71
N THR A 173 16.91 29.32 -7.73
CA THR A 173 17.15 28.29 -6.74
C THR A 173 18.56 27.70 -6.89
N ILE A 174 19.02 27.50 -8.14
CA ILE A 174 20.36 26.93 -8.30
C ILE A 174 21.46 27.96 -8.00
N MET A 175 21.17 29.27 -8.09
CA MET A 175 22.12 30.24 -7.56
C MET A 175 22.07 30.31 -6.04
N PHE A 176 20.89 30.08 -5.45
CA PHE A 176 20.78 30.06 -4.00
C PHE A 176 21.44 28.82 -3.39
N ALA A 177 21.64 27.78 -4.21
CA ALA A 177 22.20 26.53 -3.71
C ALA A 177 23.65 26.68 -3.24
N PHE A 178 24.47 27.42 -3.97
CA PHE A 178 25.87 27.61 -3.62
C PHE A 178 26.23 29.07 -3.44
N SER A 179 25.39 29.82 -2.73
CA SER A 179 25.65 31.23 -2.42
C SER A 179 26.09 31.38 -0.98
N SER A 180 27.16 32.13 -0.76
CA SER A 180 27.73 32.35 0.57
C SER A 180 27.63 33.79 1.04
N SER A 181 27.83 34.76 0.15
CA SER A 181 27.76 36.16 0.53
C SER A 181 26.32 36.61 0.73
N TYR A 182 26.15 37.69 1.48
CA TYR A 182 24.81 38.16 1.83
C TYR A 182 24.12 38.86 0.67
N ALA A 183 24.87 39.67 -0.08
CA ALA A 183 24.28 40.46 -1.17
C ALA A 183 23.81 39.56 -2.31
N PHE A 184 24.62 38.58 -2.69
CA PHE A 184 24.23 37.64 -3.73
C PHE A 184 23.07 36.76 -3.27
N LEU A 185 22.99 36.41 -1.98
CA LEU A 185 21.86 35.67 -1.46
C LEU A 185 20.57 36.50 -1.54
N LEU A 186 20.67 37.80 -1.23
CA LEU A 186 19.50 38.68 -1.33
C LEU A 186 19.04 38.83 -2.77
N ILE A 187 19.99 38.95 -3.70
CA ILE A 187 19.67 39.01 -5.13
C ILE A 187 19.01 37.71 -5.59
N ALA A 188 19.53 36.57 -5.13
CA ALA A 188 18.99 35.27 -5.53
C ALA A 188 17.56 35.08 -5.03
N ARG A 189 17.28 35.48 -3.78
CA ARG A 189 15.92 35.35 -3.29
C ARG A 189 14.98 36.37 -3.94
N SER A 190 15.51 37.52 -4.36
CA SER A 190 14.71 38.48 -5.12
C SER A 190 14.29 37.94 -6.48
N LEU A 191 15.22 37.30 -7.21
CA LEU A 191 14.82 36.68 -8.48
C LEU A 191 13.90 35.48 -8.29
N GLN A 192 14.06 34.76 -7.17
CA GLN A 192 13.13 33.67 -6.84
C GLN A 192 11.71 34.22 -6.66
N GLY A 193 11.59 35.33 -5.94
CA GLY A 193 10.30 35.96 -5.77
C GLY A 193 9.71 36.53 -7.04
N ILE A 194 10.55 37.09 -7.92
CA ILE A 194 9.99 37.71 -9.12
C ILE A 194 9.56 36.65 -10.12
N GLY A 195 10.18 35.46 -10.08
CA GLY A 195 9.66 34.37 -10.90
C GLY A 195 8.34 33.83 -10.39
N SER A 196 8.29 33.64 -9.07
CA SER A 196 7.07 33.14 -8.44
C SER A 196 5.92 34.13 -8.50
N SER A 197 6.19 35.41 -8.74
CA SER A 197 5.14 36.37 -8.98
C SER A 197 4.54 36.29 -10.38
N CYS A 198 5.35 35.97 -11.39
CA CYS A 198 4.82 35.77 -12.74
C CYS A 198 3.95 34.54 -12.83
N SER A 199 4.44 33.43 -12.24
CA SER A 199 3.83 32.11 -12.49
C SER A 199 2.40 32.04 -11.97
N SER A 200 2.18 32.45 -10.71
CA SER A 200 0.87 32.31 -10.08
C SER A 200 -0.16 33.23 -10.71
N VAL A 201 0.23 34.48 -10.99
CA VAL A 201 -0.69 35.46 -11.56
C VAL A 201 -1.13 35.05 -12.96
N ALA A 202 -0.17 34.66 -13.82
CA ALA A 202 -0.53 34.28 -15.18
C ALA A 202 -1.31 32.97 -15.21
N GLY A 203 -1.00 32.03 -14.32
CA GLY A 203 -1.75 30.78 -14.28
C GLY A 203 -3.19 30.97 -13.81
N MET A 204 -3.39 31.79 -12.77
CA MET A 204 -4.75 32.03 -12.28
C MET A 204 -5.56 32.82 -13.29
N GLY A 205 -4.92 33.74 -14.00
CA GLY A 205 -5.61 34.45 -15.08
C GLY A 205 -5.99 33.54 -16.22
N MET A 206 -5.16 32.55 -16.54
CA MET A 206 -5.50 31.68 -17.66
C MET A 206 -6.56 30.63 -17.28
N LEU A 207 -6.60 30.19 -16.02
CA LEU A 207 -7.78 29.43 -15.57
C LEU A 207 -9.04 30.27 -15.59
N ALA A 208 -8.93 31.57 -15.28
CA ALA A 208 -10.09 32.43 -15.40
C ALA A 208 -10.52 32.60 -16.86
N SER A 209 -9.56 32.61 -17.78
CA SER A 209 -9.88 32.84 -19.19
C SER A 209 -10.51 31.62 -19.84
N VAL A 210 -9.99 30.43 -19.58
CA VAL A 210 -10.46 29.25 -20.32
C VAL A 210 -11.83 28.78 -19.83
N TYR A 211 -12.01 28.68 -18.51
CA TYR A 211 -13.25 28.19 -17.91
C TYR A 211 -14.22 29.36 -17.77
N THR A 212 -15.08 29.53 -18.78
CA THR A 212 -15.96 30.69 -18.84
C THR A 212 -17.21 30.51 -17.98
N ASP A 213 -17.67 29.28 -17.80
CA ASP A 213 -18.88 29.04 -17.03
C ASP A 213 -18.63 29.29 -15.55
N ASP A 214 -19.62 29.90 -14.88
CA ASP A 214 -19.43 30.36 -13.51
C ASP A 214 -19.40 29.21 -12.52
N GLU A 215 -20.17 28.16 -12.77
CA GLU A 215 -20.24 27.05 -11.81
C GLU A 215 -18.96 26.21 -11.84
N GLU A 216 -18.37 26.03 -13.01
CA GLU A 216 -17.15 25.23 -13.12
C GLU A 216 -15.92 25.98 -12.61
N ARG A 217 -15.92 27.31 -12.67
CA ARG A 217 -14.78 28.11 -12.26
C ARG A 217 -14.50 27.96 -10.78
N GLY A 218 -15.57 27.93 -9.96
CA GLY A 218 -15.40 27.77 -8.52
C GLY A 218 -14.83 26.41 -8.15
N ASN A 219 -15.31 25.35 -8.81
CA ASN A 219 -14.79 24.01 -8.57
C ASN A 219 -13.33 23.89 -8.97
N VAL A 220 -12.97 24.45 -10.12
CA VAL A 220 -11.59 24.32 -10.60
C VAL A 220 -10.63 25.14 -9.77
N MET A 221 -11.02 26.36 -9.36
CA MET A 221 -10.16 27.12 -8.47
C MET A 221 -10.13 26.56 -7.05
N GLY A 222 -11.18 25.86 -6.62
CA GLY A 222 -11.11 25.14 -5.36
C GLY A 222 -10.12 23.99 -5.41
N ILE A 223 -10.02 23.31 -6.55
CA ILE A 223 -8.97 22.30 -6.72
C ILE A 223 -7.60 22.96 -6.80
N ALA A 224 -7.50 24.10 -7.49
CA ALA A 224 -6.21 24.72 -7.76
C ALA A 224 -5.60 25.35 -6.51
N LEU A 225 -6.43 25.88 -5.61
CA LEU A 225 -5.91 26.49 -4.39
C LEU A 225 -5.41 25.47 -3.38
N GLY A 226 -5.64 24.17 -3.61
CA GLY A 226 -5.16 23.15 -2.70
C GLY A 226 -3.67 22.92 -2.75
N GLY A 227 -2.97 23.50 -3.71
CA GLY A 227 -1.53 23.41 -3.76
C GLY A 227 -0.81 24.31 -2.79
N LEU A 228 -1.52 25.21 -2.12
CA LEU A 228 -0.92 26.11 -1.16
C LEU A 228 -0.67 25.45 0.19
N ALA A 229 -1.13 24.22 0.38
CA ALA A 229 -0.87 23.49 1.62
C ALA A 229 -0.01 22.26 1.43
N MET A 230 0.09 21.71 0.22
CA MET A 230 0.99 20.60 -0.03
C MET A 230 2.45 21.04 0.05
N GLY A 231 2.75 22.28 -0.32
CA GLY A 231 4.08 22.82 -0.11
C GLY A 231 4.41 23.04 1.35
N VAL A 232 3.40 23.36 2.16
CA VAL A 232 3.61 23.47 3.60
C VAL A 232 3.84 22.09 4.22
N LEU A 233 3.07 21.09 3.76
CA LEU A 233 3.28 19.72 4.22
C LEU A 233 4.64 19.17 3.75
N VAL A 234 5.00 19.43 2.50
CA VAL A 234 6.29 18.98 1.98
C VAL A 234 7.30 20.12 2.06
N GLY A 247 10.73 14.17 1.89
CA GLY A 247 11.82 13.21 1.95
C GLY A 247 12.97 13.54 1.03
N LYS A 248 13.26 12.63 0.10
CA LYS A 248 14.33 12.86 -0.87
C LYS A 248 13.93 13.91 -1.89
N THR A 249 12.62 13.97 -2.22
CA THR A 249 11.96 14.96 -3.07
C THR A 249 12.43 14.98 -4.53
N ALA A 250 13.36 14.10 -4.92
CA ALA A 250 13.74 13.97 -6.31
C ALA A 250 12.71 13.20 -7.17
N PRO A 251 11.95 12.21 -6.64
CA PRO A 251 10.77 11.75 -7.38
C PRO A 251 9.76 12.85 -7.74
N PHE A 252 9.48 13.75 -6.81
CA PHE A 252 8.42 14.73 -7.05
C PHE A 252 8.85 15.81 -8.04
N LEU A 253 10.14 16.16 -8.03
CA LEU A 253 10.64 17.14 -8.99
C LEU A 253 10.62 16.60 -10.41
N VAL A 254 10.91 15.31 -10.59
CA VAL A 254 10.86 14.78 -11.95
C VAL A 254 9.42 14.49 -12.38
N LEU A 255 8.50 14.24 -11.43
CA LEU A 255 7.08 14.21 -11.78
C LEU A 255 6.61 15.58 -12.28
N ALA A 256 7.04 16.63 -11.60
CA ALA A 256 6.73 17.99 -12.04
C ALA A 256 7.35 18.30 -13.39
N ALA A 257 8.59 17.84 -13.62
CA ALA A 257 9.26 18.08 -14.90
C ALA A 257 8.55 17.37 -16.04
N LEU A 258 8.04 16.16 -15.79
CA LEU A 258 7.25 15.45 -16.80
C LEU A 258 5.94 16.16 -17.11
N VAL A 259 5.24 16.68 -16.09
CA VAL A 259 3.98 17.38 -16.32
C VAL A 259 4.21 18.68 -17.11
N LEU A 260 5.25 19.45 -16.76
CA LEU A 260 5.57 20.63 -17.55
C LEU A 260 6.11 20.32 -18.94
N LEU A 261 6.74 19.15 -19.15
CA LEU A 261 7.09 18.75 -20.51
C LEU A 261 5.84 18.51 -21.35
N ASP A 262 4.82 17.89 -20.75
CA ASP A 262 3.54 17.71 -21.43
C ASP A 262 2.90 19.06 -21.76
N GLY A 263 2.96 19.99 -20.82
CA GLY A 263 2.42 21.32 -21.06
C GLY A 263 3.13 22.08 -22.16
N ALA A 264 4.47 21.98 -22.19
CA ALA A 264 5.24 22.64 -23.24
C ALA A 264 4.99 22.02 -24.60
N ILE A 265 4.82 20.69 -24.64
CA ILE A 265 4.53 20.00 -25.90
C ILE A 265 3.18 20.46 -26.46
N GLN A 266 2.15 20.54 -25.61
CA GLN A 266 0.85 20.94 -26.13
C GLN A 266 0.80 22.43 -26.46
N LEU A 267 1.43 23.29 -25.66
CA LEU A 267 1.31 24.73 -25.88
C LEU A 267 2.22 25.25 -26.99
N PHE A 268 3.42 24.71 -27.16
CA PHE A 268 4.39 25.33 -28.07
C PHE A 268 4.82 24.48 -29.26
N VAL A 269 4.55 23.19 -29.28
CA VAL A 269 5.09 22.29 -30.29
C VAL A 269 4.04 21.89 -31.32
N LEU A 270 2.88 21.39 -30.86
CA LEU A 270 1.89 20.87 -31.79
C LEU A 270 1.18 21.98 -32.55
N GLN A 271 0.88 23.10 -31.88
CA GLN A 271 0.31 24.26 -32.54
C GLN A 271 1.24 25.45 -32.39
N PRO A 272 1.48 26.21 -33.46
CA PRO A 272 2.36 27.38 -33.35
C PRO A 272 1.73 28.50 -32.54
N SER A 273 2.58 29.24 -31.84
CA SER A 273 2.14 30.35 -31.00
C SER A 273 2.93 31.61 -31.36
N ARG A 274 2.21 32.66 -31.70
CA ARG A 274 2.79 33.97 -31.95
C ARG A 274 2.71 34.80 -30.68
N VAL A 275 2.99 36.10 -30.79
CA VAL A 275 2.82 37.00 -29.65
C VAL A 275 1.35 37.11 -29.28
N GLN A 276 0.49 37.42 -30.27
CA GLN A 276 -0.98 37.41 -30.23
C GLN A 276 -1.58 38.20 -29.07
N PRO A 277 -1.60 39.54 -29.13
CA PRO A 277 -2.27 40.31 -28.08
C PRO A 277 -3.77 40.09 -28.12
N GLU A 278 -4.41 40.36 -26.97
CA GLU A 278 -5.82 40.06 -26.77
C GLU A 278 -6.70 40.95 -27.64
N SER A 279 -7.89 40.43 -27.95
CA SER A 279 -8.79 41.13 -28.86
C SER A 279 -9.41 42.36 -28.22
N GLN A 280 -9.56 42.36 -26.90
CA GLN A 280 -10.17 43.48 -26.20
C GLN A 280 -9.16 44.10 -25.24
N LYS A 281 -9.34 45.38 -24.96
CA LYS A 281 -8.47 46.13 -24.07
C LYS A 281 -9.10 46.21 -22.69
N GLY A 282 -8.34 45.81 -21.67
CA GLY A 282 -8.87 45.77 -20.33
C GLY A 282 -8.86 47.12 -19.64
N THR A 283 -9.61 47.19 -18.55
CA THR A 283 -9.62 48.38 -17.72
C THR A 283 -8.28 48.51 -16.99
N PRO A 284 -7.79 49.74 -16.77
CA PRO A 284 -6.51 49.90 -16.08
C PRO A 284 -6.64 49.62 -14.60
N LEU A 285 -5.49 49.67 -13.91
CA LEU A 285 -5.43 49.26 -12.52
C LEU A 285 -6.12 50.27 -11.60
N THR A 286 -6.03 51.57 -11.92
CA THR A 286 -6.66 52.59 -11.10
C THR A 286 -8.17 52.55 -11.18
N THR A 287 -8.72 52.24 -12.37
CA THR A 287 -10.16 52.07 -12.51
C THR A 287 -10.66 50.91 -11.68
N LEU A 288 -9.90 49.81 -11.63
CA LEU A 288 -10.22 48.70 -10.76
C LEU A 288 -10.11 49.07 -9.29
N LEU A 289 -9.13 49.92 -8.94
CA LEU A 289 -8.97 50.32 -7.55
C LEU A 289 -10.02 51.32 -7.09
N LYS A 290 -10.67 52.03 -8.03
CA LYS A 290 -11.76 52.91 -7.64
C LYS A 290 -13.05 52.16 -7.29
N ASP A 291 -13.17 50.91 -7.71
CA ASP A 291 -14.36 50.13 -7.38
C ASP A 291 -14.30 49.68 -5.93
N PRO A 292 -15.41 49.71 -5.19
CA PRO A 292 -15.37 49.28 -3.78
C PRO A 292 -15.42 47.77 -3.60
N TYR A 293 -16.09 47.08 -4.52
CA TYR A 293 -16.35 45.64 -4.37
C TYR A 293 -15.09 44.81 -4.47
N ILE A 294 -14.19 45.12 -5.40
CA ILE A 294 -12.97 44.34 -5.58
C ILE A 294 -12.05 44.52 -4.38
N LEU A 295 -11.95 45.75 -3.87
CA LEU A 295 -11.14 46.02 -2.69
C LEU A 295 -11.71 45.34 -1.46
N ILE A 296 -13.05 45.32 -1.33
CA ILE A 296 -13.60 44.78 -0.10
C ILE A 296 -13.63 43.25 -0.18
N ALA A 297 -13.57 42.71 -1.40
CA ALA A 297 -13.37 41.28 -1.56
C ALA A 297 -11.93 40.89 -1.25
N ALA A 298 -10.97 41.73 -1.63
CA ALA A 298 -9.56 41.44 -1.37
C ALA A 298 -9.22 41.54 0.11
N GLY A 299 -9.87 42.48 0.81
CA GLY A 299 -9.64 42.65 2.23
C GLY A 299 -10.02 41.46 3.08
N SER A 300 -11.00 40.66 2.63
CA SER A 300 -11.37 39.44 3.35
C SER A 300 -10.22 38.42 3.35
N ILE A 301 -9.60 38.21 2.17
CA ILE A 301 -8.47 37.30 2.08
C ILE A 301 -7.28 37.83 2.87
N CYS A 302 -7.05 39.14 2.81
CA CYS A 302 -5.93 39.74 3.54
C CYS A 302 -6.07 39.60 5.04
N PHE A 303 -7.23 39.97 5.59
CA PHE A 303 -7.42 39.89 7.04
C PHE A 303 -7.65 38.46 7.52
N ALA A 304 -8.03 37.54 6.62
CA ALA A 304 -8.07 36.14 7.02
C ALA A 304 -6.67 35.55 7.13
N ASN A 305 -5.79 35.87 6.17
CA ASN A 305 -4.46 35.30 6.19
C ASN A 305 -3.50 36.01 7.13
N MET A 306 -3.86 37.21 7.61
CA MET A 306 -2.97 37.97 8.50
C MET A 306 -2.73 37.25 9.82
N GLY A 307 -3.77 36.65 10.40
CA GLY A 307 -3.62 35.96 11.67
C GLY A 307 -2.75 34.73 11.59
N ILE A 308 -2.94 33.90 10.57
CA ILE A 308 -2.11 32.71 10.41
C ILE A 308 -0.71 33.09 9.94
N ALA A 309 -0.54 34.28 9.33
CA ALA A 309 0.81 34.77 9.06
C ALA A 309 1.52 35.17 10.34
N MET A 310 0.83 35.87 11.26
CA MET A 310 1.49 36.32 12.48
C MET A 310 1.64 35.22 13.52
N LEU A 311 0.86 34.14 13.43
CA LEU A 311 0.91 33.10 14.46
C LEU A 311 2.19 32.28 14.39
N GLU A 312 2.76 32.13 13.20
CA GLU A 312 3.94 31.29 13.00
C GLU A 312 5.22 31.74 13.70
N PRO A 313 5.66 33.01 13.70
CA PRO A 313 6.90 33.32 14.42
C PRO A 313 6.74 33.35 15.92
N ALA A 314 5.57 33.70 16.44
CA ALA A 314 5.37 33.82 17.88
C ALA A 314 5.09 32.50 18.56
N LEU A 315 4.91 31.42 17.81
CA LEU A 315 4.66 30.10 18.39
C LEU A 315 5.91 29.45 18.98
N PRO A 316 7.13 29.58 18.43
CA PRO A 316 8.31 29.20 19.23
C PRO A 316 8.52 30.05 20.47
N ILE A 317 8.03 31.29 20.49
CA ILE A 317 8.17 32.13 21.68
C ILE A 317 7.28 31.61 22.80
N TRP A 318 6.02 31.27 22.49
CA TRP A 318 5.12 30.72 23.49
C TRP A 318 5.43 29.27 23.80
N MET A 319 5.88 28.50 22.81
CA MET A 319 6.20 27.09 23.01
C MET A 319 7.42 26.68 22.20
N GLN A 329 7.28 17.64 16.81
CA GLN A 329 7.02 18.80 17.67
C GLN A 329 6.57 20.00 16.86
N LEU A 330 7.45 20.46 15.96
CA LEU A 330 7.13 21.63 15.15
C LEU A 330 6.16 21.28 14.03
N GLY A 331 6.31 20.10 13.42
CA GLY A 331 5.47 19.74 12.30
C GLY A 331 4.07 19.31 12.69
N VAL A 332 3.91 18.72 13.88
CA VAL A 332 2.61 18.24 14.30
C VAL A 332 1.68 19.37 14.72
N ALA A 333 2.22 20.55 15.01
CA ALA A 333 1.36 21.70 15.29
C ALA A 333 0.78 22.28 14.00
N PHE A 334 1.56 22.25 12.92
CA PHE A 334 1.14 22.82 11.64
C PHE A 334 0.41 21.82 10.74
N LEU A 335 0.54 20.52 11.02
CA LEU A 335 -0.12 19.48 10.23
C LEU A 335 -1.65 19.51 10.17
N PRO A 336 -2.42 19.75 11.25
CA PRO A 336 -3.90 19.77 11.10
C PRO A 336 -4.45 20.85 10.18
N ALA A 337 -3.79 22.01 10.10
CA ALA A 337 -4.24 23.04 9.15
C ALA A 337 -4.05 22.58 7.71
N SER A 338 -2.92 21.93 7.42
CA SER A 338 -2.70 21.39 6.09
C SER A 338 -3.62 20.23 5.77
N ILE A 339 -4.05 19.48 6.78
CA ILE A 339 -5.04 18.44 6.55
C ILE A 339 -6.40 19.05 6.24
N SER A 340 -6.82 20.06 7.01
CA SER A 340 -8.15 20.62 6.87
C SER A 340 -8.31 21.51 5.65
N TYR A 341 -7.22 22.14 5.19
CA TYR A 341 -7.31 23.12 4.10
C TYR A 341 -7.75 22.48 2.79
N LEU A 342 -7.19 21.32 2.45
CA LEU A 342 -7.54 20.64 1.20
C LEU A 342 -8.99 20.20 1.19
N ILE A 343 -9.45 19.62 2.30
CA ILE A 343 -10.83 19.16 2.42
C ILE A 343 -11.80 20.34 2.34
N GLY A 344 -11.46 21.44 3.01
CA GLY A 344 -12.31 22.61 2.98
C GLY A 344 -12.42 23.25 1.61
N THR A 345 -11.29 23.40 0.92
CA THR A 345 -11.35 24.05 -0.39
C THR A 345 -12.00 23.15 -1.44
N ASN A 346 -11.75 21.82 -1.39
CA ASN A 346 -12.32 20.94 -2.41
C ASN A 346 -13.80 20.69 -2.17
N ILE A 347 -14.27 20.80 -0.94
CA ILE A 347 -15.71 20.69 -0.73
C ILE A 347 -16.40 22.00 -1.03
N PHE A 348 -15.92 23.12 -0.48
CA PHE A 348 -16.65 24.36 -0.60
C PHE A 348 -16.35 25.13 -1.89
N GLY A 349 -15.52 24.60 -2.78
CA GLY A 349 -15.51 25.13 -4.14
C GLY A 349 -16.78 24.80 -4.89
N ILE A 350 -17.32 23.60 -4.69
CA ILE A 350 -18.49 23.14 -5.42
C ILE A 350 -19.77 23.69 -4.80
N LEU A 351 -19.89 23.64 -3.48
CA LEU A 351 -21.13 23.93 -2.79
C LEU A 351 -21.37 25.42 -2.57
N ALA A 352 -20.42 26.28 -2.95
CA ALA A 352 -20.60 27.71 -2.73
C ALA A 352 -21.54 28.36 -3.73
N HIS A 353 -21.89 27.67 -4.82
CA HIS A 353 -22.77 28.26 -5.81
C HIS A 353 -24.20 28.32 -5.31
N LYS A 354 -24.69 27.24 -4.70
CA LYS A 354 -26.05 27.20 -4.19
C LYS A 354 -26.22 28.02 -2.92
N MET A 355 -25.22 28.03 -2.04
CA MET A 355 -25.34 28.70 -0.75
C MET A 355 -25.10 30.19 -0.81
N GLY A 356 -24.58 30.71 -1.92
CA GLY A 356 -24.21 32.11 -1.97
C GLY A 356 -22.83 32.33 -1.38
N ARG A 357 -21.96 33.04 -2.10
CA ARG A 357 -20.56 33.14 -1.70
C ARG A 357 -20.36 34.10 -0.54
N TRP A 358 -21.23 35.11 -0.42
CA TRP A 358 -21.15 36.07 0.68
C TRP A 358 -21.40 35.40 2.03
N LEU A 359 -22.35 34.46 2.08
CA LEU A 359 -22.63 33.75 3.31
C LEU A 359 -21.46 32.87 3.73
N CYS A 360 -20.81 32.23 2.75
CA CYS A 360 -19.62 31.43 3.03
C CYS A 360 -18.47 32.29 3.54
N ALA A 361 -18.31 33.49 2.97
CA ALA A 361 -17.28 34.40 3.45
C ALA A 361 -17.55 34.87 4.89
N LEU A 362 -18.82 35.19 5.19
CA LEU A 362 -19.21 35.64 6.53
C LEU A 362 -18.96 34.55 7.56
N LEU A 363 -19.40 33.32 7.27
CA LEU A 363 -19.19 32.21 8.19
C LEU A 363 -17.72 31.86 8.32
N GLY A 364 -16.95 32.01 7.24
CA GLY A 364 -15.52 31.74 7.30
C GLY A 364 -14.79 32.72 8.20
N MET A 365 -15.09 34.00 8.07
CA MET A 365 -14.44 34.99 8.92
C MET A 365 -14.84 34.82 10.39
N ILE A 366 -16.10 34.43 10.63
CA ILE A 366 -16.56 34.17 12.01
C ILE A 366 -15.79 33.00 12.63
N ILE A 367 -15.64 31.90 11.88
CA ILE A 367 -14.95 30.73 12.42
C ILE A 367 -13.45 31.00 12.60
N VAL A 368 -12.83 31.79 11.71
CA VAL A 368 -11.43 32.19 11.90
C VAL A 368 -11.28 33.00 13.18
N GLY A 369 -12.20 33.93 13.44
CA GLY A 369 -12.12 34.72 14.66
C GLY A 369 -12.28 33.89 15.92
N VAL A 370 -13.27 32.99 15.92
CA VAL A 370 -13.53 32.15 17.10
C VAL A 370 -12.37 31.20 17.36
N SER A 371 -11.83 30.57 16.32
CA SER A 371 -10.69 29.68 16.49
C SER A 371 -9.42 30.42 16.86
N ILE A 372 -9.30 31.69 16.50
CA ILE A 372 -8.14 32.47 16.93
C ILE A 372 -8.25 32.80 18.42
N LEU A 373 -9.44 33.22 18.90
CA LEU A 373 -9.62 33.38 20.34
C LEU A 373 -9.55 32.08 21.13
N CYS A 374 -9.73 30.92 20.50
CA CYS A 374 -9.61 29.67 21.25
C CYS A 374 -8.18 29.37 21.69
N ILE A 375 -7.17 29.90 21.00
CA ILE A 375 -5.76 29.63 21.29
C ILE A 375 -5.29 30.16 22.66
N PRO A 376 -5.58 31.41 23.10
CA PRO A 376 -5.04 31.84 24.42
C PRO A 376 -5.55 31.03 25.62
N PHE A 377 -6.74 30.42 25.54
CA PHE A 377 -7.19 29.56 26.63
C PHE A 377 -6.48 28.22 26.66
N ALA A 378 -5.85 27.81 25.56
CA ALA A 378 -5.10 26.56 25.53
C ALA A 378 -3.77 26.74 26.26
N LYS A 379 -3.41 25.73 27.05
CA LYS A 379 -2.20 25.77 27.88
C LYS A 379 -1.27 24.60 27.62
N ASN A 380 -1.40 23.93 26.47
CA ASN A 380 -0.56 22.79 26.16
C ASN A 380 -0.39 22.69 24.65
N ILE A 381 0.62 21.92 24.25
CA ILE A 381 0.90 21.72 22.82
C ILE A 381 -0.18 20.86 22.17
N TYR A 382 -0.68 19.84 22.87
CA TYR A 382 -1.71 18.97 22.30
C TYR A 382 -3.08 19.62 22.26
N GLY A 383 -3.28 20.71 22.98
CA GLY A 383 -4.54 21.44 22.91
C GLY A 383 -4.69 22.36 21.72
N LEU A 384 -3.64 22.48 20.90
CA LEU A 384 -3.69 23.33 19.71
C LEU A 384 -4.17 22.59 18.47
N ILE A 385 -4.37 21.27 18.56
CA ILE A 385 -4.74 20.48 17.38
C ILE A 385 -6.15 20.80 16.93
N ALA A 386 -7.09 20.83 17.87
CA ALA A 386 -8.50 21.13 17.58
C ALA A 386 -8.75 22.56 17.06
N PRO A 387 -8.15 23.65 17.59
CA PRO A 387 -8.40 24.95 16.95
C PRO A 387 -7.73 25.12 15.60
N ASN A 388 -6.59 24.44 15.37
CA ASN A 388 -5.86 24.59 14.10
C ASN A 388 -6.68 24.09 12.93
N PHE A 389 -7.37 22.95 13.10
CA PHE A 389 -8.39 22.52 12.15
C PHE A 389 -9.42 23.62 11.92
N GLY A 390 -9.91 24.20 13.02
CA GLY A 390 -10.88 25.28 12.91
C GLY A 390 -10.30 26.55 12.34
N VAL A 391 -8.97 26.65 12.28
CA VAL A 391 -8.37 27.69 11.45
C VAL A 391 -8.46 27.29 9.98
N GLY A 392 -7.86 26.15 9.63
CA GLY A 392 -7.49 25.91 8.24
C GLY A 392 -8.67 25.70 7.33
N PHE A 393 -9.61 24.84 7.75
CA PHE A 393 -10.87 24.64 7.05
C PHE A 393 -11.58 25.97 6.84
N ALA A 394 -11.61 26.80 7.89
CA ALA A 394 -12.29 28.08 7.80
C ALA A 394 -11.63 28.99 6.79
N ILE A 395 -10.29 29.01 6.76
CA ILE A 395 -9.65 29.93 5.83
C ILE A 395 -9.76 29.38 4.42
N GLY A 396 -9.89 28.05 4.30
CA GLY A 396 -10.19 27.46 3.00
C GLY A 396 -11.54 27.90 2.50
N MET A 397 -12.52 27.98 3.41
CA MET A 397 -13.85 28.42 3.01
C MET A 397 -13.87 29.93 2.80
N VAL A 398 -12.85 30.63 3.31
CA VAL A 398 -12.67 32.03 2.92
C VAL A 398 -12.18 32.12 1.49
N ASP A 399 -11.26 31.23 1.09
CA ASP A 399 -10.55 31.41 -0.16
C ASP A 399 -11.39 30.98 -1.35
N SER A 400 -11.83 29.72 -1.36
CA SER A 400 -12.53 29.15 -2.50
C SER A 400 -13.89 29.79 -2.74
N SER A 401 -14.45 30.42 -1.72
CA SER A 401 -15.65 31.22 -1.94
C SER A 401 -15.33 32.54 -2.62
N MET A 402 -14.26 33.22 -2.21
CA MET A 402 -14.10 34.61 -2.58
C MET A 402 -13.19 34.86 -3.77
N MET A 403 -12.33 33.91 -4.12
CA MET A 403 -11.49 34.16 -5.29
C MET A 403 -12.16 33.96 -6.65
N PRO A 404 -13.10 33.00 -6.84
CA PRO A 404 -13.90 33.06 -8.09
C PRO A 404 -14.71 34.33 -8.26
N ILE A 405 -15.29 34.87 -7.18
CA ILE A 405 -16.30 35.92 -7.32
C ILE A 405 -15.70 37.23 -7.80
N MET A 406 -14.39 37.46 -7.58
CA MET A 406 -13.71 38.60 -8.18
C MET A 406 -13.76 38.53 -9.69
N GLY A 407 -13.46 37.35 -10.25
CA GLY A 407 -13.61 37.14 -11.68
C GLY A 407 -15.04 37.18 -12.15
N TYR A 408 -16.00 37.03 -11.23
CA TYR A 408 -17.39 37.24 -11.61
C TYR A 408 -17.68 38.73 -11.76
N LEU A 409 -17.12 39.56 -10.88
CA LEU A 409 -17.52 40.97 -10.79
C LEU A 409 -17.12 41.74 -12.03
N VAL A 410 -15.95 41.42 -12.59
CA VAL A 410 -15.49 42.04 -13.81
C VAL A 410 -16.36 41.63 -14.99
N ASP A 411 -16.93 40.43 -14.93
CA ASP A 411 -17.87 40.02 -15.97
C ASP A 411 -19.21 40.71 -15.82
N LEU A 412 -19.47 41.36 -14.68
CA LEU A 412 -20.74 42.02 -14.49
C LEU A 412 -20.65 43.53 -14.70
N ARG A 413 -19.52 44.14 -14.34
CA ARG A 413 -19.40 45.59 -14.35
C ARG A 413 -18.37 46.16 -15.30
N HIS A 414 -17.42 45.36 -15.78
CA HIS A 414 -16.28 45.88 -16.54
C HIS A 414 -16.09 45.02 -17.78
N VAL A 415 -14.94 45.19 -18.44
CA VAL A 415 -14.59 44.42 -19.63
C VAL A 415 -13.68 43.26 -19.21
N SER A 416 -13.83 42.12 -19.87
CA SER A 416 -13.34 40.84 -19.37
C SER A 416 -11.88 40.61 -19.75
N VAL A 417 -10.99 41.19 -18.95
CA VAL A 417 -9.57 40.83 -18.93
C VAL A 417 -9.20 40.55 -17.49
N TYR A 418 -8.70 39.35 -17.21
CA TYR A 418 -8.60 38.84 -15.86
C TYR A 418 -7.21 38.95 -15.25
N GLY A 419 -6.29 39.69 -15.88
CA GLY A 419 -4.93 39.74 -15.39
C GLY A 419 -4.73 40.60 -14.15
N SER A 420 -5.13 41.87 -14.25
CA SER A 420 -4.89 42.83 -13.18
C SER A 420 -5.71 42.52 -11.93
N VAL A 421 -6.88 41.91 -12.11
CA VAL A 421 -7.73 41.61 -10.96
C VAL A 421 -7.13 40.52 -10.10
N TYR A 422 -6.61 39.46 -10.73
CA TYR A 422 -5.92 38.45 -9.95
C TYR A 422 -4.54 38.91 -9.51
N ALA A 423 -3.97 39.93 -10.16
CA ALA A 423 -2.81 40.60 -9.59
C ALA A 423 -3.15 41.28 -8.26
N ILE A 424 -4.31 41.95 -8.21
CA ILE A 424 -4.80 42.56 -6.96
C ILE A 424 -5.06 41.48 -5.90
N ALA A 425 -5.62 40.36 -6.32
CA ALA A 425 -5.88 39.25 -5.40
C ALA A 425 -4.58 38.67 -4.82
N ASP A 426 -3.55 38.54 -5.66
CA ASP A 426 -2.26 38.05 -5.16
C ASP A 426 -1.57 39.08 -4.27
N VAL A 427 -1.77 40.38 -4.55
CA VAL A 427 -1.31 41.45 -3.66
C VAL A 427 -1.94 41.30 -2.28
N ALA A 428 -3.25 41.09 -2.24
CA ALA A 428 -3.95 40.95 -0.96
C ALA A 428 -3.60 39.65 -0.26
N PHE A 429 -3.20 38.63 -1.03
CA PHE A 429 -2.76 37.39 -0.40
C PHE A 429 -1.38 37.57 0.23
N CYS A 430 -0.46 38.24 -0.48
CA CYS A 430 0.92 38.34 -0.04
C CYS A 430 1.18 39.48 0.93
N MET A 431 0.21 40.38 1.13
CA MET A 431 0.37 41.45 2.10
C MET A 431 0.53 40.90 3.52
N GLY A 432 -0.20 39.84 3.83
CA GLY A 432 -0.09 39.22 5.15
C GLY A 432 1.29 38.63 5.41
N TYR A 433 1.83 37.89 4.44
CA TYR A 433 3.15 37.31 4.62
C TYR A 433 4.26 38.36 4.54
N ALA A 434 4.01 39.51 3.91
CA ALA A 434 4.99 40.58 3.91
C ALA A 434 5.03 41.30 5.25
N ILE A 435 3.86 41.60 5.83
CA ILE A 435 3.82 42.45 7.01
C ILE A 435 3.90 41.62 8.30
N GLY A 436 3.62 40.32 8.23
CA GLY A 436 3.41 39.46 9.37
C GLY A 436 4.51 39.32 10.42
N PRO A 437 5.66 38.74 10.07
CA PRO A 437 6.66 38.44 11.13
C PRO A 437 7.34 39.68 11.69
N SER A 438 7.60 40.70 10.87
CA SER A 438 8.30 41.89 11.33
C SER A 438 7.45 42.68 12.34
N ALA A 439 6.15 42.80 12.09
CA ALA A 439 5.28 43.43 13.07
C ALA A 439 4.95 42.50 14.22
N GLY A 440 4.87 41.19 13.96
CA GLY A 440 4.50 40.24 14.99
C GLY A 440 5.54 40.09 16.07
N GLY A 441 6.83 40.13 15.70
CA GLY A 441 7.88 40.09 16.69
C GLY A 441 7.89 41.34 17.57
N ALA A 442 7.62 42.51 16.97
CA ALA A 442 7.57 43.74 17.75
C ALA A 442 6.38 43.77 18.70
N ILE A 443 5.22 43.27 18.25
CA ILE A 443 4.05 43.21 19.14
C ILE A 443 4.26 42.17 20.24
N ALA A 444 4.89 41.04 19.92
CA ALA A 444 5.15 40.01 20.93
C ALA A 444 6.16 40.48 21.97
N LYS A 445 7.15 41.28 21.55
CA LYS A 445 8.05 41.89 22.51
C LYS A 445 7.36 42.99 23.31
N ALA A 446 6.39 43.69 22.70
CA ALA A 446 5.76 44.82 23.36
C ALA A 446 4.71 44.39 24.36
N ILE A 447 3.66 43.70 23.90
CA ILE A 447 2.53 43.33 24.74
C ILE A 447 2.53 41.83 25.04
N GLY A 448 2.50 41.00 24.00
CA GLY A 448 2.58 39.57 24.17
C GLY A 448 1.65 38.81 23.23
N PHE A 449 1.72 37.49 23.33
CA PHE A 449 0.93 36.61 22.48
C PHE A 449 -0.58 36.69 22.68
N PRO A 450 -1.15 36.59 23.90
CA PRO A 450 -2.62 36.49 23.98
C PRO A 450 -3.37 37.75 23.62
N TRP A 451 -2.81 38.93 23.90
CA TRP A 451 -3.49 40.16 23.50
C TRP A 451 -3.39 40.39 22.00
N LEU A 452 -2.30 39.95 21.37
CA LEU A 452 -2.19 39.98 19.91
C LEU A 452 -3.24 39.08 19.27
N MET A 453 -3.41 37.87 19.82
CA MET A 453 -4.43 36.97 19.31
C MET A 453 -5.83 37.51 19.54
N THR A 454 -6.03 38.18 20.69
CA THR A 454 -7.33 38.78 21.00
C THR A 454 -7.68 39.89 20.03
N ILE A 455 -6.72 40.78 19.73
CA ILE A 455 -7.02 41.91 18.86
C ILE A 455 -7.21 41.45 17.41
N ILE A 456 -6.44 40.45 16.95
CA ILE A 456 -6.65 39.98 15.58
C ILE A 456 -7.96 39.20 15.47
N GLY A 457 -8.36 38.50 16.53
CA GLY A 457 -9.64 37.81 16.49
C GLY A 457 -10.84 38.74 16.51
N ILE A 458 -10.78 39.81 17.31
CA ILE A 458 -11.86 40.79 17.32
C ILE A 458 -11.92 41.54 15.98
N ILE A 459 -10.76 41.80 15.36
CA ILE A 459 -10.76 42.41 14.03
C ILE A 459 -11.40 41.49 12.99
N ASP A 460 -11.07 40.19 13.04
CA ASP A 460 -11.62 39.24 12.08
C ASP A 460 -13.11 39.00 12.29
N ILE A 461 -13.59 39.01 13.53
CA ILE A 461 -15.02 38.89 13.77
C ILE A 461 -15.73 40.18 13.34
N LEU A 462 -15.14 41.34 13.62
CA LEU A 462 -15.78 42.62 13.31
C LEU A 462 -15.87 42.88 11.82
N PHE A 463 -14.94 42.32 11.03
CA PHE A 463 -15.01 42.51 9.58
C PHE A 463 -16.16 41.73 8.97
N ALA A 464 -16.52 40.60 9.56
CA ALA A 464 -17.52 39.67 9.02
C ALA A 464 -18.94 40.19 8.79
N PRO A 465 -19.49 41.17 9.54
CA PRO A 465 -20.82 41.70 9.15
C PRO A 465 -20.88 42.35 7.77
N LEU A 466 -19.82 43.00 7.32
CA LEU A 466 -19.93 43.83 6.12
C LEU A 466 -19.69 43.05 4.83
N CYS A 467 -19.43 41.74 4.91
CA CYS A 467 -19.33 40.91 3.70
C CYS A 467 -20.69 40.57 3.12
N PHE A 468 -21.79 40.93 3.80
CA PHE A 468 -23.15 40.73 3.31
C PHE A 468 -23.45 41.58 2.08
N PHE A 469 -22.67 42.65 1.85
CA PHE A 469 -22.92 43.61 0.78
C PHE A 469 -22.72 43.04 -0.61
N LEU A 470 -22.09 41.88 -0.74
CA LEU A 470 -21.81 41.27 -2.05
C LEU A 470 -22.91 40.32 -2.50
N ARG A 471 -24.15 40.51 -2.03
CA ARG A 471 -25.23 39.61 -2.42
C ARG A 471 -25.68 39.86 -3.86
N SER A 472 -25.80 41.12 -4.24
CA SER A 472 -26.21 41.47 -5.61
C SER A 472 -25.64 42.84 -5.95
N PRO A 473 -24.46 42.88 -6.55
CA PRO A 473 -23.89 44.17 -6.96
C PRO A 473 -24.65 44.74 -8.15
N PRO A 474 -24.63 46.06 -8.34
CA PRO A 474 -25.36 46.64 -9.48
C PRO A 474 -24.62 46.39 -10.78
N ALA A 475 -25.34 45.83 -11.75
CA ALA A 475 -24.76 45.52 -13.05
C ALA A 475 -24.56 46.80 -13.86
N LYS A 476 -23.71 46.70 -14.88
CA LYS A 476 -23.41 47.83 -15.74
C LYS A 476 -23.21 47.38 -17.19
N MET B 1 -5.73 -30.91 28.93
CA MET B 1 -6.21 -29.55 29.11
C MET B 1 -5.07 -28.58 28.82
N ASN B 2 -3.85 -29.02 29.11
CA ASN B 2 -2.67 -28.21 28.82
C ASN B 2 -2.41 -28.08 27.32
N TYR B 3 -2.90 -29.02 26.52
CA TYR B 3 -2.85 -28.86 25.06
C TYR B 3 -3.73 -27.69 24.61
N ILE B 4 -4.90 -27.54 25.24
CA ILE B 4 -5.86 -26.54 24.80
C ILE B 4 -5.40 -25.13 25.17
N ASN B 5 -4.82 -24.95 26.36
CA ASN B 5 -4.51 -23.63 26.92
C ASN B 5 -3.20 -23.06 26.39
N ARG B 6 -2.62 -23.68 25.37
CA ARG B 6 -1.25 -23.37 24.98
C ARG B 6 -1.07 -23.38 23.47
N TRP B 7 -1.96 -24.07 22.73
CA TRP B 7 -2.04 -24.16 21.27
C TRP B 7 -3.43 -23.91 20.70
N LEU B 8 -4.45 -23.65 21.53
CA LEU B 8 -5.75 -23.17 21.08
C LEU B 8 -6.18 -21.88 21.78
N PHE B 9 -5.93 -21.76 23.08
CA PHE B 9 -6.20 -20.53 23.83
C PHE B 9 -4.83 -19.95 24.17
N SER B 10 -4.29 -19.16 23.24
CA SER B 10 -2.89 -18.76 23.30
C SER B 10 -2.76 -17.26 23.47
N THR B 11 -1.59 -16.87 23.97
CA THR B 11 -1.25 -15.48 24.24
C THR B 11 0.13 -15.19 23.66
N ASN B 12 0.96 -16.22 23.58
CA ASN B 12 2.34 -16.05 23.12
C ASN B 12 2.38 -15.77 21.63
N ALA B 13 3.16 -14.77 21.24
CA ALA B 13 3.20 -14.33 19.85
C ALA B 13 3.99 -15.30 18.98
N LYS B 14 5.00 -15.97 19.54
CA LYS B 14 5.81 -16.88 18.73
C LYS B 14 5.13 -18.21 18.48
N ASP B 15 4.10 -18.56 19.24
CA ASP B 15 3.40 -19.82 19.07
C ASP B 15 2.26 -19.73 18.07
N ILE B 16 1.93 -18.52 17.61
CA ILE B 16 0.95 -18.37 16.55
C ILE B 16 1.61 -18.38 15.17
N ALA B 17 2.90 -18.05 15.12
CA ALA B 17 3.65 -18.04 13.86
C ALA B 17 3.79 -19.43 13.27
N VAL B 18 3.99 -20.45 14.13
CA VAL B 18 4.10 -21.82 13.65
C VAL B 18 2.76 -22.31 13.08
N LEU B 19 1.64 -21.88 13.69
CA LEU B 19 0.33 -22.22 13.16
C LEU B 19 0.07 -21.52 11.82
N TYR B 20 0.56 -20.28 11.69
CA TYR B 20 0.48 -19.56 10.42
C TYR B 20 1.27 -20.28 9.34
N PHE B 21 2.45 -20.81 9.68
CA PHE B 21 3.25 -21.55 8.72
C PHE B 21 2.56 -22.82 8.26
N ILE B 22 1.99 -23.59 9.19
CA ILE B 22 1.26 -24.80 8.85
C ILE B 22 0.03 -24.51 8.00
N PHE B 23 -0.67 -23.41 8.25
CA PHE B 23 -1.79 -23.02 7.40
C PHE B 23 -1.34 -22.59 6.00
N ALA B 24 -0.23 -21.84 5.93
CA ALA B 24 0.24 -21.30 4.65
C ALA B 24 0.75 -22.41 3.74
N LEU B 25 1.36 -23.45 4.31
CA LEU B 25 1.83 -24.58 3.51
C LEU B 25 0.67 -25.30 2.81
N PHE B 26 -0.42 -25.53 3.55
CA PHE B 26 -1.60 -26.18 3.01
C PHE B 26 -2.26 -25.33 1.93
N CYS B 27 -2.41 -24.03 2.20
CA CYS B 27 -3.04 -23.15 1.23
C CYS B 27 -2.12 -22.77 0.07
N GLY B 28 -0.85 -23.15 0.12
CA GLY B 28 0.00 -23.00 -1.05
C GLY B 28 0.15 -24.29 -1.81
N LEU B 29 -0.20 -25.41 -1.18
CA LEU B 29 -0.30 -26.67 -1.91
C LEU B 29 -1.54 -26.75 -2.77
N LEU B 30 -2.69 -26.31 -2.22
CA LEU B 30 -3.96 -26.41 -2.93
C LEU B 30 -3.96 -25.59 -4.22
N GLY B 31 -3.45 -24.36 -4.15
CA GLY B 31 -3.41 -23.51 -5.33
C GLY B 31 -2.43 -24.01 -6.38
N SER B 32 -1.36 -24.68 -5.94
CA SER B 32 -0.38 -25.18 -6.90
C SER B 32 -0.93 -26.37 -7.67
N ILE B 33 -1.72 -27.20 -7.00
CA ILE B 33 -2.39 -28.28 -7.73
C ILE B 33 -3.46 -27.71 -8.66
N MET B 34 -4.15 -26.65 -8.23
CA MET B 34 -5.09 -25.96 -9.12
C MET B 34 -4.39 -25.32 -10.32
N SER B 35 -3.15 -24.85 -10.16
CA SER B 35 -2.41 -24.33 -11.29
C SER B 35 -1.94 -25.43 -12.23
N LEU B 36 -1.59 -26.60 -11.67
CA LEU B 36 -1.26 -27.75 -12.49
C LEU B 36 -2.46 -28.24 -13.30
N ILE B 37 -3.67 -28.11 -12.75
CA ILE B 37 -4.88 -28.44 -13.50
C ILE B 37 -5.05 -27.50 -14.69
N LEU B 38 -4.79 -26.20 -14.50
CA LEU B 38 -4.93 -25.23 -15.58
C LEU B 38 -3.88 -25.44 -16.66
N ARG B 39 -2.63 -25.68 -16.26
CA ARG B 39 -1.54 -25.81 -17.23
C ARG B 39 -1.56 -27.14 -17.96
N LEU B 40 -2.25 -28.15 -17.44
CA LEU B 40 -2.43 -29.40 -18.16
C LEU B 40 -3.61 -29.37 -19.14
N GLU B 41 -4.43 -28.32 -19.08
CA GLU B 41 -5.49 -28.10 -20.05
C GLU B 41 -5.04 -27.18 -21.19
N LEU B 42 -4.23 -26.18 -20.88
CA LEU B 42 -3.61 -25.29 -21.87
C LEU B 42 -2.33 -25.89 -22.42
N SER B 43 -2.40 -27.09 -23.00
CA SER B 43 -1.22 -27.78 -23.50
C SER B 43 -1.21 -27.91 -25.02
N ALA B 44 -2.24 -28.50 -25.60
CA ALA B 44 -2.41 -28.59 -27.05
C ALA B 44 -3.83 -28.18 -27.38
N PRO B 45 -4.09 -27.74 -28.62
CA PRO B 45 -5.44 -27.33 -29.00
C PRO B 45 -6.46 -28.47 -28.91
N GLY B 46 -7.65 -28.12 -28.45
CA GLY B 46 -8.74 -29.04 -28.23
C GLY B 46 -9.28 -28.93 -26.83
N ASN B 47 -10.09 -29.89 -26.43
CA ASN B 47 -10.71 -29.96 -25.11
C ASN B 47 -10.26 -31.25 -24.43
N GLN B 48 -9.24 -31.17 -23.56
CA GLN B 48 -8.49 -32.34 -23.17
C GLN B 48 -8.99 -32.92 -21.87
N ILE B 49 -8.89 -32.21 -20.74
CA ILE B 49 -9.14 -32.84 -19.45
C ILE B 49 -10.51 -32.47 -18.92
N LEU B 50 -10.79 -31.18 -18.85
CA LEU B 50 -12.17 -30.72 -18.69
C LEU B 50 -12.86 -30.89 -20.04
N MET B 51 -13.91 -31.71 -20.08
CA MET B 51 -14.41 -32.28 -21.33
C MET B 51 -14.98 -31.22 -22.27
N GLY B 52 -15.88 -30.39 -21.77
CA GLY B 52 -16.40 -29.31 -22.58
C GLY B 52 -16.73 -28.12 -21.73
N ASN B 53 -16.34 -28.20 -20.46
CA ASN B 53 -16.81 -27.28 -19.45
C ASN B 53 -15.85 -26.09 -19.41
N HIS B 54 -16.35 -24.91 -19.84
CA HIS B 54 -15.58 -23.68 -19.68
C HIS B 54 -15.83 -23.04 -18.32
N GLN B 55 -16.94 -23.34 -17.67
CA GLN B 55 -16.96 -23.33 -16.21
C GLN B 55 -16.10 -24.49 -15.70
N LEU B 56 -15.64 -24.38 -14.46
CA LEU B 56 -14.61 -25.22 -13.83
C LEU B 56 -13.24 -25.03 -14.51
N PHE B 57 -13.10 -24.02 -15.35
CA PHE B 57 -11.80 -23.46 -15.72
C PHE B 57 -11.61 -22.08 -15.12
N ASN B 58 -12.66 -21.25 -15.18
CA ASN B 58 -12.60 -19.93 -14.59
C ASN B 58 -12.68 -20.01 -13.06
N VAL B 59 -13.39 -21.02 -12.55
CA VAL B 59 -13.46 -21.26 -11.12
C VAL B 59 -12.09 -21.63 -10.56
N VAL B 60 -11.36 -22.46 -11.31
CA VAL B 60 -10.02 -22.90 -10.89
C VAL B 60 -9.05 -21.72 -10.92
N ALA B 61 -9.17 -20.84 -11.92
CA ALA B 61 -8.31 -19.66 -11.99
C ALA B 61 -8.61 -18.68 -10.87
N THR B 62 -9.89 -18.47 -10.56
CA THR B 62 -10.28 -17.59 -9.46
C THR B 62 -9.79 -18.12 -8.12
N ALA B 63 -10.00 -19.42 -7.87
CA ALA B 63 -9.57 -20.02 -6.62
C ALA B 63 -8.06 -20.21 -6.55
N HIS B 64 -7.35 -20.17 -7.67
CA HIS B 64 -5.90 -20.18 -7.61
C HIS B 64 -5.34 -18.80 -7.35
N ALA B 65 -6.03 -17.75 -7.82
CA ALA B 65 -5.68 -16.38 -7.47
C ALA B 65 -5.89 -16.08 -5.98
N VAL B 66 -7.07 -16.44 -5.46
CA VAL B 66 -7.42 -16.06 -4.09
C VAL B 66 -6.59 -16.83 -3.06
N LEU B 67 -6.33 -18.12 -3.31
CA LEU B 67 -5.61 -18.92 -2.33
C LEU B 67 -4.13 -18.57 -2.24
N MET B 68 -3.58 -17.82 -3.20
CA MET B 68 -2.19 -17.43 -3.07
C MET B 68 -1.94 -15.93 -3.04
N VAL B 69 -2.93 -15.09 -3.27
CA VAL B 69 -2.77 -13.68 -2.91
C VAL B 69 -3.11 -13.47 -1.45
N PHE B 70 -4.16 -14.13 -0.95
CA PHE B 70 -4.68 -13.87 0.38
C PHE B 70 -4.33 -14.94 1.41
N PHE B 71 -4.10 -16.19 1.00
CA PHE B 71 -3.95 -17.28 1.95
C PHE B 71 -2.55 -17.88 2.03
N LEU B 72 -1.63 -17.52 1.14
CA LEU B 72 -0.26 -18.03 1.23
C LEU B 72 0.75 -16.93 1.51
N VAL B 73 0.81 -15.87 0.69
CA VAL B 73 1.90 -14.91 0.79
C VAL B 73 1.73 -14.01 2.02
N MET B 74 0.52 -13.51 2.24
CA MET B 74 0.26 -12.72 3.44
C MET B 74 0.37 -13.47 4.77
N PRO B 75 -0.19 -14.69 4.96
CA PRO B 75 0.06 -15.38 6.24
C PRO B 75 1.52 -15.73 6.48
N ALA B 76 2.28 -16.05 5.43
CA ALA B 76 3.70 -16.35 5.61
C ALA B 76 4.49 -15.09 5.95
N ALA B 77 4.25 -14.00 5.21
CA ALA B 77 5.03 -12.79 5.37
C ALA B 77 4.57 -11.90 6.51
N ILE B 78 3.40 -12.13 7.10
CA ILE B 78 2.91 -11.36 8.22
C ILE B 78 2.84 -12.19 9.49
N GLY B 79 2.30 -13.41 9.40
CA GLY B 79 2.16 -14.24 10.56
C GLY B 79 3.43 -14.96 10.98
N PHE B 80 4.16 -15.57 10.03
CA PHE B 80 5.28 -16.39 10.43
C PHE B 80 6.54 -15.56 10.67
N PHE B 81 6.78 -14.54 9.85
CA PHE B 81 7.98 -13.72 10.00
C PHE B 81 7.76 -12.41 10.72
N GLY B 82 6.52 -11.91 10.79
CA GLY B 82 6.27 -10.67 11.48
C GLY B 82 5.97 -10.86 12.95
N ASN B 83 5.15 -11.85 13.28
CA ASN B 83 4.80 -12.09 14.68
C ASN B 83 5.98 -12.66 15.45
N TYR B 84 6.83 -13.42 14.78
CA TYR B 84 7.91 -14.11 15.47
C TYR B 84 9.12 -13.20 15.66
N LEU B 85 9.55 -12.53 14.60
CA LEU B 85 10.84 -11.85 14.59
C LEU B 85 10.80 -10.42 15.11
N LEU B 86 9.71 -9.69 14.90
CA LEU B 86 9.64 -8.29 15.33
C LEU B 86 9.75 -8.08 16.84
N PRO B 87 9.08 -8.84 17.73
CA PRO B 87 9.39 -8.68 19.17
C PRO B 87 10.81 -9.02 19.55
N LEU B 88 11.43 -9.99 18.88
CA LEU B 88 12.80 -10.35 19.21
C LEU B 88 13.79 -9.33 18.67
N MET B 89 13.49 -8.70 17.53
CA MET B 89 14.37 -7.66 17.03
C MET B 89 14.23 -6.37 17.81
N ILE B 90 13.01 -5.94 18.14
CA ILE B 90 12.89 -4.70 18.90
C ILE B 90 13.12 -4.92 20.39
N GLY B 91 13.11 -6.15 20.85
CA GLY B 91 13.43 -6.47 22.22
C GLY B 91 12.27 -6.52 23.18
N ALA B 92 11.08 -6.87 22.72
CA ALA B 92 9.90 -6.94 23.56
C ALA B 92 9.59 -8.40 23.92
N SER B 93 8.81 -8.57 24.98
CA SER B 93 8.45 -9.89 25.45
C SER B 93 7.39 -10.51 24.54
N ASP B 94 6.23 -9.86 24.45
CA ASP B 94 5.16 -10.24 23.54
C ASP B 94 4.56 -9.01 22.87
N MET B 95 3.50 -9.22 22.09
CA MET B 95 2.84 -8.15 21.39
C MET B 95 1.98 -7.35 22.36
N SER B 96 1.49 -6.20 21.92
CA SER B 96 0.69 -5.34 22.79
C SER B 96 -0.74 -5.83 22.96
N PHE B 97 -1.32 -6.42 21.93
CA PHE B 97 -2.68 -6.95 21.96
C PHE B 97 -2.61 -8.41 21.52
N ALA B 98 -2.45 -9.32 22.50
CA ALA B 98 -2.21 -10.71 22.17
C ALA B 98 -3.49 -11.44 21.74
N ARG B 99 -4.62 -11.10 22.36
CA ARG B 99 -5.89 -11.71 21.97
C ARG B 99 -6.29 -11.30 20.56
N LEU B 100 -5.90 -10.10 20.12
CA LEU B 100 -6.12 -9.72 18.73
C LEU B 100 -5.24 -10.52 17.77
N ASN B 101 -4.05 -10.91 18.19
CA ASN B 101 -3.24 -11.83 17.39
C ASN B 101 -3.93 -13.18 17.26
N ASN B 102 -4.52 -13.67 18.35
CA ASN B 102 -5.22 -14.95 18.31
C ASN B 102 -6.45 -14.89 17.39
N ILE B 103 -7.21 -13.79 17.45
CA ILE B 103 -8.37 -13.69 16.55
C ILE B 103 -7.92 -13.46 15.11
N SER B 104 -6.77 -12.81 14.89
CA SER B 104 -6.27 -12.60 13.54
C SER B 104 -5.79 -13.90 12.92
N PHE B 105 -5.32 -14.84 13.74
CA PHE B 105 -5.13 -16.18 13.22
C PHE B 105 -6.47 -16.85 12.94
N TRP B 106 -7.35 -16.89 13.94
CA TRP B 106 -8.47 -17.82 13.85
C TRP B 106 -9.61 -17.33 12.97
N LEU B 107 -9.51 -16.12 12.39
CA LEU B 107 -10.47 -15.73 11.37
C LEU B 107 -10.24 -16.39 10.02
N LEU B 108 -9.06 -16.98 9.78
CA LEU B 108 -8.73 -17.55 8.48
C LEU B 108 -9.26 -18.97 8.18
N PRO B 109 -9.28 -19.93 9.12
CA PRO B 109 -9.94 -21.22 8.81
C PRO B 109 -11.43 -21.12 8.52
N PRO B 110 -12.22 -20.20 9.12
CA PRO B 110 -13.55 -19.96 8.55
C PRO B 110 -13.57 -19.26 7.22
N ALA B 111 -12.48 -18.60 6.81
CA ALA B 111 -12.42 -18.03 5.47
C ALA B 111 -12.02 -19.05 4.41
N LEU B 112 -11.34 -20.13 4.80
CA LEU B 112 -11.05 -21.20 3.85
C LEU B 112 -12.29 -22.02 3.53
N VAL B 113 -13.15 -22.24 4.54
CA VAL B 113 -14.32 -23.09 4.39
C VAL B 113 -15.32 -22.47 3.42
N SER B 114 -15.52 -21.15 3.50
CA SER B 114 -16.46 -20.48 2.62
C SER B 114 -15.95 -20.44 1.18
N LEU B 115 -14.65 -20.31 1.00
CA LEU B 115 -14.10 -20.32 -0.36
C LEU B 115 -14.14 -21.71 -0.98
N LEU B 116 -13.87 -22.75 -0.18
CA LEU B 116 -14.00 -24.10 -0.71
C LEU B 116 -15.46 -24.49 -0.92
N ALA B 117 -16.37 -23.88 -0.17
CA ALA B 117 -17.80 -24.07 -0.38
C ALA B 117 -18.38 -23.08 -1.36
N SER B 118 -17.56 -22.23 -1.98
CA SER B 118 -18.02 -21.40 -3.09
C SER B 118 -17.76 -22.09 -4.42
N ALA B 119 -17.19 -23.30 -4.40
CA ALA B 119 -16.94 -24.06 -5.61
C ALA B 119 -17.64 -25.40 -5.63
N LEU B 120 -18.58 -25.65 -4.71
CA LEU B 120 -19.33 -26.89 -4.73
C LEU B 120 -20.84 -26.65 -4.79
N ILE B 121 -21.36 -25.61 -4.12
CA ILE B 121 -22.74 -25.21 -4.37
C ILE B 121 -22.80 -24.16 -5.48
N GLU B 122 -22.60 -24.61 -6.73
CA GLU B 122 -23.34 -24.35 -7.95
C GLU B 122 -22.42 -24.73 -9.10
N ASN B 123 -22.76 -24.23 -10.29
CA ASN B 123 -21.75 -23.97 -11.33
C ASN B 123 -20.45 -23.41 -10.73
N GLY B 124 -20.55 -22.39 -9.88
CA GLY B 124 -19.41 -21.91 -9.12
C GLY B 124 -19.33 -20.41 -9.18
N ALA B 125 -18.12 -19.89 -8.92
CA ALA B 125 -17.85 -18.46 -8.99
C ALA B 125 -16.72 -18.24 -10.00
N GLY B 126 -17.08 -18.18 -11.28
CA GLY B 126 -16.13 -17.89 -12.32
C GLY B 126 -16.12 -16.45 -12.76
N THR B 127 -15.94 -15.53 -11.81
CA THR B 127 -15.96 -14.10 -12.09
C THR B 127 -14.57 -13.52 -12.30
N GLY B 128 -13.53 -14.34 -12.18
CA GLY B 128 -12.18 -13.83 -12.09
C GLY B 128 -11.86 -13.37 -10.68
N TRP B 129 -10.59 -13.00 -10.48
CA TRP B 129 -10.17 -12.46 -9.19
C TRP B 129 -10.77 -11.08 -8.96
N THR B 130 -10.75 -10.22 -9.99
CA THR B 130 -11.45 -8.95 -9.92
C THR B 130 -12.92 -9.19 -10.22
N VAL B 131 -13.75 -9.07 -9.20
CA VAL B 131 -15.15 -9.50 -9.30
C VAL B 131 -15.92 -8.31 -9.86
N TYR B 132 -15.90 -8.20 -11.20
CA TYR B 132 -16.49 -7.06 -11.89
C TYR B 132 -18.03 -7.09 -11.80
N PRO B 133 -18.67 -5.92 -11.75
CA PRO B 133 -20.11 -5.86 -11.42
C PRO B 133 -21.05 -6.50 -12.46
N PRO B 134 -21.04 -6.14 -13.75
CA PRO B 134 -22.16 -6.58 -14.60
C PRO B 134 -22.11 -8.04 -15.01
N LEU B 135 -21.00 -8.74 -14.80
CA LEU B 135 -20.93 -10.18 -14.96
C LEU B 135 -21.33 -10.90 -13.67
N ALA B 136 -20.86 -10.41 -12.54
CA ALA B 136 -21.19 -11.02 -11.25
C ALA B 136 -22.48 -10.44 -10.68
N GLY B 137 -23.56 -10.54 -11.44
CA GLY B 137 -24.85 -10.07 -10.99
C GLY B 137 -25.76 -11.23 -10.64
N VAL B 138 -27.00 -11.18 -11.11
CA VAL B 138 -27.94 -12.27 -10.90
C VAL B 138 -28.47 -12.75 -12.24
N GLN B 139 -27.77 -12.38 -13.31
CA GLN B 139 -28.11 -12.84 -14.64
C GLN B 139 -27.13 -13.85 -15.20
N SER B 140 -25.90 -13.89 -14.68
CA SER B 140 -24.93 -14.91 -15.05
C SER B 140 -24.61 -15.85 -13.89
N HIS B 141 -24.38 -15.31 -12.70
CA HIS B 141 -24.08 -16.09 -11.51
C HIS B 141 -25.22 -15.91 -10.51
N SER B 142 -26.22 -16.77 -10.59
CA SER B 142 -27.39 -16.70 -9.73
C SER B 142 -27.35 -17.87 -8.75
N GLY B 143 -26.67 -17.67 -7.63
CA GLY B 143 -26.56 -18.69 -6.62
C GLY B 143 -25.64 -18.30 -5.49
N PRO B 144 -25.53 -19.16 -4.47
CA PRO B 144 -24.72 -18.84 -3.31
C PRO B 144 -23.23 -19.09 -3.50
N SER B 145 -22.63 -18.55 -4.56
CA SER B 145 -21.23 -18.80 -4.82
C SER B 145 -20.42 -17.51 -4.74
N VAL B 146 -20.86 -16.48 -5.45
CA VAL B 146 -20.18 -15.18 -5.38
C VAL B 146 -20.37 -14.55 -4.01
N ASP B 147 -21.54 -14.75 -3.41
CA ASP B 147 -21.82 -14.22 -2.07
C ASP B 147 -20.92 -14.84 -1.02
N LEU B 148 -20.70 -16.15 -1.09
CA LEU B 148 -19.82 -16.81 -0.14
C LEU B 148 -18.35 -16.59 -0.45
N ALA B 149 -18.03 -16.10 -1.65
CA ALA B 149 -16.65 -15.75 -1.98
C ALA B 149 -16.30 -14.32 -1.61
N ILE B 150 -17.29 -13.41 -1.57
CA ILE B 150 -17.01 -12.07 -1.09
C ILE B 150 -17.19 -11.95 0.42
N PHE B 151 -17.62 -13.02 1.09
CA PHE B 151 -17.53 -13.10 2.54
C PHE B 151 -16.22 -13.70 3.02
N ALA B 152 -15.42 -14.26 2.11
CA ALA B 152 -14.07 -14.68 2.43
C ALA B 152 -13.06 -13.56 2.26
N LEU B 153 -13.45 -12.44 1.66
CA LEU B 153 -12.60 -11.26 1.56
C LEU B 153 -12.92 -10.23 2.61
N HIS B 154 -13.90 -10.49 3.47
CA HIS B 154 -14.18 -9.67 4.65
C HIS B 154 -13.40 -10.12 5.87
N LEU B 155 -13.37 -11.43 6.12
CA LEU B 155 -12.70 -11.98 7.29
C LEU B 155 -11.19 -11.78 7.21
N THR B 156 -10.62 -11.97 6.01
CA THR B 156 -9.21 -11.70 5.79
C THR B 156 -8.89 -10.22 5.98
N SER B 157 -9.81 -9.34 5.56
CA SER B 157 -9.64 -7.91 5.75
C SER B 157 -9.63 -7.53 7.22
N ILE B 158 -10.54 -8.11 8.01
CA ILE B 158 -10.59 -7.86 9.44
C ILE B 158 -9.32 -8.36 10.12
N SER B 159 -8.84 -9.55 9.73
CA SER B 159 -7.62 -10.11 10.28
C SER B 159 -6.40 -9.24 9.97
N SER B 160 -6.31 -8.74 8.73
CA SER B 160 -5.16 -7.92 8.34
C SER B 160 -5.19 -6.56 9.04
N LEU B 161 -6.38 -5.97 9.20
CA LEU B 161 -6.50 -4.70 9.90
C LEU B 161 -6.11 -4.84 11.37
N LEU B 162 -6.59 -5.90 12.02
CA LEU B 162 -6.28 -6.13 13.43
C LEU B 162 -4.81 -6.49 13.64
N GLY B 163 -4.18 -7.14 12.66
CA GLY B 163 -2.74 -7.36 12.76
C GLY B 163 -1.92 -6.10 12.56
N ALA B 164 -2.35 -5.25 11.62
CA ALA B 164 -1.60 -4.04 11.30
C ALA B 164 -1.63 -3.03 12.44
N ILE B 165 -2.78 -2.90 13.11
CA ILE B 165 -2.88 -2.01 14.26
C ILE B 165 -2.01 -2.50 15.41
N ASN B 166 -1.93 -3.82 15.59
CA ASN B 166 -1.04 -4.41 16.57
C ASN B 166 0.43 -4.13 16.26
N PHE B 167 0.81 -4.27 14.98
CA PHE B 167 2.21 -4.02 14.58
C PHE B 167 2.60 -2.56 14.75
N ILE B 168 1.68 -1.63 14.44
CA ILE B 168 2.01 -0.22 14.61
C ILE B 168 2.07 0.16 16.09
N THR B 169 1.12 -0.33 16.90
CA THR B 169 1.08 -0.01 18.32
C THR B 169 2.23 -0.62 19.11
N THR B 170 2.72 -1.79 18.71
CA THR B 170 3.84 -2.42 19.40
C THR B 170 5.17 -1.70 19.21
N THR B 171 5.50 -1.31 17.98
CA THR B 171 6.82 -0.72 17.72
C THR B 171 6.93 0.71 18.21
N LEU B 172 5.83 1.34 18.64
CA LEU B 172 5.91 2.73 19.09
C LEU B 172 6.32 2.83 20.54
N ASN B 173 5.77 1.99 21.42
CA ASN B 173 6.03 2.13 22.85
C ASN B 173 6.55 0.88 23.54
N MET B 174 6.88 -0.18 22.81
CA MET B 174 7.39 -1.41 23.42
C MET B 174 8.79 -1.75 22.95
N ARG B 175 9.67 -0.75 22.92
CA ARG B 175 11.06 -0.97 22.58
C ARG B 175 11.89 -1.07 23.85
N THR B 176 13.18 -1.36 23.68
CA THR B 176 14.08 -1.50 24.81
C THR B 176 14.54 -0.13 25.30
N ILE B 177 15.55 -0.14 26.17
CA ILE B 177 15.93 1.05 26.90
C ILE B 177 16.67 2.04 25.99
N GLY B 178 17.52 1.54 25.11
CA GLY B 178 18.33 2.46 24.32
C GLY B 178 18.09 2.51 22.83
N MET B 179 16.87 2.25 22.37
CA MET B 179 16.54 2.32 20.94
C MET B 179 15.60 3.50 20.69
N THR B 180 16.08 4.47 19.92
CA THR B 180 15.21 5.43 19.29
C THR B 180 14.65 4.83 18.02
N MET B 181 13.71 5.53 17.38
CA MET B 181 13.23 5.09 16.07
C MET B 181 14.10 5.59 14.93
N SER B 182 15.41 5.44 15.06
CA SER B 182 16.35 5.59 13.96
C SER B 182 17.43 4.53 14.01
N LYS B 183 17.43 3.68 15.04
CA LYS B 183 18.33 2.55 15.17
C LYS B 183 17.62 1.22 14.95
N LEU B 184 16.38 1.27 14.49
CA LEU B 184 15.60 0.06 14.23
C LEU B 184 16.19 -0.70 13.05
N PRO B 185 16.06 -2.03 13.05
CA PRO B 185 16.43 -2.79 11.85
C PRO B 185 15.43 -2.57 10.73
N LEU B 186 15.83 -3.02 9.53
CA LEU B 186 15.09 -2.68 8.32
C LEU B 186 13.80 -3.51 8.19
N PHE B 187 13.77 -4.70 8.78
CA PHE B 187 12.56 -5.53 8.71
C PHE B 187 11.41 -4.91 9.48
N VAL B 188 11.71 -4.25 10.61
CA VAL B 188 10.69 -3.56 11.39
C VAL B 188 10.11 -2.40 10.59
N TRP B 189 10.97 -1.69 9.85
CA TRP B 189 10.49 -0.62 8.97
C TRP B 189 9.63 -1.15 7.83
N ALA B 190 9.98 -2.33 7.30
CA ALA B 190 9.17 -2.95 6.26
C ALA B 190 7.78 -3.32 6.78
N VAL B 191 7.72 -3.88 7.99
CA VAL B 191 6.43 -4.24 8.59
C VAL B 191 5.60 -3.01 8.92
N VAL B 192 6.25 -1.92 9.37
CA VAL B 192 5.53 -0.67 9.64
C VAL B 192 4.95 -0.07 8.36
N PHE B 193 5.76 -0.04 7.29
CA PHE B 193 5.29 0.58 6.05
C PHE B 193 4.27 -0.27 5.32
N THR B 194 4.25 -1.58 5.55
CA THR B 194 3.13 -2.35 5.00
C THR B 194 1.88 -2.24 5.89
N SER B 195 2.04 -2.02 7.19
CA SER B 195 0.91 -1.89 8.10
C SER B 195 0.19 -0.56 7.97
N ILE B 196 0.88 0.50 7.52
CA ILE B 196 0.18 1.75 7.22
C ILE B 196 -0.68 1.64 5.95
N LEU B 197 -0.19 0.98 4.90
CA LEU B 197 -0.99 0.75 3.70
C LEU B 197 -2.17 -0.17 3.98
N LEU B 198 -2.03 -1.12 4.91
CA LEU B 198 -3.16 -1.96 5.29
C LEU B 198 -4.27 -1.15 5.98
N LEU B 199 -3.91 -0.08 6.69
CA LEU B 199 -4.95 0.82 7.21
C LEU B 199 -5.56 1.65 6.10
N LEU B 200 -4.74 2.22 5.22
CA LEU B 200 -5.23 3.20 4.26
C LEU B 200 -5.86 2.59 3.01
N SER B 201 -5.82 1.27 2.84
CA SER B 201 -6.38 0.69 1.62
C SER B 201 -7.64 -0.15 1.80
N LEU B 202 -7.77 -0.89 2.91
CA LEU B 202 -8.83 -1.88 3.08
C LEU B 202 -10.26 -1.36 3.26
N PRO B 203 -10.53 -0.18 3.88
CA PRO B 203 -11.91 0.34 3.85
C PRO B 203 -12.52 0.53 2.46
N VAL B 204 -11.73 0.93 1.46
CA VAL B 204 -12.27 1.13 0.12
C VAL B 204 -12.70 -0.20 -0.50
N LEU B 205 -11.89 -1.25 -0.31
CA LEU B 205 -12.26 -2.59 -0.76
C LEU B 205 -13.51 -3.09 -0.05
N SER B 206 -13.60 -2.88 1.28
CA SER B 206 -14.76 -3.35 2.02
C SER B 206 -16.03 -2.63 1.58
N ALA B 207 -15.93 -1.32 1.31
CA ALA B 207 -17.06 -0.57 0.80
C ALA B 207 -17.50 -1.06 -0.58
N GLY B 208 -16.54 -1.26 -1.49
CA GLY B 208 -16.90 -1.70 -2.84
C GLY B 208 -17.51 -3.09 -2.88
N VAL B 209 -16.97 -4.01 -2.09
CA VAL B 209 -17.51 -5.37 -2.02
C VAL B 209 -18.90 -5.38 -1.39
N THR B 210 -19.12 -4.58 -0.33
CA THR B 210 -20.43 -4.52 0.29
C THR B 210 -21.47 -3.90 -0.63
N LEU B 211 -21.07 -2.89 -1.43
CA LEU B 211 -22.02 -2.30 -2.37
C LEU B 211 -22.32 -3.26 -3.51
N LEU B 212 -21.36 -4.09 -3.92
CA LEU B 212 -21.63 -5.14 -4.89
C LEU B 212 -22.63 -6.16 -4.33
N LEU B 213 -22.49 -6.51 -3.04
CA LEU B 213 -23.43 -7.42 -2.40
C LEU B 213 -24.84 -6.84 -2.36
N LEU B 214 -24.95 -5.56 -2.03
CA LEU B 214 -26.25 -4.90 -1.99
C LEU B 214 -26.85 -4.77 -3.39
N ASP B 215 -26.01 -4.63 -4.42
CA ASP B 215 -26.52 -4.64 -5.79
C ASP B 215 -27.02 -6.02 -6.19
N ARG B 216 -26.34 -7.08 -5.74
CA ARG B 216 -26.76 -8.43 -6.11
C ARG B 216 -28.06 -8.82 -5.46
N ASN B 217 -28.22 -8.56 -4.16
CA ASN B 217 -29.29 -9.20 -3.42
C ASN B 217 -30.35 -8.28 -2.82
N PHE B 218 -30.12 -6.97 -2.75
CA PHE B 218 -31.12 -6.05 -2.22
C PHE B 218 -31.60 -5.04 -3.26
N ASN B 219 -31.34 -5.32 -4.54
CA ASN B 219 -31.72 -4.55 -5.74
C ASN B 219 -31.56 -3.03 -5.58
N THR B 220 -30.32 -2.62 -5.34
CA THR B 220 -30.02 -1.23 -5.04
C THR B 220 -29.55 -0.42 -6.25
N SER B 221 -28.86 -1.06 -7.20
CA SER B 221 -28.37 -0.44 -8.45
C SER B 221 -27.38 0.70 -8.20
N PHE B 222 -26.27 0.38 -7.53
CA PHE B 222 -25.12 1.28 -7.55
C PHE B 222 -24.39 1.21 -8.89
N PHE B 223 -24.20 -0.02 -9.41
CA PHE B 223 -23.36 -0.24 -10.58
C PHE B 223 -24.14 -0.80 -11.76
N GLU B 224 -25.46 -0.62 -11.79
CA GLU B 224 -26.26 -1.06 -12.92
C GLU B 224 -26.69 0.14 -13.74
N PRO B 225 -26.46 0.13 -15.06
CA PRO B 225 -26.66 1.35 -15.85
C PRO B 225 -28.10 1.55 -16.33
N ALA B 226 -29.04 0.80 -15.76
CA ALA B 226 -30.45 1.01 -16.06
C ALA B 226 -31.16 1.79 -14.97
N GLY B 227 -30.41 2.28 -13.98
CA GLY B 227 -30.99 3.03 -12.88
C GLY B 227 -30.22 4.28 -12.55
N GLY B 228 -29.07 4.46 -13.16
CA GLY B 228 -28.31 5.68 -12.98
C GLY B 228 -26.92 5.50 -12.42
N GLY B 229 -26.33 4.30 -12.58
CA GLY B 229 -25.03 4.02 -12.07
C GLY B 229 -24.06 3.61 -13.17
N ASP B 230 -22.79 3.49 -12.80
CA ASP B 230 -21.75 3.06 -13.72
C ASP B 230 -20.95 1.92 -13.14
N PRO B 231 -20.62 0.90 -13.94
CA PRO B 231 -19.71 -0.15 -13.47
C PRO B 231 -18.31 0.35 -13.18
N ILE B 232 -17.87 1.39 -13.89
CA ILE B 232 -16.50 1.92 -13.81
C ILE B 232 -16.16 2.42 -12.42
N LEU B 233 -17.17 2.91 -11.67
CA LEU B 233 -16.99 3.30 -10.28
C LEU B 233 -16.41 2.17 -9.43
N TYR B 234 -16.93 0.94 -9.63
CA TYR B 234 -16.41 -0.22 -8.90
C TYR B 234 -14.93 -0.43 -9.19
N GLN B 235 -14.54 -0.21 -10.45
CA GLN B 235 -13.15 -0.38 -10.85
C GLN B 235 -12.25 0.58 -10.07
N HIS B 236 -12.71 1.84 -9.91
CA HIS B 236 -12.01 2.79 -9.05
C HIS B 236 -11.93 2.25 -7.64
N LEU B 237 -13.09 1.84 -7.11
CA LEU B 237 -13.17 1.34 -5.74
C LEU B 237 -12.53 -0.03 -5.60
N PHE B 238 -12.14 -0.68 -6.69
CA PHE B 238 -11.32 -1.86 -6.50
C PHE B 238 -9.84 -1.50 -6.54
N TRP B 239 -9.43 -0.68 -7.50
CA TRP B 239 -8.00 -0.62 -7.78
C TRP B 239 -7.28 0.29 -6.82
N PHE B 240 -8.01 1.14 -6.08
CA PHE B 240 -7.44 1.88 -4.97
C PHE B 240 -7.00 0.93 -3.85
N PHE B 241 -7.61 -0.26 -3.76
CA PHE B 241 -7.05 -1.30 -2.92
C PHE B 241 -5.95 -2.07 -3.65
N GLY B 242 -6.09 -2.21 -4.97
CA GLY B 242 -5.30 -3.19 -5.70
C GLY B 242 -3.82 -2.88 -5.78
N HIS B 243 -3.47 -1.63 -6.00
CA HIS B 243 -2.05 -1.30 -6.08
C HIS B 243 -1.31 -1.12 -4.76
N PRO B 244 -1.92 -0.62 -3.66
CA PRO B 244 -1.27 -0.84 -2.36
C PRO B 244 -1.03 -2.30 -2.04
N GLU B 245 -1.98 -3.17 -2.40
CA GLU B 245 -1.92 -4.60 -2.10
C GLU B 245 -0.66 -5.25 -2.65
N VAL B 246 -0.32 -4.94 -3.91
CA VAL B 246 0.84 -5.56 -4.53
C VAL B 246 2.16 -4.97 -4.05
N TYR B 247 2.14 -3.92 -3.23
CA TYR B 247 3.37 -3.58 -2.52
C TYR B 247 3.41 -4.21 -1.14
N ILE B 248 2.23 -4.49 -0.58
CA ILE B 248 2.13 -5.20 0.69
C ILE B 248 2.75 -6.59 0.57
N LEU B 249 2.62 -7.20 -0.62
CA LEU B 249 3.22 -8.50 -0.85
C LEU B 249 4.74 -8.45 -1.03
N ILE B 250 5.33 -7.28 -1.33
CA ILE B 250 6.73 -7.26 -1.76
C ILE B 250 7.65 -6.50 -0.79
N ILE B 251 7.12 -5.56 -0.01
CA ILE B 251 7.97 -4.82 0.94
C ILE B 251 8.55 -5.70 2.06
N PRO B 252 7.80 -6.62 2.70
CA PRO B 252 8.46 -7.54 3.66
C PRO B 252 9.48 -8.48 3.05
N GLY B 253 9.44 -8.73 1.74
CA GLY B 253 10.50 -9.49 1.11
C GLY B 253 11.82 -8.77 1.11
N PHE B 254 11.81 -7.47 0.76
CA PHE B 254 13.01 -6.66 0.56
C PHE B 254 13.92 -6.66 1.77
N GLY B 255 13.35 -6.40 2.95
CA GLY B 255 14.14 -6.35 4.18
C GLY B 255 14.81 -7.67 4.49
N ILE B 256 14.13 -8.79 4.18
CA ILE B 256 14.71 -10.12 4.40
C ILE B 256 15.99 -10.27 3.59
N ILE B 257 15.95 -9.83 2.33
CA ILE B 257 17.10 -9.92 1.45
C ILE B 257 18.26 -9.12 1.99
N SER B 258 17.94 -7.96 2.61
CA SER B 258 18.96 -7.09 3.18
C SER B 258 19.74 -7.80 4.26
N HIS B 259 19.02 -8.54 5.13
CA HIS B 259 19.68 -9.26 6.22
C HIS B 259 20.62 -10.32 5.67
N ILE B 260 20.19 -11.04 4.62
CA ILE B 260 21.05 -12.07 4.06
C ILE B 260 22.26 -11.44 3.39
N VAL B 261 22.05 -10.30 2.74
CA VAL B 261 23.15 -9.60 2.07
C VAL B 261 24.08 -9.00 3.12
N SER B 262 23.52 -8.65 4.28
CA SER B 262 24.37 -8.17 5.36
C SER B 262 25.09 -9.29 6.07
N THR B 263 24.63 -10.54 5.94
CA THR B 263 25.20 -11.59 6.78
C THR B 263 26.27 -12.39 6.05
N TYR B 264 25.87 -13.07 4.96
CA TYR B 264 26.78 -13.99 4.29
C TYR B 264 27.81 -13.27 3.44
N SER B 265 27.60 -11.98 3.17
CA SER B 265 28.65 -11.06 2.77
C SER B 265 28.88 -10.16 3.96
N LYS B 266 30.08 -10.22 4.54
CA LYS B 266 30.32 -9.68 5.89
C LYS B 266 30.55 -8.17 5.84
N LYS B 267 29.51 -7.45 5.43
CA LYS B 267 29.55 -6.01 5.31
C LYS B 267 28.21 -5.43 5.75
N PRO B 268 28.20 -4.25 6.36
CA PRO B 268 26.92 -3.59 6.64
C PRO B 268 26.30 -3.03 5.37
N VAL B 269 25.00 -2.75 5.46
CA VAL B 269 24.23 -2.34 4.29
C VAL B 269 24.58 -0.90 3.92
N PHE B 270 24.85 -0.68 2.64
CA PHE B 270 25.25 0.62 2.10
C PHE B 270 24.08 1.59 2.16
N GLY B 271 24.14 2.57 3.07
CA GLY B 271 23.12 3.60 3.13
C GLY B 271 21.77 3.16 3.64
N ALA B 272 21.67 2.87 4.94
CA ALA B 272 20.43 2.38 5.52
C ALA B 272 19.34 3.45 5.54
N ILE B 273 19.73 4.70 5.78
CA ILE B 273 18.76 5.81 5.83
C ILE B 273 18.16 6.05 4.45
N GLY B 274 18.98 5.92 3.41
CA GLY B 274 18.48 5.96 2.05
C GLY B 274 17.52 4.84 1.76
N MET B 275 17.74 3.67 2.37
CA MET B 275 16.85 2.54 2.14
C MET B 275 15.49 2.72 2.80
N VAL B 276 15.47 3.23 4.04
CA VAL B 276 14.18 3.45 4.69
C VAL B 276 13.43 4.61 4.02
N TYR B 277 14.14 5.64 3.54
CA TYR B 277 13.48 6.70 2.78
C TYR B 277 12.97 6.20 1.43
N ALA B 278 13.68 5.25 0.80
CA ALA B 278 13.22 4.67 -0.44
C ALA B 278 11.96 3.84 -0.24
N MET B 279 11.90 3.06 0.84
CA MET B 279 10.68 2.31 1.15
C MET B 279 9.51 3.24 1.44
N GLY B 280 9.78 4.36 2.12
CA GLY B 280 8.73 5.34 2.36
C GLY B 280 8.21 5.97 1.08
N SER B 281 9.12 6.27 0.14
CA SER B 281 8.70 6.85 -1.13
C SER B 281 7.91 5.85 -1.98
N ILE B 282 8.32 4.58 -1.98
CA ILE B 282 7.58 3.53 -2.69
C ILE B 282 6.19 3.34 -2.08
N GLY B 283 6.11 3.37 -0.75
CA GLY B 283 4.82 3.24 -0.09
C GLY B 283 3.90 4.42 -0.34
N PHE B 284 4.45 5.63 -0.44
CA PHE B 284 3.61 6.80 -0.69
C PHE B 284 3.16 6.88 -2.13
N LEU B 285 4.02 6.50 -3.08
CA LEU B 285 3.65 6.63 -4.49
C LEU B 285 2.93 5.40 -5.02
N GLY B 286 2.41 4.56 -4.13
CA GLY B 286 1.60 3.44 -4.55
C GLY B 286 0.13 3.75 -4.34
N LEU B 287 -0.14 4.89 -3.70
CA LEU B 287 -1.49 5.33 -3.45
C LEU B 287 -1.97 6.39 -4.42
N LEU B 288 -1.05 7.12 -5.03
CA LEU B 288 -1.39 8.17 -5.99
C LEU B 288 -1.51 7.67 -7.42
N VAL B 289 -1.29 6.38 -7.65
CA VAL B 289 -1.51 5.76 -8.95
C VAL B 289 -2.34 4.49 -8.76
N TRP B 290 -3.48 4.43 -9.46
CA TRP B 290 -4.29 3.22 -9.52
C TRP B 290 -4.92 2.96 -10.87
N SER B 291 -4.91 3.92 -11.78
CA SER B 291 -5.71 3.86 -13.00
C SER B 291 -4.92 3.36 -14.20
N HIS B 292 -3.69 2.92 -13.99
CA HIS B 292 -2.93 2.30 -15.07
C HIS B 292 -3.38 0.88 -15.34
N HIS B 293 -4.23 0.30 -14.48
CA HIS B 293 -4.92 -0.94 -14.80
C HIS B 293 -6.12 -0.70 -15.71
N MET B 294 -6.54 0.56 -15.88
CA MET B 294 -7.68 0.93 -16.71
C MET B 294 -7.32 2.08 -17.67
N TYR B 295 -6.72 1.71 -18.81
CA TYR B 295 -6.44 2.66 -19.88
C TYR B 295 -7.38 2.53 -21.07
N THR B 296 -8.10 1.42 -21.17
CA THR B 296 -8.96 1.15 -22.32
C THR B 296 -10.43 1.39 -22.00
N VAL B 297 -10.77 1.87 -20.80
CA VAL B 297 -12.16 2.06 -20.43
C VAL B 297 -12.77 3.33 -21.01
N GLY B 298 -11.96 4.23 -21.55
CA GLY B 298 -12.50 5.43 -22.14
C GLY B 298 -12.25 6.68 -21.33
N LEU B 299 -11.06 6.79 -20.74
CA LEU B 299 -10.71 7.97 -19.97
C LEU B 299 -10.39 9.15 -20.89
N ASP B 300 -10.08 10.28 -20.26
CA ASP B 300 -9.71 11.49 -20.98
C ASP B 300 -8.32 11.36 -21.57
N VAL B 301 -7.92 12.34 -22.39
CA VAL B 301 -6.58 12.34 -22.96
C VAL B 301 -5.59 13.05 -22.05
N ASP B 302 -6.08 13.91 -21.15
CA ASP B 302 -5.24 14.60 -20.19
C ASP B 302 -5.11 13.83 -18.87
N SER B 303 -5.82 12.72 -18.71
CA SER B 303 -5.70 11.89 -17.53
C SER B 303 -4.76 10.71 -17.72
N ARG B 304 -4.64 10.21 -18.95
CA ARG B 304 -3.63 9.20 -19.24
C ARG B 304 -2.23 9.77 -19.11
N ALA B 305 -2.05 11.04 -19.47
CA ALA B 305 -0.74 11.66 -19.41
C ALA B 305 -0.27 11.87 -17.97
N TYR B 306 -1.21 12.04 -17.03
CA TYR B 306 -0.83 12.10 -15.63
C TYR B 306 -0.39 10.74 -15.12
N PHE B 307 -1.11 9.69 -15.49
CA PHE B 307 -0.84 8.36 -14.96
C PHE B 307 0.31 7.66 -15.66
N THR B 308 0.75 8.14 -16.82
CA THR B 308 2.03 7.69 -17.35
C THR B 308 3.19 8.38 -16.63
N SER B 309 2.99 9.62 -16.20
CA SER B 309 4.04 10.36 -15.51
C SER B 309 4.22 9.87 -14.08
N ALA B 310 3.12 9.56 -13.40
CA ALA B 310 3.19 9.16 -12.00
C ALA B 310 3.51 7.68 -11.81
N THR B 311 3.68 6.92 -12.90
CA THR B 311 3.94 5.50 -12.76
C THR B 311 5.43 5.20 -12.96
N MET B 312 6.07 5.88 -13.91
CA MET B 312 7.49 5.71 -14.18
C MET B 312 8.38 6.33 -13.10
N VAL B 313 7.82 7.15 -12.22
CA VAL B 313 8.60 7.77 -11.14
C VAL B 313 9.02 6.73 -10.11
N ILE B 314 8.22 5.67 -9.93
CA ILE B 314 8.50 4.63 -8.95
C ILE B 314 9.76 3.82 -9.28
N ALA B 315 10.26 3.93 -10.51
CA ALA B 315 11.52 3.29 -10.87
C ALA B 315 12.71 3.91 -10.15
N VAL B 316 12.64 5.19 -9.82
CA VAL B 316 13.73 5.92 -9.16
C VAL B 316 14.00 5.42 -7.73
N PRO B 317 13.02 5.19 -6.83
CA PRO B 317 13.40 4.66 -5.51
C PRO B 317 13.83 3.21 -5.51
N THR B 318 13.31 2.38 -6.41
CA THR B 318 13.67 0.96 -6.41
C THR B 318 15.11 0.75 -6.89
N GLY B 319 15.57 1.60 -7.81
CA GLY B 319 16.94 1.53 -8.27
C GLY B 319 17.95 1.83 -7.19
N ILE B 320 17.58 2.69 -6.23
CA ILE B 320 18.43 2.96 -5.07
C ILE B 320 18.64 1.71 -4.25
N LYS B 321 17.57 0.94 -4.01
CA LYS B 321 17.67 -0.30 -3.26
C LYS B 321 18.49 -1.35 -3.99
N ILE B 322 18.29 -1.48 -5.31
CA ILE B 322 19.03 -2.48 -6.09
C ILE B 322 20.52 -2.15 -6.12
N PHE B 323 20.85 -0.88 -6.40
CA PHE B 323 22.25 -0.50 -6.48
C PHE B 323 22.92 -0.48 -5.11
N SER B 324 22.15 -0.25 -4.04
CA SER B 324 22.72 -0.35 -2.71
C SER B 324 22.99 -1.79 -2.32
N TRP B 325 22.16 -2.73 -2.78
CA TRP B 325 22.45 -4.15 -2.58
C TRP B 325 23.70 -4.57 -3.34
N LEU B 326 23.89 -4.05 -4.56
CA LEU B 326 25.13 -4.32 -5.29
C LEU B 326 26.35 -3.72 -4.58
N ALA B 327 26.22 -2.50 -4.06
CA ALA B 327 27.33 -1.89 -3.33
C ALA B 327 27.63 -2.62 -2.02
N THR B 328 26.62 -3.22 -1.41
CA THR B 328 26.87 -4.03 -0.21
C THR B 328 27.57 -5.33 -0.56
N LEU B 329 27.18 -5.98 -1.66
CA LEU B 329 27.83 -7.23 -2.07
C LEU B 329 29.17 -7.02 -2.75
N TYR B 330 29.54 -5.77 -3.06
CA TYR B 330 30.74 -5.53 -3.86
C TYR B 330 32.02 -5.89 -3.11
N GLY B 331 32.32 -5.19 -2.03
CA GLY B 331 33.64 -5.29 -1.43
C GLY B 331 33.95 -6.54 -0.63
N GLY B 332 32.93 -7.16 -0.04
CA GLY B 332 33.14 -8.16 0.99
C GLY B 332 33.37 -9.56 0.46
N SER B 333 33.50 -10.49 1.40
CA SER B 333 33.70 -11.90 1.10
C SER B 333 32.36 -12.62 1.01
N ILE B 334 32.20 -13.43 -0.03
CA ILE B 334 30.93 -14.08 -0.33
C ILE B 334 31.11 -15.59 -0.29
N ARG B 335 30.33 -16.25 0.57
CA ARG B 335 30.25 -17.70 0.61
C ARG B 335 28.85 -18.11 0.18
N TYR B 336 28.77 -19.08 -0.72
CA TYR B 336 27.50 -19.40 -1.38
C TYR B 336 26.80 -20.52 -0.62
N THR B 337 26.02 -20.13 0.37
CA THR B 337 25.13 -21.02 1.09
C THR B 337 23.71 -20.88 0.53
N THR B 338 22.82 -21.74 1.00
CA THR B 338 21.48 -21.81 0.42
C THR B 338 20.56 -20.60 0.64
N PRO B 339 20.73 -19.71 1.65
CA PRO B 339 20.01 -18.44 1.54
C PRO B 339 20.57 -17.48 0.49
N MET B 340 21.90 -17.42 0.33
CA MET B 340 22.47 -16.47 -0.63
C MET B 340 22.24 -16.90 -2.08
N LEU B 341 21.97 -18.17 -2.35
CA LEU B 341 21.56 -18.58 -3.70
C LEU B 341 20.22 -17.95 -4.07
N TYR B 342 19.25 -18.02 -3.15
CA TYR B 342 17.96 -17.37 -3.39
C TYR B 342 18.08 -15.86 -3.37
N ALA B 343 19.04 -15.32 -2.61
CA ALA B 343 19.28 -13.89 -2.62
C ALA B 343 19.83 -13.42 -3.98
N PHE B 344 20.80 -14.15 -4.54
CA PHE B 344 21.34 -13.85 -5.85
C PHE B 344 20.34 -14.07 -6.98
N ALA B 345 19.40 -15.01 -6.82
CA ALA B 345 18.39 -15.23 -7.84
C ALA B 345 17.22 -14.28 -7.73
N PHE B 346 17.23 -13.38 -6.74
CA PHE B 346 16.20 -12.37 -6.56
C PHE B 346 16.59 -11.01 -7.13
N LEU B 347 17.87 -10.66 -7.07
CA LEU B 347 18.33 -9.38 -7.61
C LEU B 347 18.34 -9.34 -9.14
N PHE B 348 18.31 -10.49 -9.81
CA PHE B 348 18.30 -10.50 -11.27
C PHE B 348 16.90 -10.65 -11.84
N LEU B 349 16.04 -11.44 -11.19
CA LEU B 349 14.74 -11.75 -11.79
C LEU B 349 13.69 -10.70 -11.45
N PHE B 350 13.83 -10.04 -10.30
CA PHE B 350 12.99 -8.88 -10.01
C PHE B 350 13.26 -7.74 -10.98
N THR B 351 14.54 -7.57 -11.39
CA THR B 351 14.87 -6.55 -12.38
C THR B 351 14.26 -6.87 -13.74
N VAL B 352 14.32 -8.13 -14.16
CA VAL B 352 13.77 -8.53 -15.45
C VAL B 352 12.25 -8.40 -15.45
N GLY B 353 11.60 -8.84 -14.37
CA GLY B 353 10.16 -8.71 -14.29
C GLY B 353 9.68 -7.29 -14.05
N GLY B 354 10.54 -6.43 -13.54
CA GLY B 354 10.15 -5.05 -13.27
C GLY B 354 10.42 -4.10 -14.41
N LEU B 355 11.37 -4.45 -15.29
CA LEU B 355 11.60 -3.64 -16.48
C LEU B 355 10.47 -3.76 -17.48
N SER B 356 9.68 -4.84 -17.41
CA SER B 356 8.50 -4.96 -18.25
C SER B 356 7.40 -4.00 -17.81
N GLY B 357 7.42 -3.57 -16.56
CA GLY B 357 6.43 -2.64 -16.05
C GLY B 357 6.56 -1.24 -16.62
N VAL B 358 7.75 -0.86 -17.07
CA VAL B 358 7.94 0.44 -17.73
C VAL B 358 7.34 0.45 -19.14
N VAL B 359 7.40 -0.68 -19.85
CA VAL B 359 6.77 -0.82 -21.16
C VAL B 359 5.26 -0.76 -21.07
N LEU B 360 4.67 -1.31 -20.01
CA LEU B 360 3.23 -1.31 -19.84
C LEU B 360 2.71 -0.02 -19.23
N SER B 361 3.57 0.87 -18.74
CA SER B 361 3.11 2.09 -18.09
C SER B 361 2.60 3.12 -19.08
N ASN B 362 3.09 3.09 -20.31
CA ASN B 362 2.65 4.03 -21.32
C ASN B 362 1.24 3.71 -21.81
N ALA B 363 0.42 4.75 -21.97
CA ALA B 363 -0.94 4.57 -22.45
C ALA B 363 -0.99 4.26 -23.92
N SER B 364 0.02 4.70 -24.69
CA SER B 364 0.07 4.36 -26.10
C SER B 364 0.43 2.89 -26.32
N LEU B 365 1.34 2.34 -25.50
CA LEU B 365 1.75 0.96 -25.62
C LEU B 365 0.82 -0.02 -24.95
N ASP B 366 -0.07 0.45 -24.05
CA ASP B 366 -0.97 -0.45 -23.36
C ASP B 366 -2.12 -0.89 -24.27
N ILE B 367 -2.33 -0.20 -25.39
CA ILE B 367 -3.31 -0.59 -26.39
C ILE B 367 -2.93 -1.91 -27.06
N ALA B 368 -1.67 -2.28 -27.06
CA ALA B 368 -1.24 -3.55 -27.64
C ALA B 368 -1.06 -4.66 -26.62
N PHE B 369 -1.02 -4.36 -25.32
CA PHE B 369 -0.70 -5.36 -24.31
C PHE B 369 -1.80 -5.62 -23.30
N HIS B 370 -2.92 -4.91 -23.35
CA HIS B 370 -3.94 -5.07 -22.32
C HIS B 370 -4.77 -6.33 -22.57
N ASP B 371 -5.05 -7.04 -21.48
CA ASP B 371 -5.72 -8.36 -21.47
C ASP B 371 -5.01 -9.33 -22.41
N THR B 372 -3.71 -9.45 -22.21
CA THR B 372 -2.83 -10.24 -23.07
C THR B 372 -1.85 -10.94 -22.13
N TYR B 373 -1.23 -12.01 -22.59
CA TYR B 373 -0.36 -12.82 -21.72
C TYR B 373 0.96 -12.14 -21.37
N TYR B 374 1.28 -10.98 -21.98
CA TYR B 374 2.42 -10.18 -21.55
C TYR B 374 2.27 -9.71 -20.12
N VAL B 375 1.04 -9.36 -19.72
CA VAL B 375 0.79 -8.94 -18.35
C VAL B 375 1.03 -10.08 -17.38
N ILE B 376 0.57 -11.29 -17.75
CA ILE B 376 0.76 -12.49 -16.94
C ILE B 376 2.23 -12.83 -16.79
N GLY B 377 2.99 -12.76 -17.90
CA GLY B 377 4.42 -12.95 -17.83
C GLY B 377 5.15 -11.87 -17.06
N HIS B 378 4.59 -10.65 -17.04
CA HIS B 378 5.17 -9.59 -16.24
C HIS B 378 5.02 -9.86 -14.75
N PHE B 379 3.81 -10.22 -14.31
CA PHE B 379 3.62 -10.28 -12.87
C PHE B 379 3.95 -11.65 -12.28
N HIS B 380 4.22 -12.66 -13.11
CA HIS B 380 4.69 -13.92 -12.55
C HIS B 380 6.19 -13.93 -12.30
N TYR B 381 6.95 -13.14 -13.07
CA TYR B 381 8.37 -12.97 -12.77
C TYR B 381 8.59 -12.20 -11.47
N VAL B 382 7.58 -11.44 -11.04
CA VAL B 382 7.74 -10.68 -9.81
C VAL B 382 7.03 -11.34 -8.64
N LEU B 383 5.94 -12.06 -8.87
CA LEU B 383 5.23 -12.69 -7.76
C LEU B 383 5.85 -14.05 -7.41
N SER B 384 5.98 -14.92 -8.41
CA SER B 384 6.52 -16.25 -8.15
C SER B 384 8.02 -16.25 -7.95
N LEU B 385 8.74 -15.34 -8.62
CA LEU B 385 10.20 -15.27 -8.51
C LEU B 385 10.71 -14.13 -7.64
N GLY B 386 9.82 -13.32 -7.09
CA GLY B 386 10.26 -12.28 -6.16
C GLY B 386 9.81 -12.47 -4.73
N ALA B 387 8.60 -12.97 -4.54
CA ALA B 387 8.06 -13.14 -3.19
C ALA B 387 8.29 -14.54 -2.65
N VAL B 388 8.04 -15.56 -3.47
CA VAL B 388 8.22 -16.95 -3.03
C VAL B 388 9.70 -17.25 -2.81
N PHE B 389 10.59 -16.66 -3.61
CA PHE B 389 12.02 -16.81 -3.39
C PHE B 389 12.46 -16.17 -2.09
N SER B 390 11.91 -14.99 -1.77
CA SER B 390 12.18 -14.36 -0.48
C SER B 390 11.65 -15.20 0.68
N LEU B 391 10.50 -15.85 0.50
CA LEU B 391 9.95 -16.71 1.53
C LEU B 391 10.83 -17.94 1.77
N PHE B 392 11.32 -18.56 0.69
CA PHE B 392 12.21 -19.71 0.83
C PHE B 392 13.53 -19.32 1.45
N ALA B 393 14.06 -18.15 1.08
CA ALA B 393 15.30 -17.66 1.67
C ALA B 393 15.13 -17.37 3.17
N GLY B 394 13.99 -16.79 3.54
CA GLY B 394 13.71 -16.54 4.95
C GLY B 394 13.55 -17.82 5.75
N TYR B 395 12.91 -18.84 5.15
CA TYR B 395 12.80 -20.13 5.82
C TYR B 395 14.15 -20.78 6.03
N TYR B 396 14.96 -20.85 4.99
CA TYR B 396 16.28 -21.48 5.11
C TYR B 396 17.25 -20.63 5.93
N TYR B 397 16.95 -19.36 6.16
CA TYR B 397 17.75 -18.54 7.05
C TYR B 397 17.37 -18.75 8.51
N TRP B 398 16.09 -18.62 8.84
CA TRP B 398 15.66 -18.58 10.24
C TRP B 398 15.13 -19.89 10.78
N SER B 399 15.08 -20.97 10.00
CA SER B 399 14.53 -22.21 10.54
C SER B 399 15.43 -22.96 11.54
N PRO B 400 16.77 -23.04 11.38
CA PRO B 400 17.57 -23.60 12.48
C PRO B 400 17.49 -22.85 13.81
N LEU B 401 17.29 -21.54 13.78
CA LEU B 401 17.18 -20.79 15.03
C LEU B 401 15.86 -21.06 15.73
N ILE B 402 14.75 -21.04 14.97
CA ILE B 402 13.43 -21.27 15.55
C ILE B 402 13.28 -22.71 15.99
N THR B 403 13.62 -23.66 15.12
CA THR B 403 13.31 -25.06 15.36
C THR B 403 14.37 -25.76 16.19
N GLY B 404 15.65 -25.49 15.93
CA GLY B 404 16.73 -26.19 16.60
C GLY B 404 17.21 -27.41 15.87
N LEU B 405 16.70 -27.67 14.68
CA LEU B 405 17.05 -28.84 13.88
C LEU B 405 17.53 -28.37 12.52
N TYR B 406 18.66 -28.91 12.07
CA TYR B 406 19.29 -28.51 10.82
C TYR B 406 18.79 -29.38 9.66
N TYR B 407 19.25 -29.05 8.46
CA TYR B 407 18.73 -29.64 7.24
C TYR B 407 19.88 -30.04 6.32
N ASN B 408 19.58 -30.95 5.39
CA ASN B 408 20.57 -31.36 4.40
C ASN B 408 20.76 -30.27 3.36
N ASN B 409 22.02 -29.92 3.09
CA ASN B 409 22.34 -28.84 2.17
C ASN B 409 22.12 -29.22 0.72
N ASN B 410 22.51 -30.45 0.35
CA ASN B 410 22.50 -30.89 -1.04
C ASN B 410 21.10 -30.95 -1.62
N LEU B 411 20.15 -31.48 -0.87
CA LEU B 411 18.76 -31.55 -1.31
C LEU B 411 18.12 -30.17 -1.44
N ALA B 412 18.50 -29.23 -0.57
CA ALA B 412 18.04 -27.85 -0.70
C ALA B 412 18.58 -27.21 -1.97
N ASN B 413 19.85 -27.47 -2.31
CA ASN B 413 20.40 -26.95 -3.56
C ASN B 413 19.72 -27.55 -4.79
N ILE B 414 19.41 -28.85 -4.75
CA ILE B 414 18.70 -29.49 -5.85
C ILE B 414 17.30 -28.89 -6.02
N GLN B 415 16.63 -28.61 -4.90
CA GLN B 415 15.33 -27.94 -4.93
C GLN B 415 15.42 -26.56 -5.54
N PHE B 416 16.45 -25.79 -5.18
CA PHE B 416 16.62 -24.44 -5.71
C PHE B 416 16.85 -24.46 -7.22
N TRP B 417 17.70 -25.37 -7.69
CA TRP B 417 17.98 -25.41 -9.13
C TRP B 417 16.77 -25.91 -9.93
N LEU B 418 15.98 -26.83 -9.36
CA LEU B 418 14.77 -27.27 -10.04
C LEU B 418 13.73 -26.16 -10.13
N LEU B 419 13.55 -25.39 -9.04
CA LEU B 419 12.68 -24.21 -9.09
C LEU B 419 13.11 -23.21 -10.14
N PHE B 420 14.42 -22.89 -10.16
CA PHE B 420 14.99 -21.94 -11.11
C PHE B 420 14.73 -22.34 -12.56
N ILE B 421 15.08 -23.59 -12.90
CA ILE B 421 14.96 -24.07 -14.28
C ILE B 421 13.50 -24.17 -14.70
N GLY B 422 12.65 -24.77 -13.86
CA GLY B 422 11.26 -24.97 -14.25
C GLY B 422 10.48 -23.66 -14.34
N THR B 423 10.73 -22.74 -13.42
CA THR B 423 9.99 -21.49 -13.44
C THR B 423 10.48 -20.57 -14.55
N ASN B 424 11.76 -20.63 -14.91
CA ASN B 424 12.22 -19.86 -16.07
C ASN B 424 11.76 -20.46 -17.39
N VAL B 425 11.54 -21.77 -17.46
CA VAL B 425 10.91 -22.36 -18.63
C VAL B 425 9.43 -22.00 -18.73
N THR B 426 8.70 -21.96 -17.62
CA THR B 426 7.26 -21.74 -17.62
C THR B 426 6.84 -20.34 -18.09
N PHE B 427 7.41 -19.28 -17.51
CA PHE B 427 6.86 -17.94 -17.71
C PHE B 427 7.58 -17.10 -18.75
N PHE B 428 8.60 -17.62 -19.42
CA PHE B 428 9.23 -16.83 -20.46
C PHE B 428 8.54 -16.85 -21.84
N PRO B 429 8.03 -17.97 -22.38
CA PRO B 429 7.31 -17.85 -23.66
C PRO B 429 5.96 -17.16 -23.59
N MET B 430 5.46 -16.83 -22.39
CA MET B 430 4.27 -16.00 -22.27
C MET B 430 4.49 -14.60 -22.84
N HIS B 431 5.72 -14.09 -22.82
CA HIS B 431 6.03 -12.83 -23.49
C HIS B 431 5.84 -12.94 -24.99
N PHE B 432 6.28 -14.05 -25.59
CA PHE B 432 6.12 -14.25 -27.03
C PHE B 432 4.66 -14.43 -27.41
N LEU B 433 3.92 -15.19 -26.61
CA LEU B 433 2.48 -15.35 -26.86
C LEU B 433 1.74 -14.03 -26.69
N GLY B 434 2.19 -13.19 -25.77
CA GLY B 434 1.60 -11.87 -25.62
C GLY B 434 1.91 -10.94 -26.78
N LEU B 435 3.15 -10.98 -27.28
CA LEU B 435 3.52 -10.12 -28.40
C LEU B 435 2.86 -10.56 -29.70
N ASN B 436 2.52 -11.84 -29.81
CA ASN B 436 1.86 -12.29 -31.03
C ASN B 436 0.34 -12.05 -30.95
N GLY B 437 -0.22 -11.95 -29.75
CA GLY B 437 -1.62 -11.56 -29.63
C GLY B 437 -2.59 -12.54 -29.00
N MET B 438 -2.16 -13.28 -27.99
CA MET B 438 -3.04 -14.23 -27.31
C MET B 438 -3.74 -13.57 -26.13
N PRO B 439 -5.06 -13.58 -26.08
CA PRO B 439 -5.78 -12.92 -24.97
C PRO B 439 -5.75 -13.76 -23.70
N ARG B 440 -6.23 -13.14 -22.62
CA ARG B 440 -6.26 -13.76 -21.31
C ARG B 440 -7.59 -14.48 -21.07
N ARG B 441 -7.54 -15.43 -20.13
CA ARG B 441 -8.72 -16.14 -19.60
C ARG B 441 -9.48 -16.90 -20.67
N ILE B 442 -8.77 -17.64 -21.53
CA ILE B 442 -9.36 -18.45 -22.57
C ILE B 442 -8.93 -19.90 -22.37
N PRO B 443 -9.85 -20.86 -22.34
CA PRO B 443 -9.47 -22.27 -22.32
C PRO B 443 -8.93 -22.77 -23.64
N ASP B 444 -9.60 -22.44 -24.74
CA ASP B 444 -9.22 -22.90 -26.06
C ASP B 444 -8.72 -21.73 -26.90
N TYR B 445 -7.74 -22.01 -27.75
CA TYR B 445 -7.05 -20.98 -28.51
C TYR B 445 -6.90 -21.43 -29.95
N PRO B 446 -6.66 -20.50 -30.88
CA PRO B 446 -6.33 -20.91 -32.26
C PRO B 446 -5.04 -21.72 -32.32
N ASP B 447 -4.90 -22.48 -33.42
CA ASP B 447 -3.84 -23.47 -33.54
C ASP B 447 -2.45 -22.86 -33.66
N ALA B 448 -2.34 -21.57 -33.92
CA ALA B 448 -1.04 -20.93 -34.00
C ALA B 448 -0.35 -20.81 -32.65
N PHE B 449 -1.10 -20.77 -31.55
CA PHE B 449 -0.52 -20.62 -30.22
C PHE B 449 -0.15 -21.94 -29.57
N ALA B 450 0.05 -22.99 -30.37
CA ALA B 450 0.22 -24.33 -29.80
C ALA B 450 1.62 -24.53 -29.20
N GLY B 451 2.65 -24.19 -29.98
CA GLY B 451 4.00 -24.69 -29.70
C GLY B 451 4.58 -24.20 -28.39
N TRP B 452 4.47 -22.91 -28.11
CA TRP B 452 4.94 -22.37 -26.84
C TRP B 452 4.11 -22.91 -25.68
N ASN B 453 2.84 -23.22 -25.92
CA ASN B 453 2.02 -23.82 -24.87
C ASN B 453 2.45 -25.25 -24.57
N ALA B 454 3.17 -25.87 -25.50
CA ALA B 454 3.79 -27.15 -25.20
C ALA B 454 5.00 -27.02 -24.29
N ILE B 455 5.66 -25.86 -24.27
CA ILE B 455 6.89 -25.70 -23.49
C ILE B 455 6.57 -25.20 -22.09
N SER B 456 5.60 -24.30 -21.96
CA SER B 456 5.19 -23.78 -20.66
C SER B 456 4.40 -24.79 -19.84
N SER B 457 3.98 -25.91 -20.44
CA SER B 457 3.38 -27.01 -19.71
C SER B 457 4.42 -28.00 -19.19
N PHE B 458 5.69 -27.80 -19.53
CA PHE B 458 6.77 -28.71 -19.15
C PHE B 458 7.46 -28.23 -17.87
N GLY B 459 7.53 -26.92 -17.66
CA GLY B 459 8.19 -26.40 -16.48
C GLY B 459 7.39 -26.57 -15.20
N SER B 460 6.06 -26.63 -15.31
CA SER B 460 5.21 -26.82 -14.14
C SER B 460 5.43 -28.19 -13.51
N LEU B 461 5.60 -29.22 -14.34
CA LEU B 461 5.93 -30.55 -13.85
C LEU B 461 7.34 -30.63 -13.25
N ILE B 462 8.23 -29.72 -13.64
CA ILE B 462 9.50 -29.58 -12.94
C ILE B 462 9.33 -28.92 -11.58
N SER B 463 8.48 -27.90 -11.47
CA SER B 463 8.32 -27.19 -10.20
C SER B 463 7.57 -28.00 -9.14
N ILE B 464 6.61 -28.84 -9.56
CA ILE B 464 5.89 -29.68 -8.59
C ILE B 464 6.83 -30.72 -7.96
N ILE B 465 7.77 -31.24 -8.75
CA ILE B 465 8.80 -32.14 -8.23
C ILE B 465 9.68 -31.43 -7.21
N SER B 466 9.96 -30.15 -7.42
CA SER B 466 10.71 -29.36 -6.45
C SER B 466 9.92 -29.16 -5.16
N VAL B 467 8.59 -29.01 -5.27
CA VAL B 467 7.75 -28.90 -4.07
C VAL B 467 7.77 -30.21 -3.27
N ILE B 468 7.71 -31.34 -3.96
CA ILE B 468 7.78 -32.65 -3.29
C ILE B 468 9.14 -32.86 -2.62
N LEU B 469 10.21 -32.42 -3.30
CA LEU B 469 11.54 -32.48 -2.69
C LEU B 469 11.66 -31.56 -1.49
N PHE B 470 10.97 -30.41 -1.52
CA PHE B 470 10.92 -29.53 -0.34
C PHE B 470 10.22 -30.20 0.83
N ALA B 471 9.17 -30.97 0.55
CA ALA B 471 8.50 -31.76 1.58
C ALA B 471 9.45 -32.79 2.19
N TYR B 472 10.25 -33.45 1.35
CA TYR B 472 11.24 -34.38 1.88
C TYR B 472 12.35 -33.68 2.65
N VAL B 473 12.69 -32.44 2.28
CA VAL B 473 13.68 -31.67 3.03
C VAL B 473 13.16 -31.34 4.43
N ILE B 474 11.87 -31.00 4.53
CA ILE B 474 11.27 -30.76 5.85
C ILE B 474 11.24 -32.04 6.68
N TYR B 475 10.93 -33.18 6.05
CA TYR B 475 10.92 -34.46 6.77
C TYR B 475 12.32 -34.85 7.24
N ASP B 476 13.34 -34.61 6.42
CA ASP B 476 14.72 -34.87 6.84
C ASP B 476 15.23 -33.86 7.85
N GLN B 477 14.59 -32.68 7.93
CA GLN B 477 14.92 -31.74 8.99
C GLN B 477 14.37 -32.19 10.33
N LEU B 478 13.12 -32.68 10.33
CA LEU B 478 12.48 -33.01 11.60
C LEU B 478 13.02 -34.30 12.21
N VAL B 479 13.25 -35.32 11.39
CA VAL B 479 13.82 -36.59 11.84
C VAL B 479 15.31 -36.55 11.58
N ASN B 480 16.11 -36.98 12.56
CA ASN B 480 17.59 -37.02 12.55
C ASN B 480 18.24 -35.67 12.22
N GLY B 481 17.60 -34.58 12.64
CA GLY B 481 18.14 -33.26 12.35
C GLY B 481 19.25 -32.83 13.30
N LEU B 482 19.42 -33.52 14.42
CA LEU B 482 20.54 -33.20 15.32
C LEU B 482 21.86 -33.63 14.71
N THR B 483 21.85 -34.60 13.82
CA THR B 483 23.06 -35.16 13.22
C THR B 483 23.35 -34.57 11.84
N ASN B 484 22.69 -33.48 11.48
CA ASN B 484 22.88 -32.83 10.18
C ASN B 484 23.61 -31.50 10.33
N LYS B 485 24.40 -31.36 11.39
CA LYS B 485 25.17 -30.15 11.60
C LYS B 485 26.67 -30.36 11.42
N GLN B 486 27.11 -31.61 11.32
CA GLN B 486 28.51 -31.90 11.05
C GLN B 486 28.77 -32.34 9.62
N LEU B 487 27.73 -32.46 8.79
CA LEU B 487 27.92 -32.82 7.40
C LEU B 487 28.55 -31.68 6.61
N SER B 488 28.08 -30.46 6.83
CA SER B 488 28.56 -29.29 6.11
C SER B 488 28.72 -28.13 7.07
N THR B 489 29.56 -27.18 6.68
CA THR B 489 29.81 -25.98 7.47
C THR B 489 28.83 -24.86 7.17
N ASN B 490 27.75 -25.17 6.43
CA ASN B 490 26.65 -24.23 6.24
C ASN B 490 25.93 -23.91 7.55
N SER B 491 25.99 -24.84 8.51
CA SER B 491 25.34 -24.63 9.81
C SER B 491 25.95 -23.47 10.59
N LEU B 492 27.22 -23.15 10.33
CA LEU B 492 27.82 -21.98 10.95
C LEU B 492 27.20 -20.70 10.41
N PHE B 493 26.86 -19.80 11.33
CA PHE B 493 26.20 -18.55 10.96
C PHE B 493 27.18 -17.59 10.30
N LYS B 494 28.42 -17.54 10.79
CA LYS B 494 29.47 -16.73 10.21
C LYS B 494 30.78 -17.51 10.23
N ASN B 495 31.61 -17.30 9.21
CA ASN B 495 32.84 -18.03 9.02
C ASN B 495 33.97 -17.38 9.81
N PRO B 496 35.00 -18.15 10.17
CA PRO B 496 36.22 -17.56 10.72
C PRO B 496 36.90 -16.61 9.73
N ASP B 497 37.50 -15.56 10.26
CA ASP B 497 38.20 -14.58 9.44
C ASP B 497 39.61 -15.07 9.11
N PHE B 498 40.42 -14.19 8.53
CA PHE B 498 41.75 -14.59 8.10
C PHE B 498 42.70 -14.75 9.29
N ILE B 499 42.67 -13.79 10.22
CA ILE B 499 43.58 -13.78 11.35
C ILE B 499 42.97 -14.49 12.56
N GLU B 500 41.65 -14.63 12.59
CA GLU B 500 40.97 -15.29 13.70
C GLU B 500 41.24 -16.78 13.69
N SER B 501 41.91 -17.27 14.74
CA SER B 501 42.22 -18.69 14.86
C SER B 501 40.96 -19.50 15.20
N ASN B 502 41.07 -20.81 15.00
CA ASN B 502 39.94 -21.70 15.29
C ASN B 502 39.68 -21.82 16.78
N ILE B 503 40.74 -21.83 17.58
CA ILE B 503 40.60 -21.94 19.03
C ILE B 503 39.95 -20.68 19.60
N ILE B 504 40.31 -19.52 19.05
CA ILE B 504 39.67 -18.27 19.44
C ILE B 504 38.23 -18.24 18.94
N PHE B 505 37.98 -18.78 17.74
CA PHE B 505 36.63 -18.75 17.16
C PHE B 505 35.65 -19.63 17.91
N ASN B 506 36.12 -20.75 18.46
CA ASN B 506 35.20 -21.63 19.19
C ASN B 506 34.75 -21.03 20.52
N ASP B 507 35.57 -20.16 21.11
CA ASP B 507 35.15 -19.47 22.33
C ASP B 507 34.15 -18.35 22.03
N ASN B 508 34.38 -17.59 20.96
CA ASN B 508 33.55 -16.46 20.57
C ASN B 508 33.05 -16.74 19.15
N SER B 509 31.87 -17.35 19.06
CA SER B 509 31.40 -17.91 17.80
C SER B 509 30.45 -16.98 17.05
N ILE B 510 29.51 -16.35 17.75
CA ILE B 510 28.44 -15.61 17.11
C ILE B 510 28.76 -14.12 17.15
N LYS B 511 28.84 -13.50 15.98
CA LYS B 511 28.95 -12.05 15.83
C LYS B 511 27.76 -11.59 15.01
N SER B 512 27.00 -10.63 15.54
CA SER B 512 25.71 -10.29 14.95
C SER B 512 25.51 -8.78 14.99
N SER B 513 24.40 -8.35 14.40
CA SER B 513 23.95 -6.98 14.49
C SER B 513 22.52 -6.87 15.00
N SER B 514 21.91 -7.98 15.41
CA SER B 514 20.58 -8.00 15.98
C SER B 514 20.56 -8.98 17.15
N ILE B 515 19.43 -9.05 17.84
CA ILE B 515 19.28 -9.82 19.07
C ILE B 515 19.00 -11.27 18.71
N ASP B 516 18.69 -11.50 17.42
CA ASP B 516 18.08 -12.75 16.97
C ASP B 516 18.98 -13.96 17.17
N PHE B 517 20.22 -13.88 16.69
CA PHE B 517 21.10 -15.04 16.62
C PHE B 517 21.95 -15.24 17.87
N LEU B 518 21.70 -14.49 18.94
CA LEU B 518 22.36 -14.72 20.22
C LEU B 518 21.47 -15.40 21.24
N LEU B 519 20.22 -15.68 20.90
CA LEU B 519 19.32 -16.38 21.80
C LEU B 519 19.68 -17.85 21.83
N THR B 520 19.24 -18.55 22.87
CA THR B 520 19.21 -20.01 22.81
C THR B 520 18.19 -20.42 21.76
N SER B 521 18.44 -21.55 21.10
CA SER B 521 17.84 -21.76 19.78
C SER B 521 16.91 -22.96 19.71
N PRO B 522 16.25 -23.29 20.81
CA PRO B 522 14.84 -23.02 20.92
C PRO B 522 14.69 -21.68 21.63
N PRO B 523 13.99 -20.72 21.07
CA PRO B 523 13.72 -19.50 21.84
C PRO B 523 12.83 -19.78 23.04
N LEU B 524 13.17 -19.17 24.18
CA LEU B 524 12.45 -19.40 25.42
C LEU B 524 11.03 -18.83 25.32
N PRO B 525 10.06 -19.40 26.06
CA PRO B 525 8.71 -18.83 26.10
C PRO B 525 8.67 -17.39 26.61
N HIS B 526 9.31 -17.13 27.74
CA HIS B 526 9.52 -15.77 28.21
C HIS B 526 11.00 -15.45 28.03
N THR B 527 11.32 -14.68 26.99
CA THR B 527 12.70 -14.59 26.54
C THR B 527 13.44 -13.40 27.15
N PHE B 528 12.72 -12.40 27.67
CA PHE B 528 13.34 -11.25 28.33
C PHE B 528 12.72 -11.09 29.71
N ASN B 529 13.50 -11.38 30.75
CA ASN B 529 13.05 -11.11 32.12
C ASN B 529 13.59 -9.75 32.53
N THR B 530 14.90 -9.59 32.52
CA THR B 530 15.49 -8.26 32.68
C THR B 530 15.56 -7.59 31.31
N PRO B 531 15.44 -6.27 31.23
CA PRO B 531 15.46 -5.61 29.93
C PRO B 531 16.82 -5.63 29.26
N ALA B 532 16.80 -5.49 27.94
CA ALA B 532 18.02 -5.38 27.16
C ALA B 532 18.55 -3.95 27.18
N ILE B 533 19.86 -3.82 26.99
CA ILE B 533 20.55 -2.53 27.07
C ILE B 533 21.22 -2.23 25.73
N GLN B 534 20.92 -1.06 25.18
CA GLN B 534 21.61 -0.49 24.03
C GLN B 534 22.14 0.90 24.41
N SER B 535 23.38 1.15 24.02
CA SER B 535 24.00 2.45 24.29
C SER B 535 23.41 3.55 23.41
N ASP C 1 -3.22 -9.14 -38.85
CA ASP C 1 -3.28 -10.29 -39.73
C ASP C 1 -3.43 -11.56 -38.92
N VAL C 2 -3.11 -12.69 -39.55
CA VAL C 2 -3.21 -14.00 -38.90
C VAL C 2 -2.03 -14.19 -37.95
N PRO C 3 -2.22 -14.89 -36.83
CA PRO C 3 -1.07 -15.26 -36.00
C PRO C 3 -0.20 -16.30 -36.70
N THR C 4 1.10 -16.24 -36.41
CA THR C 4 2.07 -17.19 -36.92
C THR C 4 2.42 -18.20 -35.83
N PRO C 5 2.75 -19.47 -36.20
CA PRO C 5 2.95 -20.53 -35.21
C PRO C 5 3.99 -20.30 -34.13
N TRP C 6 5.25 -20.13 -34.50
CA TRP C 6 6.29 -19.92 -33.48
C TRP C 6 6.67 -18.44 -33.50
N GLY C 7 5.78 -17.62 -32.97
CA GLY C 7 5.95 -16.19 -33.02
C GLY C 7 6.83 -15.66 -31.91
N ILE C 8 7.54 -14.58 -32.23
CA ILE C 8 8.46 -13.97 -31.29
C ILE C 8 8.07 -12.50 -31.10
N PHE C 9 7.47 -11.91 -32.12
CA PHE C 9 7.37 -10.45 -32.19
C PHE C 9 5.97 -10.09 -32.69
N PHE C 10 5.76 -8.81 -32.99
CA PHE C 10 4.46 -8.26 -33.34
C PHE C 10 3.95 -8.79 -34.67
N GLN C 11 2.65 -8.62 -34.89
CA GLN C 11 2.06 -8.83 -36.20
C GLN C 11 2.33 -7.60 -37.07
N ASP C 12 2.06 -7.73 -38.36
CA ASP C 12 2.39 -6.66 -39.29
C ASP C 12 1.30 -5.59 -39.29
N SER C 13 1.72 -4.36 -39.58
CA SER C 13 0.90 -3.19 -39.41
C SER C 13 0.16 -2.82 -40.69
N ALA C 14 -0.99 -2.16 -40.52
CA ALA C 14 -1.72 -1.56 -41.62
C ALA C 14 -2.24 -0.18 -41.27
N THR C 15 -1.79 0.42 -40.18
CA THR C 15 -2.27 1.68 -39.64
C THR C 15 -1.06 2.44 -39.11
N PRO C 16 -1.01 3.78 -39.27
CA PRO C 16 0.08 4.56 -38.69
C PRO C 16 0.19 4.49 -37.17
N ASN C 17 -0.92 4.27 -36.47
CA ASN C 17 -0.90 4.18 -35.01
C ASN C 17 -0.11 2.96 -34.53
N MET C 18 -0.26 1.82 -35.23
CA MET C 18 0.48 0.63 -34.84
C MET C 18 1.97 0.78 -35.14
N GLU C 19 2.32 1.48 -36.23
CA GLU C 19 3.71 1.76 -36.51
C GLU C 19 4.33 2.68 -35.46
N GLY C 20 3.57 3.67 -34.98
CA GLY C 20 4.05 4.47 -33.85
C GLY C 20 4.23 3.67 -32.58
N ILE C 21 3.33 2.72 -32.32
CA ILE C 21 3.46 1.84 -31.16
C ILE C 21 4.74 1.00 -31.24
N ILE C 22 4.99 0.42 -32.42
CA ILE C 22 6.18 -0.40 -32.64
C ILE C 22 7.46 0.43 -32.49
N GLU C 23 7.47 1.65 -33.05
CA GLU C 23 8.64 2.52 -32.95
C GLU C 23 8.91 2.95 -31.51
N LEU C 24 7.86 3.24 -30.73
CA LEU C 24 8.05 3.63 -29.33
C LEU C 24 8.55 2.45 -28.49
N HIS C 25 8.04 1.24 -28.75
CA HIS C 25 8.52 0.06 -28.03
C HIS C 25 9.99 -0.22 -28.34
N ASN C 26 10.37 -0.10 -29.61
CA ASN C 26 11.76 -0.29 -29.99
C ASN C 26 12.66 0.83 -29.48
N ASN C 27 12.09 2.01 -29.16
CA ASN C 27 12.88 3.05 -28.52
C ASN C 27 13.11 2.76 -27.03
N ILE C 28 12.10 2.20 -26.34
CA ILE C 28 12.25 1.92 -24.91
C ILE C 28 13.20 0.75 -24.66
N MET C 29 13.17 -0.25 -25.56
CA MET C 29 13.95 -1.47 -25.36
C MET C 29 15.46 -1.22 -25.37
N PHE C 30 15.90 -0.14 -26.03
CA PHE C 30 17.30 0.29 -26.01
C PHE C 30 17.79 0.56 -24.58
N TYR C 31 17.07 1.41 -23.85
CA TYR C 31 17.48 1.76 -22.51
C TYR C 31 17.29 0.61 -21.53
N LEU C 32 16.24 -0.21 -21.72
CA LEU C 32 16.09 -1.36 -20.85
C LEU C 32 17.18 -2.42 -21.04
N VAL C 33 17.61 -2.67 -22.28
CA VAL C 33 18.74 -3.54 -22.54
C VAL C 33 20.04 -3.00 -21.95
N LEU C 34 20.27 -1.68 -22.04
CA LEU C 34 21.44 -1.07 -21.41
C LEU C 34 21.48 -1.27 -19.89
N ILE C 35 20.35 -1.05 -19.22
CA ILE C 35 20.29 -1.23 -17.77
C ILE C 35 20.49 -2.70 -17.35
N LEU C 36 19.85 -3.64 -18.08
CA LEU C 36 20.01 -5.06 -17.76
C LEU C 36 21.44 -5.54 -17.96
N THR C 37 22.10 -5.09 -19.03
CA THR C 37 23.48 -5.47 -19.26
C THR C 37 24.42 -4.89 -18.20
N PHE C 38 24.17 -3.67 -17.73
CA PHE C 38 24.99 -3.08 -16.66
C PHE C 38 24.87 -3.87 -15.36
N VAL C 39 23.63 -4.22 -14.98
CA VAL C 39 23.41 -4.98 -13.75
C VAL C 39 24.03 -6.37 -13.85
N SER C 40 23.87 -7.04 -14.99
CA SER C 40 24.43 -8.38 -15.16
C SER C 40 25.96 -8.38 -15.15
N TYR C 41 26.58 -7.34 -15.71
CA TYR C 41 28.03 -7.25 -15.66
C TYR C 41 28.53 -7.01 -14.24
N ILE C 42 27.80 -6.21 -13.45
CA ILE C 42 28.22 -6.00 -12.06
C ILE C 42 28.12 -7.29 -11.23
N LEU C 43 27.03 -8.05 -11.39
CA LEU C 43 26.99 -9.36 -10.72
C LEU C 43 28.05 -10.34 -11.22
N TYR C 44 28.41 -10.29 -12.50
CA TYR C 44 29.48 -11.16 -12.99
C TYR C 44 30.83 -10.79 -12.37
N THR C 45 31.11 -9.49 -12.24
CA THR C 45 32.35 -9.04 -11.60
C THR C 45 32.38 -9.45 -10.14
N ILE C 46 31.24 -9.34 -9.45
CA ILE C 46 31.14 -9.70 -8.04
C ILE C 46 31.37 -11.20 -7.85
N ILE C 47 30.78 -12.03 -8.70
CA ILE C 47 30.98 -13.49 -8.60
C ILE C 47 32.42 -13.88 -8.95
N TYR C 48 33.00 -13.31 -10.01
CA TYR C 48 34.32 -13.71 -10.46
C TYR C 48 35.45 -13.22 -9.56
N ASN C 49 35.33 -12.05 -8.95
CA ASN C 49 36.44 -11.48 -8.21
C ASN C 49 36.35 -11.65 -6.70
N TYR C 50 35.19 -11.38 -6.10
CA TYR C 50 35.07 -11.25 -4.66
C TYR C 50 34.38 -12.44 -4.01
N SER C 51 34.63 -13.64 -4.53
CA SER C 51 34.07 -14.88 -3.97
C SER C 51 35.15 -15.58 -3.17
N ASN C 52 34.87 -15.82 -1.88
CA ASN C 52 35.78 -16.44 -0.91
C ASN C 52 37.09 -15.66 -0.81
N ALA C 53 36.97 -14.41 -0.38
CA ALA C 53 38.10 -13.49 -0.36
C ALA C 53 38.58 -13.30 1.07
N THR C 54 39.88 -13.08 1.21
CA THR C 54 40.47 -12.91 2.53
C THR C 54 40.22 -11.52 3.10
N ILE C 55 40.16 -10.50 2.24
CA ILE C 55 40.11 -9.11 2.68
C ILE C 55 38.67 -8.62 2.55
N VAL C 56 38.12 -8.09 3.64
CA VAL C 56 36.77 -7.52 3.67
C VAL C 56 36.90 -6.02 3.92
N HIS C 57 36.44 -5.22 2.96
CA HIS C 57 36.39 -3.76 3.11
C HIS C 57 35.09 -3.41 3.83
N LYS C 58 35.13 -3.51 5.15
CA LYS C 58 33.93 -3.34 5.96
C LYS C 58 33.71 -1.91 6.42
N TYR C 59 34.43 -0.94 5.86
CA TYR C 59 34.25 0.46 6.21
C TYR C 59 33.85 1.34 5.03
N MET C 60 33.57 0.75 3.87
CA MET C 60 33.08 1.51 2.71
C MET C 60 31.57 1.42 2.73
N ASN C 61 30.93 2.34 3.47
CA ASN C 61 29.51 2.22 3.72
C ASN C 61 28.76 3.55 3.61
N HIS C 62 29.38 4.61 3.09
CA HIS C 62 28.71 5.89 3.13
C HIS C 62 28.35 6.34 1.73
N GLY C 63 29.33 6.73 0.90
CA GLY C 63 29.03 7.26 -0.42
C GLY C 63 28.47 8.68 -0.41
N GLN C 64 28.99 9.57 -1.23
CA GLN C 64 28.22 10.82 -1.39
C GLN C 64 28.05 11.22 -2.85
N LEU C 65 29.07 11.05 -3.67
CA LEU C 65 28.92 11.36 -5.08
C LEU C 65 28.12 10.30 -5.81
N ILE C 66 28.33 9.03 -5.45
CA ILE C 66 27.78 7.93 -6.24
C ILE C 66 26.28 7.79 -6.03
N GLU C 67 25.75 8.30 -4.90
CA GLU C 67 24.31 8.24 -4.69
C GLU C 67 23.56 9.31 -5.48
N ILE C 68 24.26 10.33 -5.97
CA ILE C 68 23.63 11.29 -6.87
C ILE C 68 23.59 10.73 -8.28
N VAL C 69 24.62 9.96 -8.69
CA VAL C 69 24.69 9.41 -10.04
C VAL C 69 23.64 8.33 -10.29
N TRP C 70 23.25 7.55 -9.28
CA TRP C 70 22.12 6.65 -9.50
C TRP C 70 20.78 7.26 -9.10
N THR C 71 20.70 8.58 -8.96
CA THR C 71 19.42 9.24 -8.77
C THR C 71 19.06 10.17 -9.92
N THR C 72 20.04 10.85 -10.51
CA THR C 72 19.80 11.76 -11.62
C THR C 72 19.83 11.08 -12.99
N LEU C 73 20.69 10.09 -13.18
CA LEU C 73 20.78 9.37 -14.45
C LEU C 73 19.54 8.59 -14.84
N PRO C 74 18.81 7.88 -13.96
CA PRO C 74 17.51 7.34 -14.40
C PRO C 74 16.46 8.39 -14.72
N ALA C 75 16.57 9.61 -14.19
CA ALA C 75 15.56 10.63 -14.46
C ALA C 75 15.65 11.14 -15.90
N VAL C 76 16.88 11.29 -16.41
CA VAL C 76 17.10 11.74 -17.78
C VAL C 76 16.53 10.75 -18.78
N ILE C 77 16.68 9.46 -18.47
CA ILE C 77 16.10 8.38 -19.27
C ILE C 77 14.58 8.49 -19.29
N LEU C 78 13.97 8.84 -18.15
CA LEU C 78 12.52 8.99 -18.10
C LEU C 78 12.03 10.19 -18.91
N LEU C 79 12.77 11.30 -18.92
CA LEU C 79 12.39 12.43 -19.77
C LEU C 79 12.52 12.10 -21.26
N ILE C 80 13.60 11.41 -21.65
CA ILE C 80 13.80 11.03 -23.05
C ILE C 80 12.73 10.03 -23.50
N ILE C 81 12.31 9.12 -22.60
CA ILE C 81 11.19 8.23 -22.91
C ILE C 81 9.88 9.01 -22.99
N ALA C 82 9.70 10.01 -22.12
CA ALA C 82 8.42 10.69 -22.00
C ALA C 82 8.13 11.66 -23.14
N PHE C 83 9.15 12.10 -23.89
CA PHE C 83 8.87 12.99 -25.02
C PHE C 83 8.06 12.33 -26.15
N PRO C 84 8.52 11.22 -26.80
CA PRO C 84 7.70 10.66 -27.89
C PRO C 84 6.44 9.98 -27.43
N SER C 85 6.36 9.57 -26.16
CA SER C 85 5.13 9.00 -25.64
C SER C 85 4.00 10.02 -25.63
N PHE C 86 4.30 11.25 -25.20
CA PHE C 86 3.28 12.29 -25.23
C PHE C 86 2.97 12.74 -26.64
N ILE C 87 3.98 12.77 -27.53
CA ILE C 87 3.70 13.11 -28.92
C ILE C 87 2.80 12.07 -29.59
N LEU C 88 3.05 10.79 -29.33
CA LEU C 88 2.20 9.74 -29.88
C LEU C 88 0.82 9.72 -29.24
N LEU C 89 0.71 10.10 -27.97
CA LEU C 89 -0.58 10.15 -27.30
C LEU C 89 -1.47 11.24 -27.90
N TYR C 90 -0.91 12.43 -28.12
CA TYR C 90 -1.73 13.55 -28.57
C TYR C 90 -1.89 13.62 -30.09
N LEU C 91 -0.85 13.27 -30.85
CA LEU C 91 -0.79 13.65 -32.25
C LEU C 91 -1.65 12.75 -33.14
N CYS C 92 -1.48 11.44 -33.03
CA CYS C 92 -2.10 10.52 -33.97
C CYS C 92 -3.51 10.18 -33.51
N ASP C 93 -4.48 10.96 -33.98
CA ASP C 93 -5.90 10.69 -33.77
C ASP C 93 -6.68 11.31 -34.92
N GLU C 94 -8.00 11.33 -34.79
CA GLU C 94 -8.88 11.92 -35.81
C GLU C 94 -8.92 13.45 -35.63
N VAL C 95 -7.93 14.10 -36.24
CA VAL C 95 -7.88 15.55 -36.17
C VAL C 95 -8.82 16.18 -37.20
N ILE C 96 -8.93 15.59 -38.40
CA ILE C 96 -9.68 16.20 -39.50
C ILE C 96 -10.54 15.13 -40.15
N SER C 97 -11.86 15.35 -40.16
CA SER C 97 -12.85 14.76 -41.06
C SER C 97 -12.87 13.24 -41.17
N PRO C 98 -13.40 12.52 -40.19
CA PRO C 98 -13.71 11.10 -40.41
C PRO C 98 -14.76 10.95 -41.50
N ALA C 99 -14.66 9.85 -42.25
CA ALA C 99 -15.47 9.67 -43.44
C ALA C 99 -16.51 8.55 -43.34
N MET C 100 -16.54 7.79 -42.25
CA MET C 100 -17.56 6.76 -42.08
C MET C 100 -17.73 6.48 -40.59
N THR C 101 -18.82 5.79 -40.27
CA THR C 101 -19.12 5.39 -38.90
C THR C 101 -19.77 4.01 -38.91
N ILE C 102 -19.20 3.06 -38.17
CA ILE C 102 -19.72 1.71 -38.03
C ILE C 102 -19.94 1.45 -36.55
N LYS C 103 -21.16 1.09 -36.18
CA LYS C 103 -21.47 0.77 -34.79
C LYS C 103 -21.35 -0.74 -34.59
N ALA C 104 -20.46 -1.13 -33.69
CA ALA C 104 -20.19 -2.53 -33.39
C ALA C 104 -20.67 -2.82 -31.98
N ILE C 105 -21.93 -3.26 -31.86
CA ILE C 105 -22.54 -3.57 -30.58
C ILE C 105 -22.16 -5.00 -30.21
N GLY C 106 -21.75 -5.19 -28.97
CA GLY C 106 -21.45 -6.52 -28.48
C GLY C 106 -22.59 -7.08 -27.67
N LEU C 107 -23.21 -8.14 -28.18
CA LEU C 107 -24.22 -8.89 -27.44
C LEU C 107 -23.51 -9.91 -26.57
N GLN C 108 -24.25 -10.92 -26.10
CA GLN C 108 -23.69 -11.93 -25.20
C GLN C 108 -22.55 -12.70 -25.86
N TRP C 109 -22.83 -13.47 -26.91
CA TRP C 109 -21.77 -14.27 -27.50
C TRP C 109 -21.73 -14.16 -29.03
N TYR C 110 -22.01 -12.99 -29.57
CA TYR C 110 -21.84 -12.70 -31.00
C TYR C 110 -21.68 -11.19 -31.17
N TRP C 111 -21.47 -10.75 -32.41
CA TRP C 111 -21.31 -9.33 -32.68
C TRP C 111 -22.43 -8.83 -33.58
N LYS C 112 -22.81 -7.56 -33.43
CA LYS C 112 -23.86 -6.94 -34.22
C LYS C 112 -23.31 -5.68 -34.86
N TYR C 113 -23.30 -5.61 -36.18
CA TYR C 113 -22.74 -4.48 -36.90
C TYR C 113 -23.84 -3.72 -37.63
N GLU C 114 -23.89 -2.42 -37.38
CA GLU C 114 -24.79 -1.51 -38.08
C GLU C 114 -23.97 -0.44 -38.79
N TYR C 115 -24.21 -0.28 -40.08
CA TYR C 115 -23.60 0.80 -40.86
C TYR C 115 -24.61 1.93 -40.85
N SER C 116 -24.35 2.92 -40.00
CA SER C 116 -25.36 3.88 -39.58
C SER C 116 -25.76 4.88 -40.66
N ASP C 117 -24.92 5.09 -41.67
CA ASP C 117 -25.26 5.94 -42.80
C ASP C 117 -26.03 5.11 -43.82
N PHE C 118 -26.14 5.64 -45.04
CA PHE C 118 -26.85 5.01 -46.16
C PHE C 118 -28.31 4.74 -45.80
N ILE C 119 -28.95 5.73 -45.18
CA ILE C 119 -30.32 5.61 -44.67
C ILE C 119 -31.29 5.98 -45.78
N ASN C 120 -32.30 5.14 -45.97
CA ASN C 120 -33.42 5.49 -46.82
C ASN C 120 -34.39 6.38 -46.04
N ASP C 121 -35.46 6.81 -46.71
CA ASP C 121 -36.46 7.64 -46.07
C ASP C 121 -37.33 6.87 -45.08
N ASP C 122 -37.33 5.54 -45.15
CA ASP C 122 -38.13 4.71 -44.27
C ASP C 122 -37.33 4.05 -43.16
N GLY C 123 -36.01 4.22 -43.14
CA GLY C 123 -35.17 3.55 -42.16
C GLY C 123 -34.74 2.16 -42.63
N GLU C 124 -34.11 2.10 -43.80
CA GLU C 124 -33.71 0.81 -44.37
C GLU C 124 -32.23 0.55 -44.13
N ILE C 125 -31.74 0.88 -42.93
CA ILE C 125 -30.33 0.78 -42.54
C ILE C 125 -29.77 -0.63 -42.68
N VAL C 126 -28.63 -0.76 -43.34
CA VAL C 126 -27.98 -2.05 -43.53
C VAL C 126 -27.37 -2.54 -42.22
N GLU C 127 -27.58 -3.82 -41.91
CA GLU C 127 -27.30 -4.40 -40.61
C GLU C 127 -27.02 -5.88 -40.77
N PHE C 128 -26.09 -6.40 -39.96
CA PHE C 128 -25.91 -7.85 -39.91
C PHE C 128 -25.37 -8.28 -38.55
N GLU C 129 -25.39 -9.59 -38.34
CA GLU C 129 -24.89 -10.23 -37.14
C GLU C 129 -23.80 -11.23 -37.52
N SER C 130 -22.67 -11.17 -36.81
CA SER C 130 -21.55 -12.07 -37.08
C SER C 130 -21.44 -13.07 -35.94
N TYR C 131 -21.41 -14.35 -36.33
CA TYR C 131 -21.27 -15.51 -35.46
C TYR C 131 -19.96 -16.21 -35.74
N VAL C 132 -19.67 -17.26 -35.00
CA VAL C 132 -18.50 -18.09 -35.27
C VAL C 132 -18.92 -19.36 -35.98
N ILE C 133 -18.10 -19.80 -36.92
CA ILE C 133 -18.36 -21.06 -37.63
C ILE C 133 -17.90 -22.21 -36.74
N PRO C 134 -18.76 -23.19 -36.47
CA PRO C 134 -18.35 -24.32 -35.63
C PRO C 134 -17.36 -25.23 -36.37
N GLU C 135 -16.68 -26.06 -35.57
CA GLU C 135 -15.64 -26.93 -36.11
C GLU C 135 -16.22 -28.00 -37.03
N GLU C 136 -17.46 -28.44 -36.77
CA GLU C 136 -18.06 -29.50 -37.57
C GLU C 136 -18.46 -29.00 -38.95
N LEU C 137 -18.77 -27.70 -39.07
CA LEU C 137 -19.28 -27.13 -40.31
C LEU C 137 -18.23 -26.33 -41.07
N LEU C 138 -16.95 -26.46 -40.71
CA LEU C 138 -15.89 -25.76 -41.42
C LEU C 138 -15.66 -26.41 -42.79
N GLU C 139 -15.30 -25.57 -43.76
CA GLU C 139 -14.87 -26.04 -45.07
C GLU C 139 -13.36 -26.17 -45.08
N ASP C 140 -12.82 -26.58 -46.23
CA ASP C 140 -11.41 -26.96 -46.32
C ASP C 140 -10.54 -25.72 -46.37
N GLY C 141 -9.80 -25.46 -45.29
CA GLY C 141 -8.83 -24.39 -45.25
C GLY C 141 -9.16 -23.23 -44.34
N GLN C 142 -10.28 -23.28 -43.64
CA GLN C 142 -10.66 -22.15 -42.80
C GLN C 142 -10.05 -22.27 -41.42
N LEU C 143 -9.81 -21.12 -40.80
CA LEU C 143 -9.10 -21.04 -39.54
C LEU C 143 -10.06 -21.29 -38.39
N ARG C 144 -9.67 -22.17 -37.47
CA ARG C 144 -10.55 -22.56 -36.36
C ARG C 144 -10.52 -21.48 -35.28
N LEU C 145 -11.70 -21.18 -34.75
CA LEU C 145 -11.98 -20.18 -33.70
C LEU C 145 -11.60 -18.76 -34.10
N LEU C 146 -11.43 -18.48 -35.40
CA LEU C 146 -11.21 -17.13 -35.88
C LEU C 146 -12.06 -16.74 -37.08
N ASP C 147 -12.67 -17.70 -37.78
CA ASP C 147 -13.34 -17.43 -39.04
C ASP C 147 -14.83 -17.31 -38.80
N VAL C 148 -15.45 -16.30 -39.41
CA VAL C 148 -16.82 -15.93 -39.15
C VAL C 148 -17.66 -16.19 -40.39
N ASP C 149 -18.97 -15.94 -40.28
CA ASP C 149 -19.87 -16.10 -41.42
C ASP C 149 -20.11 -14.78 -42.13
N ALA C 150 -20.06 -13.67 -41.41
CA ALA C 150 -20.17 -12.34 -42.00
C ALA C 150 -19.04 -11.46 -41.48
N SER C 151 -18.39 -10.74 -42.40
CA SER C 151 -17.20 -9.98 -42.08
C SER C 151 -17.42 -8.50 -42.35
N VAL C 152 -16.76 -7.65 -41.56
CA VAL C 152 -16.89 -6.22 -41.74
C VAL C 152 -16.05 -5.79 -42.94
N VAL C 153 -16.69 -5.22 -43.95
CA VAL C 153 -16.04 -4.89 -45.21
C VAL C 153 -15.92 -3.37 -45.31
N VAL C 154 -14.70 -2.89 -45.43
CA VAL C 154 -14.42 -1.45 -45.42
C VAL C 154 -13.52 -1.09 -46.60
N PRO C 155 -13.56 0.15 -47.08
CA PRO C 155 -12.61 0.59 -48.11
C PRO C 155 -11.23 0.87 -47.54
N VAL C 156 -10.28 1.03 -48.45
CA VAL C 156 -8.93 1.43 -48.10
C VAL C 156 -8.80 2.94 -48.26
N ASP C 157 -7.81 3.51 -47.55
CA ASP C 157 -7.48 4.94 -47.57
C ASP C 157 -8.66 5.81 -47.17
N THR C 158 -9.43 5.36 -46.19
CA THR C 158 -10.58 6.09 -45.68
C THR C 158 -10.58 6.02 -44.17
N HIS C 159 -10.65 7.18 -43.51
CA HIS C 159 -10.84 7.23 -42.07
C HIS C 159 -12.16 6.59 -41.67
N ILE C 160 -12.10 5.64 -40.74
CA ILE C 160 -13.28 4.93 -40.26
C ILE C 160 -13.35 5.12 -38.76
N ARG C 161 -14.50 5.56 -38.27
CA ARG C 161 -14.74 5.73 -36.84
C ARG C 161 -15.61 4.60 -36.33
N PHE C 162 -15.11 3.85 -35.37
CA PHE C 162 -15.85 2.79 -34.72
C PHE C 162 -16.43 3.32 -33.42
N ILE C 163 -17.74 3.16 -33.23
CA ILE C 163 -18.42 3.47 -31.98
C ILE C 163 -18.86 2.14 -31.39
N VAL C 164 -18.35 1.85 -30.20
CA VAL C 164 -18.48 0.55 -29.57
C VAL C 164 -19.31 0.72 -28.29
N SER C 165 -20.32 -0.14 -28.14
CA SER C 165 -21.09 -0.27 -26.91
C SER C 165 -21.43 -1.74 -26.68
N SER C 166 -22.32 -2.02 -25.74
CA SER C 166 -22.72 -3.38 -25.45
C SER C 166 -24.13 -3.39 -24.90
N ALA C 167 -24.73 -4.58 -24.89
CA ALA C 167 -26.09 -4.73 -24.37
C ALA C 167 -26.18 -5.59 -23.12
N ASP C 168 -25.21 -6.46 -22.84
CA ASP C 168 -25.29 -7.35 -21.70
C ASP C 168 -24.21 -7.12 -20.65
N VAL C 169 -22.93 -7.30 -20.99
CA VAL C 169 -21.80 -7.21 -20.06
C VAL C 169 -20.63 -6.50 -20.74
N ILE C 170 -19.49 -6.41 -20.06
CA ILE C 170 -18.36 -5.63 -20.55
C ILE C 170 -17.54 -6.45 -21.53
N HIS C 171 -17.47 -6.02 -22.78
CA HIS C 171 -16.71 -6.65 -23.85
C HIS C 171 -15.52 -5.76 -24.22
N ASP C 172 -14.78 -6.16 -25.27
CA ASP C 172 -13.59 -5.42 -25.67
C ASP C 172 -13.29 -5.70 -27.14
N PHE C 173 -13.45 -4.67 -27.97
CA PHE C 173 -13.19 -4.77 -29.41
C PHE C 173 -11.69 -4.77 -29.67
N CYS C 174 -11.21 -5.76 -30.44
CA CYS C 174 -9.77 -5.86 -30.72
C CYS C 174 -9.54 -6.32 -32.16
N VAL C 175 -8.80 -5.54 -32.92
CA VAL C 175 -8.10 -6.01 -34.12
C VAL C 175 -6.63 -5.67 -33.93
N PRO C 176 -5.76 -6.65 -33.64
CA PRO C 176 -4.35 -6.36 -33.27
C PRO C 176 -3.51 -5.60 -34.27
N ALA C 177 -3.67 -5.87 -35.56
CA ALA C 177 -2.86 -5.21 -36.58
C ALA C 177 -3.20 -3.74 -36.72
N LEU C 178 -4.49 -3.39 -36.58
CA LEU C 178 -4.96 -2.03 -36.75
C LEU C 178 -4.73 -1.14 -35.54
N GLY C 179 -4.34 -1.71 -34.41
CA GLY C 179 -4.13 -0.91 -33.21
C GLY C 179 -5.39 -0.42 -32.55
N VAL C 180 -6.43 -1.24 -32.49
CA VAL C 180 -7.71 -0.87 -31.90
C VAL C 180 -7.96 -1.78 -30.70
N LYS C 181 -8.08 -1.19 -29.50
CA LYS C 181 -8.47 -1.92 -28.30
C LYS C 181 -9.24 -0.96 -27.39
N VAL C 182 -10.57 -1.03 -27.44
CA VAL C 182 -11.42 -0.19 -26.64
C VAL C 182 -12.51 -1.07 -26.02
N ASP C 183 -12.95 -0.70 -24.82
CA ASP C 183 -13.94 -1.47 -24.06
C ASP C 183 -15.33 -1.31 -24.68
N ALA C 184 -16.25 -2.14 -24.20
CA ALA C 184 -17.67 -2.07 -24.58
C ALA C 184 -18.48 -2.27 -23.30
N SER C 185 -18.78 -1.17 -22.63
CA SER C 185 -19.50 -1.22 -21.37
C SER C 185 -20.95 -0.81 -21.61
N PRO C 186 -21.91 -1.37 -20.85
CA PRO C 186 -23.30 -1.40 -21.32
C PRO C 186 -24.08 -0.10 -21.25
N GLY C 187 -23.48 1.03 -20.86
CA GLY C 187 -24.27 2.24 -20.76
C GLY C 187 -23.64 3.47 -21.35
N ARG C 188 -22.61 3.30 -22.19
CA ARG C 188 -21.90 4.43 -22.76
C ARG C 188 -21.24 4.03 -24.06
N LEU C 189 -21.06 5.01 -24.94
CA LEU C 189 -20.50 4.83 -26.26
C LEU C 189 -19.03 5.19 -26.22
N ASN C 190 -18.19 4.41 -26.90
CA ASN C 190 -16.77 4.72 -26.99
C ASN C 190 -16.38 4.79 -28.45
N GLN C 191 -15.32 5.56 -28.76
CA GLN C 191 -14.95 5.76 -30.15
C GLN C 191 -13.47 5.52 -30.37
N THR C 192 -13.16 4.91 -31.52
CA THR C 192 -11.80 4.76 -32.02
C THR C 192 -11.80 5.10 -33.51
N SER C 193 -10.61 5.31 -34.06
CA SER C 193 -10.45 5.66 -35.46
C SER C 193 -9.36 4.82 -36.09
N ALA C 194 -9.58 4.40 -37.33
CA ALA C 194 -8.64 3.56 -38.05
C ALA C 194 -8.54 3.99 -39.51
N LEU C 195 -7.31 3.96 -40.03
CA LEU C 195 -7.02 4.16 -41.44
C LEU C 195 -6.20 2.99 -41.93
N ILE C 196 -6.64 2.37 -43.04
CA ILE C 196 -6.05 1.14 -43.55
C ILE C 196 -5.37 1.45 -44.87
N GLN C 197 -4.12 1.02 -45.01
CA GLN C 197 -3.29 1.40 -46.15
C GLN C 197 -3.17 0.32 -47.21
N ARG C 198 -3.44 -0.94 -46.89
CA ARG C 198 -3.32 -2.02 -47.87
C ARG C 198 -4.45 -3.01 -47.69
N GLU C 199 -4.80 -3.68 -48.78
CA GLU C 199 -5.87 -4.66 -48.77
C GLU C 199 -5.44 -5.96 -48.11
N GLY C 200 -6.41 -6.73 -47.64
CA GLY C 200 -6.13 -7.98 -46.98
C GLY C 200 -7.25 -8.35 -46.02
N VAL C 201 -6.93 -9.26 -45.10
CA VAL C 201 -7.83 -9.69 -44.05
C VAL C 201 -7.17 -9.45 -42.70
N TYR C 202 -7.96 -9.01 -41.73
CA TYR C 202 -7.44 -8.67 -40.41
C TYR C 202 -8.32 -9.35 -39.37
N TYR C 203 -7.70 -10.11 -38.47
CA TYR C 203 -8.39 -10.98 -37.53
C TYR C 203 -8.19 -10.48 -36.11
N GLY C 204 -9.18 -10.75 -35.27
CA GLY C 204 -9.12 -10.29 -33.89
C GLY C 204 -10.01 -11.11 -32.99
N GLN C 205 -9.84 -10.90 -31.69
CA GLN C 205 -10.51 -11.69 -30.68
C GLN C 205 -10.91 -10.80 -29.52
N CYS C 206 -11.96 -11.19 -28.82
CA CYS C 206 -12.40 -10.42 -27.66
C CYS C 206 -11.45 -10.62 -26.50
N SER C 207 -11.46 -9.67 -25.57
CA SER C 207 -10.49 -9.67 -24.48
C SER C 207 -11.11 -9.74 -23.09
N GLU C 208 -12.06 -8.86 -22.78
CA GLU C 208 -12.59 -8.81 -21.42
C GLU C 208 -13.60 -9.93 -21.19
N LEU C 209 -13.51 -10.57 -20.03
CA LEU C 209 -14.23 -11.81 -19.75
C LEU C 209 -15.74 -11.58 -19.68
N CYS C 210 -16.50 -12.52 -20.25
CA CYS C 210 -17.93 -12.37 -20.39
C CYS C 210 -18.74 -13.59 -20.01
N GLY C 211 -18.11 -14.74 -19.75
CA GLY C 211 -18.86 -15.92 -19.40
C GLY C 211 -18.27 -17.19 -20.00
N VAL C 212 -19.13 -18.14 -20.37
CA VAL C 212 -18.67 -19.43 -20.85
C VAL C 212 -18.09 -19.33 -22.26
N MET C 213 -18.76 -18.63 -23.18
CA MET C 213 -18.30 -18.59 -24.57
C MET C 213 -17.47 -17.33 -24.81
N HIS C 214 -16.39 -17.21 -24.05
CA HIS C 214 -15.44 -16.14 -24.25
C HIS C 214 -14.45 -16.42 -25.36
N SER C 215 -14.14 -17.69 -25.62
CA SER C 215 -13.12 -18.04 -26.59
C SER C 215 -13.65 -18.16 -28.00
N ALA C 216 -14.98 -18.09 -28.20
CA ALA C 216 -15.56 -18.13 -29.53
C ALA C 216 -16.34 -16.84 -29.77
N MET C 217 -15.63 -15.80 -30.20
CA MET C 217 -16.21 -14.53 -30.59
C MET C 217 -15.25 -13.72 -31.46
N PRO C 218 -14.98 -14.12 -32.71
CA PRO C 218 -13.92 -13.46 -33.48
C PRO C 218 -14.41 -12.19 -34.16
N ILE C 219 -13.44 -11.42 -34.65
CA ILE C 219 -13.67 -10.22 -35.45
C ILE C 219 -12.87 -10.35 -36.73
N LYS C 220 -13.51 -10.11 -37.87
CA LYS C 220 -12.85 -10.22 -39.17
C LYS C 220 -13.15 -8.99 -40.01
N ILE C 221 -12.10 -8.34 -40.50
CA ILE C 221 -12.21 -7.11 -41.27
C ILE C 221 -11.55 -7.32 -42.63
N GLU C 222 -12.32 -7.13 -43.69
CA GLU C 222 -11.81 -7.10 -45.06
C GLU C 222 -11.70 -5.67 -45.54
N ALA C 223 -10.64 -5.37 -46.29
CA ALA C 223 -10.37 -4.03 -46.79
C ALA C 223 -10.38 -4.08 -48.31
N VAL C 224 -11.56 -3.94 -48.90
CA VAL C 224 -11.71 -3.96 -50.35
C VAL C 224 -11.43 -2.57 -50.91
N SER C 225 -11.37 -2.45 -52.24
CA SER C 225 -11.27 -1.16 -52.89
C SER C 225 -12.65 -0.48 -52.89
N LEU C 226 -12.72 0.73 -53.44
CA LEU C 226 -13.95 1.50 -53.40
C LEU C 226 -15.04 0.95 -54.33
N TYR C 227 -14.64 0.47 -55.51
CA TYR C 227 -15.60 -0.09 -56.45
C TYR C 227 -16.24 -1.36 -55.90
N GLU C 228 -15.45 -2.21 -55.25
CA GLU C 228 -15.99 -3.43 -54.65
C GLU C 228 -16.86 -3.11 -53.45
N PHE C 229 -16.56 -2.04 -52.72
CA PHE C 229 -17.40 -1.63 -51.59
C PHE C 229 -18.76 -1.11 -52.08
N ILE C 230 -18.76 -0.35 -53.18
CA ILE C 230 -20.03 0.13 -53.74
C ILE C 230 -20.84 -1.04 -54.30
N ASN C 231 -20.18 -2.00 -54.94
CA ASN C 231 -20.90 -3.17 -55.46
C ASN C 231 -21.39 -4.07 -54.33
N TRP C 232 -20.69 -4.10 -53.19
CA TRP C 232 -21.13 -4.89 -52.06
C TRP C 232 -22.28 -4.21 -51.32
N LEU C 233 -22.27 -2.89 -51.23
CA LEU C 233 -23.32 -2.17 -50.51
C LEU C 233 -24.64 -2.13 -51.26
N ASP C 234 -24.63 -2.39 -52.58
CA ASP C 234 -25.86 -2.44 -53.35
C ASP C 234 -26.45 -3.85 -53.40
N GLU C 235 -25.85 -4.80 -52.70
CA GLU C 235 -26.36 -6.15 -52.60
C GLU C 235 -26.96 -6.43 -51.23
N GLN C 236 -26.32 -5.96 -50.16
CA GLN C 236 -26.86 -6.11 -48.81
C GLN C 236 -27.99 -5.13 -48.56
N MET D 1 16.33 0.09 39.84
CA MET D 1 16.38 -1.37 39.81
C MET D 1 17.11 -1.83 41.07
N ARG D 2 17.75 -0.88 41.76
CA ARG D 2 18.43 -1.16 43.01
C ARG D 2 17.56 -0.91 44.24
N ILE D 3 16.24 -0.94 44.09
CA ILE D 3 15.36 -1.02 45.25
C ILE D 3 15.52 -2.40 45.86
N GLN D 4 15.30 -2.51 47.18
CA GLN D 4 15.72 -3.65 47.98
C GLN D 4 15.08 -4.97 47.60
N ASN D 5 13.76 -5.10 47.76
CA ASN D 5 13.07 -6.33 47.35
C ASN D 5 12.40 -6.09 46.00
N ARG D 6 13.23 -6.11 44.97
CA ARG D 6 12.78 -5.84 43.60
C ARG D 6 12.50 -7.12 42.81
N GLU D 7 13.09 -8.25 43.21
CA GLU D 7 12.88 -9.53 42.53
C GLU D 7 11.44 -10.01 42.59
N ASN D 8 10.69 -9.63 43.62
CA ASN D 8 9.34 -10.15 43.83
C ASN D 8 8.30 -9.51 42.93
N LEU D 9 8.66 -8.47 42.18
CA LEU D 9 7.73 -7.79 41.30
C LEU D 9 8.29 -7.73 39.89
N GLN D 10 7.41 -7.59 38.91
CA GLN D 10 7.72 -7.63 37.49
C GLN D 10 8.66 -6.49 37.10
N LEU D 11 9.60 -6.76 36.20
CA LEU D 11 10.71 -5.85 35.91
C LEU D 11 10.51 -5.05 34.64
N PHE D 12 9.33 -5.09 34.04
CA PHE D 12 9.03 -4.30 32.85
C PHE D 12 7.55 -3.95 32.86
N PRO D 13 7.19 -2.72 32.46
CA PRO D 13 5.81 -2.27 32.69
C PRO D 13 4.83 -2.64 31.59
N PHE D 14 4.69 -3.94 31.31
CA PHE D 14 3.81 -4.37 30.23
C PHE D 14 2.99 -5.54 30.73
N HIS D 15 1.82 -5.73 30.11
CA HIS D 15 0.81 -6.64 30.62
C HIS D 15 0.91 -7.99 29.91
N LEU D 16 1.11 -9.05 30.68
CA LEU D 16 1.13 -10.42 30.17
C LEU D 16 -0.25 -11.03 30.43
N VAL D 17 -1.00 -11.21 29.34
CA VAL D 17 -2.39 -11.65 29.45
C VAL D 17 -2.44 -13.13 29.79
N THR D 18 -3.39 -13.50 30.66
CA THR D 18 -3.62 -14.91 30.91
C THR D 18 -4.38 -15.54 29.75
N ASN D 19 -4.41 -16.87 29.74
CA ASN D 19 -4.98 -17.61 28.61
C ASN D 19 -6.51 -17.51 28.61
N SER D 20 -7.06 -17.08 27.47
CA SER D 20 -8.48 -16.79 27.34
C SER D 20 -9.07 -17.53 26.13
N PRO D 21 -10.33 -17.93 26.19
CA PRO D 21 -10.93 -18.73 25.11
C PRO D 21 -11.72 -17.94 24.06
N TRP D 22 -11.84 -16.63 24.19
CA TRP D 22 -12.80 -15.85 23.41
C TRP D 22 -12.46 -15.64 21.92
N PRO D 23 -11.15 -15.51 21.48
CA PRO D 23 -10.87 -15.47 20.04
C PRO D 23 -11.40 -16.62 19.21
N LEU D 24 -11.40 -17.84 19.75
CA LEU D 24 -11.95 -18.98 19.01
C LEU D 24 -13.46 -18.88 18.89
N THR D 25 -14.14 -18.42 19.95
CA THR D 25 -15.59 -18.40 19.96
C THR D 25 -16.14 -17.27 19.08
N THR D 26 -15.43 -16.14 19.02
CA THR D 26 -15.80 -15.07 18.07
C THR D 26 -15.71 -15.56 16.63
N SER D 27 -14.66 -16.30 16.30
CA SER D 27 -14.50 -16.83 14.95
C SER D 27 -15.56 -17.87 14.63
N LEU D 28 -15.90 -18.72 15.60
CA LEU D 28 -16.97 -19.69 15.40
C LEU D 28 -18.34 -19.05 15.29
N ALA D 29 -18.54 -17.87 15.89
CA ALA D 29 -19.80 -17.15 15.69
C ALA D 29 -19.85 -16.46 14.33
N LEU D 30 -18.72 -15.89 13.87
CA LEU D 30 -18.67 -15.28 12.55
C LEU D 30 -18.75 -16.29 11.40
N MET D 31 -18.25 -17.51 11.61
CA MET D 31 -18.49 -18.61 10.67
C MET D 31 -19.97 -18.84 10.45
N SER D 32 -20.73 -18.96 11.54
CA SER D 32 -22.17 -19.22 11.46
C SER D 32 -22.90 -18.04 10.85
N LEU D 33 -22.51 -16.81 11.21
CA LEU D 33 -23.16 -15.62 10.65
C LEU D 33 -22.93 -15.50 9.15
N ALA D 34 -21.70 -15.73 8.71
CA ALA D 34 -21.37 -15.63 7.28
C ALA D 34 -22.07 -16.70 6.47
N LEU D 35 -22.04 -17.96 6.93
CA LEU D 35 -22.68 -19.02 6.16
C LEU D 35 -24.20 -18.94 6.20
N THR D 36 -24.80 -18.59 7.34
CA THR D 36 -26.24 -18.44 7.41
C THR D 36 -26.74 -17.26 6.60
N LEU D 37 -26.04 -16.13 6.60
CA LEU D 37 -26.47 -15.02 5.75
C LEU D 37 -26.23 -15.33 4.27
N GLY D 38 -25.19 -16.10 3.94
CA GLY D 38 -25.03 -16.51 2.55
C GLY D 38 -26.08 -17.50 2.08
N LEU D 39 -26.64 -18.29 3.00
CA LEU D 39 -27.58 -19.33 2.62
C LEU D 39 -29.04 -18.90 2.66
N THR D 40 -29.48 -18.17 3.70
CA THR D 40 -30.90 -17.79 3.82
C THR D 40 -31.36 -16.82 2.74
N MET D 41 -30.44 -16.15 2.08
CA MET D 41 -30.76 -15.17 1.06
C MET D 41 -30.96 -15.81 -0.31
N HIS D 42 -30.81 -17.14 -0.40
CA HIS D 42 -31.02 -17.85 -1.65
C HIS D 42 -31.78 -19.16 -1.45
N GLY D 43 -32.61 -19.23 -0.41
CA GLY D 43 -33.30 -20.47 -0.08
C GLY D 43 -32.61 -21.25 1.02
N TYR D 44 -32.69 -22.58 0.94
CA TYR D 44 -31.80 -23.54 1.62
C TYR D 44 -31.93 -23.61 3.13
N ILE D 45 -32.58 -22.66 3.78
CA ILE D 45 -32.80 -22.70 5.22
C ILE D 45 -34.26 -22.44 5.53
N GLY D 46 -34.76 -21.29 5.08
CA GLY D 46 -36.16 -20.97 5.28
C GLY D 46 -36.46 -20.26 6.59
N ASN D 47 -36.16 -20.90 7.70
CA ASN D 47 -36.45 -20.33 9.01
C ASN D 47 -35.42 -19.25 9.34
N HIS D 48 -35.89 -18.09 9.79
CA HIS D 48 -35.03 -16.92 10.01
C HIS D 48 -34.61 -16.77 11.47
N LEU D 49 -34.59 -17.85 12.24
CA LEU D 49 -34.16 -17.77 13.64
C LEU D 49 -32.74 -18.30 13.86
N TRP D 50 -32.00 -18.58 12.80
CA TRP D 50 -30.59 -18.93 12.96
C TRP D 50 -29.69 -17.72 12.80
N LEU D 51 -30.09 -16.80 11.91
CA LEU D 51 -29.38 -15.54 11.73
C LEU D 51 -29.39 -14.70 13.00
N PHE D 52 -30.53 -14.67 13.69
CA PHE D 52 -30.66 -13.88 14.91
C PHE D 52 -29.82 -14.47 16.05
N LEU D 53 -29.74 -15.81 16.12
CA LEU D 53 -28.82 -16.45 17.06
C LEU D 53 -27.37 -16.10 16.74
N ALA D 54 -27.03 -16.04 15.45
CA ALA D 54 -25.65 -15.70 15.07
C ALA D 54 -25.27 -14.28 15.49
N ILE D 55 -26.16 -13.30 15.26
CA ILE D 55 -25.89 -11.92 15.67
C ILE D 55 -25.84 -11.79 17.20
N SER D 56 -26.74 -12.48 17.90
CA SER D 56 -26.76 -12.44 19.36
C SER D 56 -25.49 -13.04 19.95
N LEU D 57 -25.01 -14.16 19.38
CA LEU D 57 -23.78 -14.77 19.86
C LEU D 57 -22.55 -13.93 19.56
N VAL D 58 -22.50 -13.23 18.42
CA VAL D 58 -21.41 -12.30 18.15
C VAL D 58 -21.37 -11.19 19.21
N LEU D 59 -22.53 -10.54 19.45
CA LEU D 59 -22.55 -9.41 20.39
C LEU D 59 -22.24 -9.84 21.82
N SER D 60 -22.70 -11.04 22.22
CA SER D 60 -22.34 -11.56 23.52
C SER D 60 -20.86 -11.91 23.60
N SER D 61 -20.23 -12.29 22.47
CA SER D 61 -18.80 -12.55 22.47
C SER D 61 -17.98 -11.28 22.70
N ILE D 62 -18.34 -10.17 22.04
CA ILE D 62 -17.67 -8.89 22.34
C ILE D 62 -17.90 -8.47 23.80
N PHE D 63 -19.13 -8.61 24.32
CA PHE D 63 -19.41 -8.26 25.71
C PHE D 63 -18.57 -9.10 26.69
N LEU D 64 -18.37 -10.38 26.38
CA LEU D 64 -17.56 -11.26 27.20
C LEU D 64 -16.06 -10.97 27.09
N TRP D 65 -15.60 -10.42 25.96
CA TRP D 65 -14.24 -9.84 25.96
C TRP D 65 -14.13 -8.67 26.93
N VAL D 66 -15.06 -7.71 26.82
CA VAL D 66 -14.96 -6.45 27.55
C VAL D 66 -15.10 -6.66 29.07
N ARG D 67 -15.79 -7.73 29.50
CA ARG D 67 -15.72 -8.09 30.92
C ARG D 67 -14.29 -8.36 31.39
N ASP D 68 -13.57 -9.23 30.68
CA ASP D 68 -12.19 -9.53 31.07
C ASP D 68 -11.24 -8.37 30.84
N VAL D 69 -11.58 -7.42 29.98
CA VAL D 69 -10.84 -6.16 29.93
C VAL D 69 -11.08 -5.30 31.17
N VAL D 70 -12.31 -5.25 31.69
CA VAL D 70 -12.59 -4.48 32.90
C VAL D 70 -11.97 -5.08 34.17
N ILE D 71 -12.10 -6.41 34.38
CA ILE D 71 -11.55 -7.06 35.58
C ILE D 71 -10.04 -6.97 35.67
N GLU D 72 -9.33 -6.98 34.54
CA GLU D 72 -7.88 -6.85 34.53
C GLU D 72 -7.42 -5.42 34.80
N GLY D 73 -8.33 -4.45 34.87
CA GLY D 73 -7.94 -3.08 35.08
C GLY D 73 -8.40 -2.44 36.38
N THR D 74 -9.56 -2.84 36.88
CA THR D 74 -10.05 -2.29 38.13
C THR D 74 -9.89 -3.24 39.31
N TYR D 75 -9.56 -4.50 39.07
CA TYR D 75 -9.43 -5.45 40.17
C TYR D 75 -8.02 -6.01 40.29
N LEU D 76 -7.47 -6.56 39.20
CA LEU D 76 -6.10 -7.06 39.25
C LEU D 76 -5.10 -5.92 39.33
N GLY D 77 -5.33 -4.85 38.59
CA GLY D 77 -4.51 -3.67 38.68
C GLY D 77 -3.29 -3.69 37.79
N ASP D 78 -3.42 -4.14 36.56
CA ASP D 78 -2.32 -4.13 35.60
C ASP D 78 -2.71 -3.19 34.46
N HIS D 79 -2.53 -1.89 34.70
CA HIS D 79 -2.62 -0.85 33.69
C HIS D 79 -1.68 0.26 34.16
N THR D 80 -0.45 0.21 33.67
CA THR D 80 0.53 1.24 34.00
C THR D 80 0.39 2.41 33.05
N ILE D 81 1.36 3.33 33.07
CA ILE D 81 1.28 4.50 32.20
C ILE D 81 1.52 4.12 30.74
N ALA D 82 2.34 3.10 30.49
CA ALA D 82 2.65 2.70 29.13
C ALA D 82 1.48 1.99 28.46
N VAL D 83 0.79 1.12 29.20
CA VAL D 83 -0.31 0.33 28.65
C VAL D 83 -1.50 1.22 28.28
N ARG D 84 -1.75 2.27 29.06
CA ARG D 84 -2.77 3.26 28.74
C ARG D 84 -2.47 4.03 27.47
N LYS D 85 -1.19 4.38 27.25
CA LYS D 85 -0.78 5.01 26.00
C LYS D 85 -0.97 4.06 24.82
N GLY D 86 -0.68 2.77 25.01
CA GLY D 86 -0.92 1.79 23.96
C GLY D 86 -2.39 1.66 23.60
N LEU D 87 -3.27 1.67 24.61
CA LEU D 87 -4.70 1.58 24.36
C LEU D 87 -5.23 2.82 23.64
N ASN D 88 -4.71 4.01 24.00
CA ASN D 88 -5.12 5.23 23.32
C ASN D 88 -4.69 5.26 21.86
N ILE D 89 -3.44 4.85 21.57
CA ILE D 89 -2.96 4.74 20.20
C ILE D 89 -3.79 3.75 19.39
N GLY D 90 -4.12 2.60 20.01
CA GLY D 90 -4.97 1.61 19.40
C GLY D 90 -6.35 2.12 19.01
N PHE D 91 -7.04 2.78 19.95
CA PHE D 91 -8.37 3.32 19.65
C PHE D 91 -8.36 4.42 18.59
N MET D 92 -7.31 5.25 18.58
CA MET D 92 -7.17 6.24 17.52
C MET D 92 -7.00 5.59 16.15
N LEU D 93 -6.28 4.47 16.07
CA LEU D 93 -6.12 3.78 14.80
C LEU D 93 -7.34 2.93 14.39
N PHE D 94 -8.39 2.79 15.20
CA PHE D 94 -9.68 2.31 14.75
C PHE D 94 -10.63 3.42 14.36
N VAL D 95 -10.57 4.57 15.03
CA VAL D 95 -11.39 5.72 14.64
C VAL D 95 -10.96 6.19 13.25
N LEU D 96 -9.65 6.18 12.98
CA LEU D 96 -9.14 6.57 11.66
C LEU D 96 -9.61 5.60 10.58
N SER D 97 -9.66 4.30 10.88
CA SER D 97 -10.13 3.34 9.89
C SER D 97 -11.63 3.44 9.66
N GLU D 98 -12.40 3.77 10.70
CA GLU D 98 -13.84 3.94 10.52
C GLU D 98 -14.21 5.26 9.85
N ILE D 99 -13.31 6.24 9.80
CA ILE D 99 -13.52 7.42 8.97
C ILE D 99 -13.41 7.09 7.49
N LEU D 100 -12.43 6.27 7.09
CA LEU D 100 -12.14 6.03 5.68
C LEU D 100 -13.17 5.16 4.97
N ILE D 101 -14.08 4.50 5.70
CA ILE D 101 -15.25 3.89 5.07
C ILE D 101 -16.21 4.95 4.57
N PHE D 102 -16.38 6.05 5.30
CA PHE D 102 -17.23 7.15 4.87
C PHE D 102 -16.64 7.94 3.71
N ALA D 103 -15.31 7.90 3.52
CA ALA D 103 -14.69 8.58 2.39
C ALA D 103 -15.09 7.92 1.07
N ALA D 104 -15.13 6.59 1.04
CA ALA D 104 -15.54 5.86 -0.16
C ALA D 104 -17.01 6.10 -0.47
N LEU D 105 -17.85 6.21 0.57
CA LEU D 105 -19.26 6.48 0.36
C LEU D 105 -19.51 7.93 -0.07
N PHE D 106 -18.70 8.86 0.40
CA PHE D 106 -18.80 10.23 -0.09
C PHE D 106 -18.33 10.35 -1.54
N TRP D 107 -17.29 9.59 -1.92
CA TRP D 107 -16.82 9.58 -3.29
C TRP D 107 -17.76 8.80 -4.21
N SER D 108 -18.58 7.90 -3.67
CA SER D 108 -19.66 7.32 -4.44
C SER D 108 -20.84 8.26 -4.62
N TYR D 109 -20.90 9.35 -3.87
CA TYR D 109 -21.91 10.38 -4.08
C TYR D 109 -21.49 11.42 -5.10
N PHE D 110 -20.24 11.89 -5.06
CA PHE D 110 -19.77 12.92 -5.96
C PHE D 110 -19.45 12.40 -7.35
N HIS D 111 -19.35 11.09 -7.53
CA HIS D 111 -19.15 10.50 -8.84
C HIS D 111 -20.45 10.37 -9.62
N SER D 112 -21.58 10.54 -8.95
CA SER D 112 -22.87 10.53 -9.61
C SER D 112 -23.57 11.88 -9.55
N ALA D 113 -23.34 12.65 -8.48
CA ALA D 113 -23.94 13.98 -8.37
C ALA D 113 -23.39 14.92 -9.42
N MET D 114 -22.08 14.89 -9.63
CA MET D 114 -21.45 15.68 -10.68
C MET D 114 -21.22 14.81 -11.92
N GLY D 115 -22.18 14.87 -12.84
CA GLY D 115 -22.09 14.07 -14.04
C GLY D 115 -23.10 12.93 -14.21
N PRO D 116 -24.40 13.14 -13.94
CA PRO D 116 -25.34 12.01 -13.96
C PRO D 116 -25.56 11.47 -15.37
N THR D 117 -26.03 10.22 -15.44
CA THR D 117 -26.10 9.49 -16.69
C THR D 117 -27.26 9.97 -17.55
N ILE D 118 -27.53 9.22 -18.62
CA ILE D 118 -28.56 9.60 -19.58
C ILE D 118 -29.89 8.93 -19.25
N GLU D 119 -29.85 7.84 -18.49
CA GLU D 119 -31.05 7.08 -18.17
C GLU D 119 -31.94 7.86 -17.21
N ILE D 120 -31.38 8.28 -16.08
CA ILE D 120 -31.90 9.43 -15.35
C ILE D 120 -31.75 10.61 -16.29
N GLY D 121 -32.84 11.34 -16.55
CA GLY D 121 -32.73 12.59 -17.28
C GLY D 121 -31.89 13.52 -16.44
N CYS D 122 -30.88 14.18 -17.04
CA CYS D 122 -29.73 14.66 -16.29
C CYS D 122 -30.10 15.74 -15.29
N GLN D 123 -30.27 15.31 -14.05
CA GLN D 123 -30.90 16.06 -12.96
C GLN D 123 -30.66 15.32 -11.65
N TRP D 124 -30.22 16.04 -10.62
CA TRP D 124 -30.33 15.53 -9.27
C TRP D 124 -31.65 16.04 -8.68
N PRO D 125 -31.96 15.67 -7.44
CA PRO D 125 -32.91 14.57 -7.23
C PRO D 125 -33.87 14.41 -8.38
N PRO D 126 -33.84 13.23 -9.03
CA PRO D 126 -34.47 13.07 -10.35
C PRO D 126 -36.00 13.13 -10.31
N VAL D 127 -36.59 13.07 -11.50
CA VAL D 127 -38.01 13.34 -11.65
C VAL D 127 -38.82 12.20 -11.04
N GLY D 128 -39.74 12.56 -10.15
CA GLY D 128 -40.54 11.58 -9.45
C GLY D 128 -40.08 11.24 -8.05
N ILE D 129 -38.98 11.82 -7.58
CA ILE D 129 -38.46 11.58 -6.24
C ILE D 129 -38.46 12.91 -5.51
N THR D 130 -39.30 13.03 -4.49
CA THR D 130 -39.34 14.22 -3.65
C THR D 130 -38.40 14.03 -2.47
N SER D 131 -37.45 14.93 -2.31
CA SER D 131 -36.40 14.79 -1.31
C SER D 131 -36.93 15.18 0.07
N ILE D 132 -36.05 15.14 1.07
CA ILE D 132 -36.41 15.42 2.45
C ILE D 132 -36.02 16.87 2.73
N LYS D 133 -36.99 17.65 3.20
CA LYS D 133 -36.77 19.08 3.43
C LYS D 133 -35.85 19.28 4.64
N PRO D 134 -34.78 20.05 4.51
CA PRO D 134 -33.82 20.19 5.62
C PRO D 134 -34.17 21.26 6.64
N THR D 135 -35.40 21.78 6.62
CA THR D 135 -35.87 22.70 7.64
C THR D 135 -36.92 22.03 8.52
N GLU D 136 -36.83 20.71 8.66
CA GLU D 136 -37.73 19.89 9.44
C GLU D 136 -36.83 19.11 10.39
N LEU D 137 -37.25 17.92 10.85
CA LEU D 137 -36.53 17.01 11.75
C LEU D 137 -35.01 16.87 11.58
N PRO D 138 -34.41 16.98 10.35
CA PRO D 138 -32.94 17.08 10.30
C PRO D 138 -32.30 18.35 10.89
N LEU D 139 -33.08 19.33 11.36
CA LEU D 139 -32.55 20.36 12.24
C LEU D 139 -32.54 19.96 13.69
N LEU D 140 -33.61 19.26 14.12
CA LEU D 140 -33.74 18.84 15.50
C LEU D 140 -32.63 17.88 15.89
N ASN D 141 -32.28 16.96 14.98
CA ASN D 141 -31.21 16.01 15.24
C ASN D 141 -29.85 16.70 15.38
N THR D 142 -29.61 17.73 14.56
CA THR D 142 -28.35 18.47 14.62
C THR D 142 -28.23 19.23 15.94
N ILE D 143 -29.31 19.88 16.38
CA ILE D 143 -29.25 20.62 17.64
C ILE D 143 -29.17 19.68 18.85
N ILE D 144 -29.84 18.53 18.81
CA ILE D 144 -29.66 17.50 19.83
C ILE D 144 -28.22 16.96 19.88
N LEU D 145 -27.58 16.74 18.74
CA LEU D 145 -26.17 16.35 18.74
C LEU D 145 -25.23 17.43 19.27
N LEU D 146 -25.46 18.69 18.91
CA LEU D 146 -24.62 19.76 19.45
C LEU D 146 -24.83 19.95 20.95
N ALA D 147 -26.04 19.67 21.45
CA ALA D 147 -26.26 19.74 22.89
C ALA D 147 -25.60 18.56 23.61
N SER D 148 -25.64 17.37 23.00
CA SER D 148 -25.01 16.21 23.61
C SER D 148 -23.50 16.32 23.60
N GLY D 149 -22.95 17.04 22.62
CA GLY D 149 -21.52 17.33 22.65
C GLY D 149 -21.14 18.32 23.75
N ALA D 150 -22.10 19.11 24.21
CA ALA D 150 -21.86 20.08 25.26
C ALA D 150 -22.09 19.52 26.66
N THR D 151 -22.98 18.54 26.79
CA THR D 151 -23.30 18.00 28.11
C THR D 151 -22.22 17.07 28.64
N VAL D 152 -21.51 16.33 27.78
CA VAL D 152 -20.43 15.47 28.25
C VAL D 152 -19.19 16.22 28.68
N THR D 153 -19.05 17.49 28.27
CA THR D 153 -17.96 18.31 28.79
C THR D 153 -18.21 18.74 30.22
N TRP D 154 -19.47 18.81 30.63
CA TRP D 154 -19.83 19.02 32.02
C TRP D 154 -19.69 17.74 32.84
N ALA D 155 -19.60 16.58 32.19
CA ALA D 155 -19.37 15.32 32.86
C ALA D 155 -17.89 14.99 33.01
N HIS D 156 -17.05 15.37 32.06
CA HIS D 156 -15.62 15.15 32.20
C HIS D 156 -14.95 16.20 33.07
N HIS D 157 -15.59 17.36 33.27
CA HIS D 157 -15.06 18.40 34.13
C HIS D 157 -15.68 18.37 35.51
N SER D 158 -16.53 17.38 35.79
CA SER D 158 -17.03 17.15 37.14
C SER D 158 -16.42 15.93 37.79
N ILE D 159 -15.75 15.06 37.04
CA ILE D 159 -14.98 13.96 37.61
C ILE D 159 -13.57 14.40 38.00
N LEU D 160 -13.11 15.55 37.47
CA LEU D 160 -11.82 16.09 37.84
C LEU D 160 -11.89 17.04 39.03
N TYR D 161 -13.08 17.55 39.35
CA TYR D 161 -13.29 18.39 40.52
C TYR D 161 -13.92 17.61 41.68
N LYS D 162 -14.06 16.28 41.51
CA LYS D 162 -14.56 15.35 42.53
C LYS D 162 -15.98 15.68 42.96
N ASP D 163 -16.88 15.84 41.98
CA ASP D 163 -18.31 15.96 42.22
C ASP D 163 -18.99 14.76 41.57
N ARG D 164 -19.60 13.91 42.38
CA ARG D 164 -20.20 12.69 41.86
C ARG D 164 -21.56 12.96 41.23
N GLN D 165 -22.45 13.66 41.95
CA GLN D 165 -23.72 14.12 41.37
C GLN D 165 -23.41 15.33 40.50
N GLY D 166 -23.24 15.06 39.21
CA GLY D 166 -22.75 16.04 38.27
C GLY D 166 -21.90 15.34 37.23
N THR D 167 -21.57 14.09 37.52
CA THR D 167 -21.08 13.16 36.51
C THR D 167 -22.16 12.17 36.10
N LEU D 168 -22.98 11.73 37.04
CA LEU D 168 -24.10 10.83 36.77
C LEU D 168 -25.23 11.53 36.01
N VAL D 169 -25.51 12.80 36.34
CA VAL D 169 -26.62 13.50 35.71
C VAL D 169 -26.30 13.85 34.25
N GLY D 170 -25.08 14.27 33.97
CA GLY D 170 -24.67 14.61 32.62
C GLY D 170 -24.64 13.42 31.68
N LEU D 171 -24.15 12.28 32.17
CA LEU D 171 -24.17 11.05 31.39
C LEU D 171 -25.59 10.55 31.15
N PHE D 172 -26.48 10.74 32.12
CA PHE D 172 -27.89 10.39 31.95
C PHE D 172 -28.55 11.27 30.89
N ILE D 173 -28.26 12.57 30.91
CA ILE D 173 -28.84 13.49 29.93
C ILE D 173 -28.32 13.21 28.53
N THR D 174 -27.03 12.86 28.42
CA THR D 174 -26.47 12.49 27.13
C THR D 174 -27.08 11.19 26.61
N THR D 175 -27.30 10.22 27.50
CA THR D 175 -27.88 8.94 27.09
C THR D 175 -29.33 9.11 26.63
N LEU D 176 -30.08 10.00 27.28
CA LEU D 176 -31.38 10.34 26.69
C LEU D 176 -31.27 11.31 25.54
N LEU D 177 -30.13 11.89 25.22
CA LEU D 177 -30.02 12.77 24.08
C LEU D 177 -29.40 12.07 22.88
N ILE D 178 -29.25 10.74 22.92
CA ILE D 178 -28.91 9.95 21.75
C ILE D 178 -30.03 9.00 21.37
N ILE D 179 -30.82 8.55 22.35
CA ILE D 179 -32.04 7.79 22.09
C ILE D 179 -33.06 8.58 21.28
N LEU D 180 -33.21 9.89 21.55
CA LEU D 180 -34.08 10.73 20.75
C LEU D 180 -33.61 10.91 19.32
N PHE D 181 -32.30 10.85 19.06
CA PHE D 181 -31.80 10.91 17.68
C PHE D 181 -32.24 9.69 16.89
N VAL D 182 -32.11 8.50 17.48
CA VAL D 182 -32.53 7.26 16.85
C VAL D 182 -34.05 7.24 16.67
N GLY D 183 -34.79 7.73 17.67
CA GLY D 183 -36.23 7.78 17.56
C GLY D 183 -36.72 8.76 16.50
N CYS D 184 -35.99 9.86 16.31
CA CYS D 184 -36.35 10.80 15.26
C CYS D 184 -35.98 10.26 13.89
N GLN D 185 -34.84 9.58 13.78
CA GLN D 185 -34.39 9.10 12.48
C GLN D 185 -35.07 7.81 12.05
N VAL D 186 -35.74 7.10 12.96
CA VAL D 186 -36.61 6.00 12.58
C VAL D 186 -38.01 6.49 12.20
N LEU D 187 -38.37 7.70 12.60
CA LEU D 187 -39.60 8.34 12.14
C LEU D 187 -39.43 9.04 10.81
N GLU D 188 -38.20 9.40 10.44
CA GLU D 188 -37.89 9.98 9.15
C GLU D 188 -37.66 8.91 8.08
N TYR D 189 -37.56 7.65 8.50
CA TYR D 189 -37.55 6.54 7.57
C TYR D 189 -38.90 5.86 7.40
N THR D 190 -39.92 6.27 8.14
CA THR D 190 -41.26 5.75 7.94
C THR D 190 -42.19 6.78 7.32
N TRP D 191 -41.72 8.00 7.09
CA TRP D 191 -42.52 9.07 6.52
C TRP D 191 -41.83 9.64 5.29
N ALA D 192 -41.14 8.78 4.56
CA ALA D 192 -40.38 9.16 3.38
C ALA D 192 -41.13 8.68 2.15
N THR D 193 -40.72 9.20 0.99
CA THR D 193 -41.45 8.99 -0.25
C THR D 193 -40.63 8.06 -1.17
N PHE D 194 -39.40 7.76 -0.77
CA PHE D 194 -38.49 7.02 -1.65
C PHE D 194 -37.67 6.02 -0.86
N THR D 195 -37.48 4.83 -1.44
CA THR D 195 -36.86 3.68 -0.77
C THR D 195 -35.42 3.49 -1.21
N ILE D 196 -34.86 2.35 -0.79
CA ILE D 196 -33.50 1.97 -1.15
C ILE D 196 -33.40 1.54 -2.60
N ALA D 197 -34.52 1.20 -3.24
CA ALA D 197 -34.50 0.66 -4.58
C ALA D 197 -35.09 1.60 -5.63
N ASP D 198 -35.21 2.90 -5.34
CA ASP D 198 -36.04 3.76 -6.20
C ASP D 198 -35.18 4.56 -7.17
N SER D 199 -33.86 4.55 -6.97
CA SER D 199 -32.87 5.22 -7.81
C SER D 199 -31.47 4.87 -7.35
N VAL D 200 -30.46 5.49 -7.97
CA VAL D 200 -29.12 5.52 -7.40
C VAL D 200 -29.14 6.54 -6.26
N PHE D 201 -30.07 7.50 -6.31
CA PHE D 201 -30.24 8.50 -5.27
C PHE D 201 -30.83 7.94 -3.98
N GLY D 202 -31.81 7.05 -4.06
CA GLY D 202 -32.39 6.47 -2.87
C GLY D 202 -31.56 5.33 -2.34
N SER D 203 -30.58 4.91 -3.12
CA SER D 203 -29.71 3.81 -2.76
C SER D 203 -28.44 4.25 -2.06
N ILE D 204 -27.97 5.47 -2.31
CA ILE D 204 -26.80 6.02 -1.62
C ILE D 204 -27.20 6.87 -0.42
N PHE D 205 -28.45 7.34 -0.36
CA PHE D 205 -28.92 8.14 0.77
C PHE D 205 -29.23 7.25 1.97
N TYR D 206 -29.68 6.02 1.74
CA TYR D 206 -29.93 5.06 2.80
C TYR D 206 -28.74 4.13 3.03
N ALA D 207 -27.58 4.49 2.50
CA ALA D 207 -26.37 3.71 2.75
C ALA D 207 -25.26 4.54 3.34
N GLY D 208 -25.44 5.84 3.52
CA GLY D 208 -24.48 6.68 4.22
C GLY D 208 -25.08 7.17 5.51
N THR D 209 -26.41 7.28 5.55
CA THR D 209 -27.14 7.64 6.75
C THR D 209 -27.76 6.41 7.42
N GLY D 210 -27.30 5.22 7.07
CA GLY D 210 -27.72 4.00 7.72
C GLY D 210 -26.57 3.36 8.47
N LEU D 211 -25.35 3.59 7.99
CA LEU D 211 -24.15 3.21 8.73
C LEU D 211 -23.98 4.08 9.97
N HIS D 212 -24.38 5.35 9.88
CA HIS D 212 -24.35 6.26 11.02
C HIS D 212 -25.32 5.81 12.11
N PHE D 213 -26.45 5.23 11.71
CA PHE D 213 -27.44 4.69 12.64
C PHE D 213 -26.85 3.55 13.48
N ILE D 214 -26.14 2.63 12.83
CA ILE D 214 -25.47 1.53 13.51
C ILE D 214 -24.34 2.06 14.38
N HIS D 215 -23.64 3.10 13.93
CA HIS D 215 -22.57 3.67 14.72
C HIS D 215 -23.08 4.44 15.94
N MET D 216 -24.33 4.91 15.93
CA MET D 216 -24.89 5.59 17.09
C MET D 216 -25.70 4.70 18.03
N VAL D 217 -26.02 3.46 17.64
CA VAL D 217 -26.45 2.50 18.66
C VAL D 217 -25.28 2.18 19.62
N MET D 218 -24.06 2.18 19.08
CA MET D 218 -22.87 1.86 19.86
C MET D 218 -22.60 2.90 20.94
N LEU D 219 -22.94 4.18 20.68
CA LEU D 219 -22.78 5.18 21.74
C LEU D 219 -23.79 4.99 22.87
N ILE D 220 -25.02 4.56 22.57
CA ILE D 220 -25.98 4.26 23.61
C ILE D 220 -25.49 3.13 24.51
N VAL D 221 -24.94 2.08 23.90
CA VAL D 221 -24.35 1.00 24.70
C VAL D 221 -23.12 1.46 25.50
N MET D 222 -22.20 2.20 24.86
CA MET D 222 -20.97 2.63 25.52
C MET D 222 -21.22 3.67 26.61
N LEU D 223 -22.34 4.39 26.54
CA LEU D 223 -22.69 5.33 27.60
C LEU D 223 -23.47 4.66 28.71
N ALA D 224 -24.21 3.59 28.41
CA ALA D 224 -24.80 2.79 29.48
C ALA D 224 -23.73 2.12 30.34
N ILE D 225 -22.67 1.59 29.71
CA ILE D 225 -21.61 0.95 30.48
C ILE D 225 -20.68 2.00 31.13
N CYS D 226 -20.82 3.27 30.76
CA CYS D 226 -20.11 4.33 31.47
C CYS D 226 -20.89 4.97 32.60
N TYR D 227 -22.22 4.96 32.54
CA TYR D 227 -23.02 5.32 33.69
C TYR D 227 -23.02 4.23 34.75
N ALA D 228 -23.18 2.97 34.35
CA ALA D 228 -23.26 1.85 35.28
C ALA D 228 -21.94 1.55 35.97
N ARG D 229 -20.81 1.82 35.33
CA ARG D 229 -19.52 1.58 35.96
C ARG D 229 -19.09 2.75 36.84
N MET D 230 -19.76 3.89 36.73
CA MET D 230 -19.54 5.03 37.62
C MET D 230 -20.44 4.95 38.84
N TYR D 231 -21.63 4.36 38.68
CA TYR D 231 -22.53 4.16 39.82
C TYR D 231 -21.96 3.20 40.85
N PHE D 232 -21.14 2.24 40.41
CA PHE D 232 -20.61 1.20 41.28
C PHE D 232 -19.16 1.45 41.71
N TYR D 233 -18.71 2.71 41.64
CA TYR D 233 -17.40 3.19 42.09
C TYR D 233 -16.23 2.48 41.42
N HIS D 234 -16.13 2.55 40.09
CA HIS D 234 -14.93 2.08 39.42
C HIS D 234 -14.04 3.20 38.90
N PHE D 235 -14.46 4.45 38.92
CA PHE D 235 -13.73 5.53 38.26
C PHE D 235 -13.07 6.40 39.32
N THR D 236 -11.77 6.58 39.18
CA THR D 236 -11.03 7.53 40.00
C THR D 236 -10.88 8.85 39.24
N SER D 237 -10.31 9.84 39.92
CA SER D 237 -10.19 11.18 39.34
C SER D 237 -9.03 11.32 38.37
N ASN D 238 -8.17 10.31 38.25
CA ASN D 238 -7.06 10.38 37.29
C ASN D 238 -6.91 9.13 36.43
N HIS D 239 -7.65 8.06 36.69
CA HIS D 239 -7.54 6.81 35.94
C HIS D 239 -8.93 6.43 35.46
N HIS D 240 -9.33 6.99 34.32
CA HIS D 240 -10.59 6.64 33.66
C HIS D 240 -10.33 6.70 32.16
N LEU D 241 -10.37 5.53 31.50
CA LEU D 241 -10.14 5.47 30.07
C LEU D 241 -11.39 5.01 29.32
N GLY D 242 -12.47 4.76 30.05
CA GLY D 242 -13.73 4.46 29.41
C GLY D 242 -14.43 5.73 28.99
N LEU D 243 -14.29 6.79 29.77
CA LEU D 243 -14.90 8.07 29.41
C LEU D 243 -14.16 8.71 28.24
N GLU D 244 -12.82 8.62 28.25
CA GLU D 244 -12.01 9.31 27.24
C GLU D 244 -12.23 8.73 25.85
N THR D 245 -12.49 7.43 25.75
CA THR D 245 -12.78 6.82 24.46
C THR D 245 -14.20 7.10 23.99
N THR D 246 -15.16 7.22 24.91
CA THR D 246 -16.52 7.57 24.50
C THR D 246 -16.65 9.04 24.12
N ILE D 247 -15.80 9.93 24.65
CA ILE D 247 -15.83 11.33 24.25
C ILE D 247 -15.23 11.54 22.86
N LEU D 248 -14.14 10.86 22.52
CA LEU D 248 -13.52 10.97 21.21
C LEU D 248 -14.37 10.33 20.12
N TYR D 249 -15.17 9.34 20.47
CA TYR D 249 -16.07 8.69 19.52
C TYR D 249 -17.32 9.51 19.23
N LEU D 250 -17.79 10.29 20.21
CA LEU D 250 -18.98 11.10 20.00
C LEU D 250 -18.70 12.30 19.10
N HIS D 251 -17.56 12.95 19.29
CA HIS D 251 -17.23 14.17 18.56
C HIS D 251 -16.95 13.91 17.08
N VAL D 252 -16.30 12.78 16.77
CA VAL D 252 -16.11 12.35 15.39
C VAL D 252 -17.44 12.12 14.70
N LEU D 253 -18.40 11.53 15.40
CA LEU D 253 -19.73 11.32 14.84
C LEU D 253 -20.49 12.63 14.65
N ASP D 254 -20.29 13.61 15.52
CA ASP D 254 -20.89 14.93 15.32
C ASP D 254 -20.32 15.61 14.07
N ILE D 255 -19.00 15.56 13.90
CA ILE D 255 -18.37 16.18 12.74
C ILE D 255 -18.78 15.46 11.45
N ILE D 256 -18.92 14.13 11.50
CA ILE D 256 -19.41 13.37 10.36
C ILE D 256 -20.85 13.72 10.02
N TRP D 257 -21.71 13.89 11.02
CA TRP D 257 -23.08 14.31 10.79
C TRP D 257 -23.18 15.72 10.20
N LEU D 258 -22.26 16.61 10.58
CA LEU D 258 -22.24 17.92 9.96
C LEU D 258 -21.75 17.91 8.52
N PHE D 259 -21.20 16.78 8.03
CA PHE D 259 -20.90 16.61 6.62
C PHE D 259 -21.91 15.72 5.91
N LEU D 260 -22.81 15.07 6.65
CA LEU D 260 -23.92 14.33 6.09
C LEU D 260 -25.16 15.18 5.98
N TYR D 261 -25.08 16.44 6.38
CA TYR D 261 -26.20 17.36 6.37
C TYR D 261 -26.05 18.47 5.35
N ILE D 262 -24.83 18.82 4.96
CA ILE D 262 -24.60 19.79 3.91
C ILE D 262 -24.50 19.14 2.55
N VAL D 263 -24.05 17.89 2.48
CA VAL D 263 -23.87 17.19 1.21
C VAL D 263 -25.08 16.35 0.83
N PHE D 264 -25.74 15.75 1.78
CA PHE D 264 -26.83 14.82 1.49
C PHE D 264 -28.19 15.48 1.55
N TYR D 265 -28.41 16.42 2.47
CA TYR D 265 -29.74 16.98 2.71
C TYR D 265 -29.94 18.35 2.09
N TRP D 266 -28.89 19.18 2.01
CA TRP D 266 -29.05 20.54 1.50
C TRP D 266 -28.67 20.62 0.03
N TRP D 267 -27.47 20.20 -0.31
CA TRP D 267 -26.98 20.30 -1.68
C TRP D 267 -27.64 19.26 -2.56
N GLY D 268 -28.49 19.72 -3.47
CA GLY D 268 -29.13 18.84 -4.43
C GLY D 268 -29.06 19.36 -5.85
N CYS D 269 -28.64 20.61 -6.00
CA CYS D 269 -28.53 21.23 -7.33
C CYS D 269 -27.47 22.32 -7.33
N GLN E 31 -4.37 -7.89 50.76
CA GLN E 31 -4.69 -9.11 51.47
C GLN E 31 -4.01 -9.09 52.83
N PHE E 32 -3.14 -8.11 53.02
CA PHE E 32 -2.35 -7.97 54.25
C PHE E 32 -2.07 -6.50 54.53
N LYS E 33 -1.05 -6.23 55.34
CA LYS E 33 -0.71 -4.88 55.75
C LYS E 33 -0.32 -4.00 54.56
N THR E 34 -0.83 -2.78 54.55
CA THR E 34 -0.69 -1.88 53.41
C THR E 34 0.54 -1.02 53.57
N ALA E 35 1.23 -0.76 52.47
CA ALA E 35 2.46 0.00 52.48
C ALA E 35 2.18 1.49 52.52
N THR E 36 3.20 2.25 52.93
CA THR E 36 3.16 3.70 52.93
C THR E 36 4.27 4.28 52.08
N SER E 37 5.41 3.60 52.01
CA SER E 37 6.55 3.98 51.18
C SER E 37 7.08 2.71 50.56
N ILE E 38 7.92 2.86 49.53
CA ILE E 38 8.54 1.65 48.99
C ILE E 38 9.82 1.34 49.78
N ALA E 39 9.61 0.85 51.00
CA ALA E 39 10.62 0.24 51.83
C ALA E 39 9.93 -0.92 52.54
N GLU E 40 8.61 -0.92 52.45
CA GLU E 40 7.72 -1.84 53.15
C GLU E 40 6.93 -2.67 52.14
N VAL E 41 7.46 -2.81 50.93
CA VAL E 41 6.78 -3.52 49.86
C VAL E 41 7.55 -4.81 49.57
N GLU E 42 7.08 -5.92 50.12
CA GLU E 42 7.72 -7.22 49.94
C GLU E 42 7.01 -8.11 48.93
N GLY E 43 6.10 -7.54 48.14
CA GLY E 43 5.40 -8.32 47.14
C GLY E 43 4.13 -7.62 46.72
N LEU E 44 3.25 -8.41 46.10
CA LEU E 44 1.92 -7.95 45.71
C LEU E 44 0.91 -8.09 46.84
N GLU E 45 1.35 -8.56 48.00
CA GLU E 45 0.49 -8.77 49.15
C GLU E 45 0.42 -7.55 50.05
N ASN E 46 1.17 -6.50 49.76
CA ASN E 46 1.23 -5.30 50.58
C ASN E 46 0.71 -4.07 49.86
N LEU E 47 -0.04 -4.24 48.77
CA LEU E 47 -0.39 -3.14 47.89
C LEU E 47 -1.88 -3.16 47.55
N VAL E 48 -2.75 -3.30 48.54
CA VAL E 48 -4.20 -3.19 48.31
C VAL E 48 -4.72 -1.81 48.69
N GLY E 49 -4.49 -1.38 49.93
CA GLY E 49 -4.81 -0.03 50.31
C GLY E 49 -6.11 0.10 51.07
N PRO E 50 -6.40 1.30 51.57
CA PRO E 50 -7.66 1.56 52.25
C PRO E 50 -8.78 1.77 51.24
N GLY E 51 -9.96 2.15 51.73
CA GLY E 51 -11.13 2.31 50.90
C GLY E 51 -11.61 3.75 50.85
N ALA E 52 -12.36 4.04 49.79
CA ALA E 52 -13.02 5.34 49.66
C ALA E 52 -14.29 5.37 50.51
N LYS E 53 -14.88 6.55 50.60
CA LYS E 53 -16.09 6.75 51.39
C LYS E 53 -17.29 6.95 50.46
N THR E 54 -18.48 6.72 51.02
CA THR E 54 -19.71 6.73 50.24
C THR E 54 -20.09 8.16 49.88
N GLY E 55 -20.01 8.50 48.60
CA GLY E 55 -20.39 9.81 48.14
C GLY E 55 -19.21 10.67 47.73
N THR E 56 -18.12 10.03 47.31
CA THR E 56 -16.89 10.74 46.98
C THR E 56 -16.25 10.06 45.78
N VAL E 57 -15.76 10.86 44.84
CA VAL E 57 -14.98 10.34 43.73
C VAL E 57 -13.63 9.90 44.28
N PRO E 58 -13.27 8.63 44.15
CA PRO E 58 -12.08 8.12 44.86
C PRO E 58 -10.78 8.59 44.24
N THR E 59 -9.75 8.65 45.07
CA THR E 59 -8.41 9.07 44.70
C THR E 59 -7.58 7.80 44.41
N ASP E 60 -6.51 7.94 43.63
CA ASP E 60 -5.65 6.82 43.27
C ASP E 60 -4.86 6.26 44.45
N LEU E 61 -4.73 6.99 45.55
CA LEU E 61 -4.14 6.47 46.78
C LEU E 61 -5.16 5.71 47.62
N GLU E 62 -6.42 5.65 47.18
CA GLU E 62 -7.45 4.88 47.87
C GLU E 62 -7.95 3.71 47.04
N GLN E 63 -7.55 3.61 45.76
CA GLN E 63 -7.96 2.49 44.93
C GLN E 63 -6.92 2.19 43.85
N ALA E 64 -6.00 1.27 44.13
CA ALA E 64 -5.00 0.78 43.19
C ALA E 64 -4.35 -0.45 43.80
N THR E 65 -4.13 -1.49 42.99
CA THR E 65 -3.62 -2.74 43.51
C THR E 65 -2.26 -3.11 42.95
N GLY E 66 -2.12 -3.25 41.64
CA GLY E 66 -1.05 -4.10 41.16
C GLY E 66 0.28 -3.43 40.94
N LEU E 67 0.72 -3.41 39.69
CA LEU E 67 2.01 -2.82 39.35
C LEU E 67 1.79 -1.33 39.05
N GLU E 68 0.53 -0.90 39.09
CA GLU E 68 0.16 0.50 38.98
C GLU E 68 0.41 1.30 40.25
N ARG E 69 0.05 0.75 41.41
CA ARG E 69 0.30 1.43 42.68
C ARG E 69 1.79 1.47 43.02
N TYR E 70 2.58 0.51 42.53
CA TYR E 70 4.01 0.51 42.78
C TYR E 70 4.69 1.68 42.09
N GLU E 71 4.29 1.97 40.85
CA GLU E 71 4.75 3.19 40.17
C GLU E 71 4.28 4.44 40.89
N LEU E 72 3.07 4.41 41.43
CA LEU E 72 2.51 5.56 42.13
C LEU E 72 3.31 5.86 43.40
N LEU E 73 3.65 4.83 44.16
CA LEU E 73 4.46 5.01 45.35
C LEU E 73 5.91 5.29 45.04
N GLY E 74 6.34 5.01 43.81
CA GLY E 74 7.66 5.44 43.41
C GLY E 74 7.74 6.90 43.00
N LYS E 75 6.71 7.40 42.30
CA LYS E 75 6.79 8.74 41.73
C LYS E 75 6.43 9.85 42.69
N LEU E 76 5.81 9.56 43.82
CA LEU E 76 5.61 10.54 44.88
C LEU E 76 6.78 10.63 45.85
N GLU E 77 7.87 9.94 45.58
CA GLU E 77 9.09 10.12 46.34
C GLU E 77 10.25 10.58 45.47
N GLY E 78 10.33 10.14 44.23
CA GLY E 78 11.41 10.52 43.35
C GLY E 78 12.14 9.31 42.79
N ILE E 79 11.64 8.13 43.09
CA ILE E 79 12.28 6.87 42.71
C ILE E 79 11.63 6.36 41.45
N GLU E 80 12.42 6.17 40.40
CA GLU E 80 11.94 5.61 39.15
C GLU E 80 12.12 4.10 39.19
N VAL E 81 10.99 3.39 39.24
CA VAL E 81 11.01 1.93 39.31
C VAL E 81 11.45 1.30 38.00
N PHE E 82 11.02 1.85 36.87
CA PHE E 82 11.32 1.30 35.55
C PHE E 82 12.32 2.24 34.88
N ASP E 83 13.59 1.84 34.84
CA ASP E 83 14.65 2.71 34.36
C ASP E 83 14.65 2.79 32.84
N GLU E 84 15.06 3.95 32.33
CA GLU E 84 15.21 4.17 30.89
C GLU E 84 16.53 4.89 30.61
N THR E 85 17.58 4.52 31.33
CA THR E 85 18.90 5.11 31.14
C THR E 85 19.77 4.16 30.34
N PRO E 86 20.35 4.60 29.21
CA PRO E 86 21.17 3.70 28.41
C PRO E 86 22.52 3.34 29.01
N LEU E 87 23.33 2.65 28.21
CA LEU E 87 24.59 2.05 28.64
C LEU E 87 25.64 3.13 28.90
N GLU E 88 26.63 2.79 29.72
CA GLU E 88 27.78 3.65 29.94
C GLU E 88 28.64 3.72 28.68
N ALA E 89 28.85 4.93 28.18
CA ALA E 89 29.65 5.16 26.99
C ALA E 89 30.73 6.21 27.29
N VAL E 90 31.43 6.01 28.41
CA VAL E 90 32.47 6.94 28.82
C VAL E 90 33.83 6.29 28.69
N ARG E 91 34.02 5.14 29.35
CA ARG E 91 35.31 4.50 29.48
C ARG E 91 35.24 3.14 28.79
N LYS E 92 36.40 2.64 28.34
CA LYS E 92 36.49 1.37 27.61
C LYS E 92 36.44 0.18 28.56
N GLY E 93 36.84 -0.99 28.09
CA GLY E 93 36.88 -2.12 29.00
C GLY E 93 38.17 -2.92 28.93
N THR E 94 38.88 -2.95 30.04
CA THR E 94 40.04 -3.80 30.21
C THR E 94 39.60 -5.07 30.95
N MET E 95 40.35 -6.16 30.77
CA MET E 95 40.02 -7.39 31.48
C MET E 95 40.26 -7.25 32.99
N LYS E 96 41.21 -6.40 33.39
CA LYS E 96 41.42 -6.15 34.81
C LYS E 96 40.32 -5.26 35.38
N ASP E 97 39.91 -4.23 34.64
CA ASP E 97 38.85 -3.30 35.05
C ASP E 97 37.71 -3.35 34.04
N PRO E 98 36.76 -4.27 34.18
CA PRO E 98 35.66 -4.36 33.21
C PRO E 98 34.45 -3.53 33.58
N ILE E 99 33.62 -3.24 32.57
CA ILE E 99 32.35 -2.57 32.81
C ILE E 99 31.38 -3.56 33.44
N LEU E 100 30.78 -3.17 34.57
CA LEU E 100 29.86 -4.02 35.33
C LEU E 100 28.44 -3.76 34.88
N ILE E 101 27.80 -4.78 34.31
CA ILE E 101 26.40 -4.72 33.90
C ILE E 101 25.58 -5.49 34.93
N ASP E 102 24.54 -4.84 35.47
CA ASP E 102 23.77 -5.38 36.58
C ASP E 102 22.56 -6.13 36.07
N SER E 103 22.34 -7.33 36.61
CA SER E 103 21.17 -8.10 36.18
C SER E 103 20.70 -9.01 37.31
N TYR E 104 19.43 -9.37 37.25
CA TYR E 104 18.83 -10.34 38.16
C TYR E 104 18.81 -11.75 37.58
N ASP E 105 19.39 -11.94 36.41
CA ASP E 105 19.53 -13.25 35.79
C ASP E 105 21.01 -13.53 35.58
N ASP E 106 21.30 -14.72 35.06
CA ASP E 106 22.67 -15.11 34.75
C ASP E 106 23.14 -14.57 33.41
N TYR E 107 22.28 -13.93 32.63
CA TYR E 107 22.62 -13.37 31.33
C TYR E 107 21.89 -12.05 31.14
N ARG E 108 22.50 -11.15 30.36
CA ARG E 108 21.83 -9.92 29.96
C ARG E 108 22.39 -9.48 28.62
N TYR E 109 21.51 -9.09 27.70
CA TYR E 109 21.95 -8.72 26.36
C TYR E 109 22.43 -7.27 26.35
N VAL E 110 23.68 -7.06 25.93
CA VAL E 110 24.31 -5.75 25.96
C VAL E 110 24.70 -5.36 24.54
N GLY E 111 24.26 -4.18 24.10
CA GLY E 111 24.61 -3.72 22.77
C GLY E 111 25.65 -2.63 22.77
N CYS E 112 26.80 -2.90 22.16
CA CYS E 112 27.90 -1.95 22.12
C CYS E 112 27.85 -1.18 20.81
N THR E 113 28.05 0.14 20.91
CA THR E 113 28.15 1.02 19.75
C THR E 113 29.21 2.11 19.92
N GLY E 114 30.09 2.00 20.93
CA GLY E 114 31.32 2.76 20.92
C GLY E 114 31.55 3.55 22.18
N VAL E 115 32.80 3.99 22.34
CA VAL E 115 33.22 4.82 23.48
C VAL E 115 32.88 6.29 23.23
N PRO E 116 33.02 6.88 22.00
CA PRO E 116 32.32 8.15 21.74
C PRO E 116 30.85 7.97 21.36
N ALA E 117 30.30 6.79 21.63
CA ALA E 117 28.88 6.42 21.64
C ALA E 117 28.25 6.25 20.27
N ASP E 118 28.96 6.56 19.18
CA ASP E 118 28.43 6.18 17.87
C ASP E 118 29.52 5.82 16.85
N SER E 119 30.66 5.29 17.30
CA SER E 119 31.73 4.99 16.36
C SER E 119 31.67 3.55 15.84
N HIS E 120 31.82 2.60 16.75
CA HIS E 120 31.52 1.18 16.65
C HIS E 120 30.10 1.04 16.09
N ASN E 121 29.82 0.04 15.26
CA ASN E 121 28.45 -0.20 14.81
C ASN E 121 27.66 -0.92 15.90
N ILE E 122 26.50 -1.47 15.60
CA ILE E 122 25.74 -2.15 16.64
C ILE E 122 26.22 -3.59 16.70
N GLU E 123 26.85 -3.98 17.80
CA GLU E 123 27.20 -5.38 18.03
C GLU E 123 26.62 -5.82 19.37
N TRP E 124 25.88 -6.91 19.36
CA TRP E 124 25.26 -7.40 20.57
C TRP E 124 26.10 -8.51 21.19
N LEU E 125 26.07 -8.57 22.52
CA LEU E 125 26.89 -9.47 23.31
C LEU E 125 26.05 -10.04 24.45
N LYS E 126 26.42 -11.23 24.92
CA LYS E 126 25.78 -11.85 26.08
C LYS E 126 26.83 -12.15 27.15
N PRO E 127 27.04 -11.27 28.12
CA PRO E 127 27.80 -11.66 29.31
C PRO E 127 27.05 -12.67 30.16
N THR E 128 27.83 -13.50 30.85
CA THR E 128 27.33 -14.60 31.65
C THR E 128 28.15 -14.59 32.94
N THR E 129 27.68 -15.27 33.99
CA THR E 129 28.42 -15.36 35.24
C THR E 129 29.66 -16.25 35.15
N GLU E 130 29.87 -16.94 34.03
CA GLU E 130 31.05 -17.78 33.83
C GLU E 130 31.97 -17.29 32.72
N LYS E 131 31.59 -16.26 31.97
CA LYS E 131 32.40 -15.80 30.85
C LYS E 131 32.08 -14.32 30.57
N ASN E 132 33.10 -13.59 30.13
CA ASN E 132 32.96 -12.18 29.81
C ASN E 132 32.97 -11.99 28.29
N ALA E 133 32.11 -11.10 27.80
CA ALA E 133 32.11 -10.75 26.39
C ALA E 133 33.18 -9.71 26.10
N ARG E 134 33.64 -9.64 24.84
CA ARG E 134 34.78 -8.79 24.56
C ARG E 134 34.70 -7.96 23.28
N CYS E 135 33.60 -8.01 22.51
CA CYS E 135 33.32 -7.04 21.42
C CYS E 135 34.37 -6.98 20.32
N TRP E 136 34.34 -7.94 19.39
CA TRP E 136 35.34 -8.23 18.36
C TRP E 136 35.85 -7.03 17.55
N GLU E 137 35.14 -5.89 17.52
CA GLU E 137 35.66 -4.74 16.79
C GLU E 137 36.42 -3.74 17.66
N CYS E 138 35.81 -3.21 18.72
CA CYS E 138 36.50 -2.18 19.49
C CYS E 138 37.22 -2.74 20.72
N GLY E 139 36.58 -3.66 21.44
CA GLY E 139 37.33 -4.43 22.43
C GLY E 139 36.96 -4.30 23.88
N SER E 140 35.81 -3.70 24.19
CA SER E 140 35.42 -3.50 25.58
C SER E 140 34.98 -4.81 26.23
N VAL E 141 35.33 -5.01 27.49
CA VAL E 141 35.02 -6.23 28.23
C VAL E 141 33.87 -5.94 29.19
N TYR E 142 32.89 -6.83 29.23
CA TYR E 142 31.71 -6.67 30.08
C TYR E 142 31.61 -7.82 31.07
N LYS E 143 31.37 -7.49 32.34
CA LYS E 143 31.22 -8.44 33.42
C LYS E 143 29.81 -8.31 33.97
N LEU E 144 29.27 -9.41 34.52
CA LEU E 144 27.90 -9.43 35.00
C LEU E 144 27.91 -9.33 36.53
N ASN E 145 27.15 -8.39 37.06
CA ASN E 145 26.94 -8.23 38.49
C ASN E 145 25.56 -8.78 38.82
N PHE E 146 25.52 -9.84 39.63
CA PHE E 146 24.29 -10.53 39.98
C PHE E 146 23.73 -9.93 41.26
N LEU E 147 22.57 -9.29 41.17
CA LEU E 147 21.93 -8.69 42.34
C LEU E 147 20.82 -9.58 42.88
N LEU F 1 55.32 -34.47 24.74
CA LEU F 1 56.18 -33.71 23.82
C LEU F 1 57.08 -34.63 23.02
N SER F 2 56.67 -35.88 22.87
CA SER F 2 57.44 -36.83 22.05
C SER F 2 57.24 -36.52 20.57
N ASN F 3 58.11 -37.12 19.75
CA ASN F 3 58.04 -36.90 18.30
C ASN F 3 56.79 -37.53 17.70
N ALA F 4 56.34 -38.65 18.27
CA ALA F 4 55.15 -39.32 17.74
C ALA F 4 53.88 -38.52 18.01
N THR F 5 53.86 -37.77 19.10
CA THR F 5 52.68 -36.97 19.43
C THR F 5 52.56 -35.73 18.55
N VAL F 6 53.67 -35.28 17.97
CA VAL F 6 53.71 -34.03 17.23
C VAL F 6 53.72 -34.26 15.72
N THR F 7 54.55 -35.20 15.24
CA THR F 7 54.71 -35.42 13.81
C THR F 7 53.44 -36.02 13.19
N ASN F 8 53.09 -35.50 12.01
CA ASN F 8 51.97 -35.95 11.19
C ASN F 8 50.64 -35.82 11.94
N LEU F 9 50.31 -34.58 12.28
CA LEU F 9 49.02 -34.26 12.87
C LEU F 9 47.96 -33.94 11.81
N GLU F 10 48.32 -33.99 10.54
CA GLU F 10 47.36 -33.67 9.49
C GLU F 10 46.41 -34.81 9.18
N LYS F 11 46.68 -36.01 9.68
CA LYS F 11 45.83 -37.18 9.44
C LYS F 11 45.28 -37.78 10.72
N ARG F 12 45.56 -37.19 11.88
CA ARG F 12 45.06 -37.74 13.14
C ARG F 12 44.28 -36.75 13.99
N TRP F 13 44.24 -35.46 13.65
CA TRP F 13 43.75 -34.46 14.59
C TRP F 13 42.23 -34.54 14.77
N GLU F 14 41.50 -34.87 13.71
CA GLU F 14 40.04 -34.89 13.82
C GLU F 14 39.52 -36.14 14.51
N ASP F 15 40.36 -37.14 14.76
CA ASP F 15 39.92 -38.39 15.37
C ASP F 15 40.18 -38.45 16.88
N LEU F 16 41.10 -37.63 17.39
CA LEU F 16 41.39 -37.59 18.82
C LEU F 16 40.22 -36.98 19.58
N PRO F 17 39.96 -37.42 20.81
CA PRO F 17 38.90 -36.80 21.61
C PRO F 17 39.34 -35.44 22.12
N GLU F 18 38.40 -34.75 22.76
CA GLU F 18 38.61 -33.37 23.21
C GLU F 18 39.36 -33.28 24.52
N THR F 19 39.81 -34.40 25.08
CA THR F 19 40.70 -34.38 26.24
C THR F 19 42.13 -34.76 25.88
N ASP F 20 42.34 -35.35 24.70
CA ASP F 20 43.68 -35.51 24.14
C ASP F 20 44.05 -34.41 23.17
N GLN F 21 43.13 -33.49 22.90
CA GLN F 21 43.41 -32.31 22.08
C GLN F 21 43.81 -31.11 22.92
N LYS F 22 43.31 -31.02 24.15
CA LYS F 22 43.64 -29.91 25.04
C LYS F 22 44.94 -30.11 25.79
N ASP F 23 45.60 -31.25 25.61
CA ASP F 23 46.92 -31.51 26.16
C ASP F 23 48.04 -31.15 25.20
N ILE F 24 47.81 -31.31 23.90
CA ILE F 24 48.80 -30.90 22.91
C ILE F 24 48.90 -29.38 22.83
N ILE F 25 47.76 -28.68 22.92
CA ILE F 25 47.75 -27.23 22.88
C ILE F 25 48.40 -26.65 24.15
N SER F 26 48.16 -27.28 25.29
CA SER F 26 48.74 -26.83 26.56
C SER F 26 50.16 -27.34 26.76
N GLN F 27 50.72 -28.08 25.79
CA GLN F 27 52.13 -28.41 25.78
C GLN F 27 52.91 -27.69 24.71
N LEU F 28 52.25 -27.13 23.70
CA LEU F 28 52.89 -26.24 22.73
C LEU F 28 52.83 -24.78 23.17
N SER F 29 52.11 -24.47 24.25
CA SER F 29 52.03 -23.12 24.76
C SER F 29 53.03 -22.87 25.89
N GLU F 30 53.71 -23.92 26.36
CA GLU F 30 54.87 -23.76 27.22
C GLU F 30 56.15 -24.06 26.46
N ARG F 31 56.03 -24.36 25.17
CA ARG F 31 57.16 -24.56 24.28
C ARG F 31 57.37 -23.35 23.38
N GLN F 32 56.35 -22.52 23.19
CA GLN F 32 56.47 -21.26 22.46
C GLN F 32 57.01 -20.13 23.31
N LYS F 33 57.00 -20.27 24.64
CA LYS F 33 57.59 -19.26 25.52
C LYS F 33 59.11 -19.25 25.43
N LEU F 34 59.69 -20.37 25.02
CA LEU F 34 61.11 -20.41 24.69
C LEU F 34 61.36 -19.53 23.47
N PRO F 35 62.57 -18.96 23.34
CA PRO F 35 62.91 -18.22 22.12
C PRO F 35 62.89 -19.12 20.89
N TRP F 36 62.34 -18.59 19.80
CA TRP F 36 62.32 -19.34 18.56
C TRP F 36 63.73 -19.41 17.98
N LYS F 37 63.89 -20.29 16.98
CA LYS F 37 65.08 -20.97 16.45
C LYS F 37 65.49 -22.11 17.37
N ASP F 38 64.71 -22.38 18.42
CA ASP F 38 64.89 -23.57 19.25
C ASP F 38 63.70 -24.52 19.10
N LEU F 39 62.84 -24.28 18.12
CA LEU F 39 61.71 -25.16 17.84
C LEU F 39 62.05 -26.09 16.70
N THR F 40 61.56 -27.32 16.79
CA THR F 40 61.71 -28.27 15.70
C THR F 40 60.77 -27.91 14.56
N LEU F 41 61.01 -28.54 13.40
CA LEU F 41 60.18 -28.27 12.23
C LEU F 41 58.77 -28.82 12.40
N SER F 42 58.64 -29.94 13.10
CA SER F 42 57.33 -30.55 13.32
C SER F 42 56.46 -29.71 14.23
N GLU F 43 57.05 -29.07 15.23
CA GLU F 43 56.28 -28.17 16.09
C GLU F 43 55.85 -26.92 15.35
N LYS F 44 56.69 -26.41 14.44
CA LYS F 44 56.31 -25.27 13.61
C LYS F 44 55.16 -25.62 12.68
N LYS F 45 55.16 -26.84 12.14
CA LYS F 45 54.05 -27.26 11.29
C LYS F 45 52.77 -27.49 12.10
N ALA F 46 52.90 -28.07 13.30
CA ALA F 46 51.73 -28.36 14.12
C ALA F 46 51.09 -27.08 14.66
N ALA F 47 51.91 -26.09 15.02
CA ALA F 47 51.37 -24.83 15.52
C ALA F 47 50.63 -24.06 14.43
N TRP F 48 51.06 -24.23 13.17
CA TRP F 48 50.30 -23.64 12.07
C TRP F 48 49.02 -24.41 11.79
N TYR F 49 49.06 -25.74 11.87
CA TYR F 49 47.87 -26.52 11.52
C TYR F 49 46.77 -26.41 12.58
N ILE F 50 47.15 -26.25 13.84
CA ILE F 50 46.16 -26.22 14.93
C ILE F 50 45.28 -24.98 14.84
N SER F 51 45.85 -23.82 14.51
CA SER F 51 45.08 -22.58 14.50
C SER F 51 44.62 -22.20 13.10
N PHE F 52 45.55 -22.15 12.14
CA PHE F 52 45.21 -21.76 10.77
C PHE F 52 45.36 -22.97 9.84
N GLY F 53 44.29 -23.75 9.76
CA GLY F 53 44.32 -24.95 8.94
C GLY F 53 42.92 -25.36 8.55
N GLU F 54 42.85 -26.28 7.58
CA GLU F 54 41.57 -26.69 7.00
C GLU F 54 40.96 -27.85 7.79
N TRP F 55 40.69 -27.59 9.06
CA TRP F 55 39.95 -28.50 9.91
C TRP F 55 38.89 -27.70 10.68
N GLY F 56 37.79 -28.36 10.98
CA GLY F 56 36.75 -27.77 11.79
C GLY F 56 35.99 -26.67 11.08
N PRO F 57 36.08 -25.45 11.60
CA PRO F 57 35.29 -24.33 11.05
C PRO F 57 35.89 -23.70 9.79
N ARG F 58 36.96 -24.27 9.25
CA ARG F 58 37.55 -23.76 8.01
C ARG F 58 37.41 -24.78 6.88
N ARG F 59 36.48 -25.69 7.00
CA ARG F 59 36.17 -26.59 5.90
C ARG F 59 35.35 -25.84 4.86
N PRO F 60 35.42 -26.22 3.59
CA PRO F 60 34.56 -25.59 2.60
C PRO F 60 33.13 -26.10 2.69
N VAL F 61 32.20 -25.29 2.19
CA VAL F 61 30.78 -25.66 2.20
C VAL F 61 30.53 -26.79 1.22
N HIS F 62 31.12 -26.72 0.03
CA HIS F 62 30.94 -27.71 -1.02
C HIS F 62 32.26 -28.43 -1.26
N THR F 63 32.25 -29.75 -1.14
CA THR F 63 33.40 -30.54 -1.54
C THR F 63 33.27 -30.93 -3.02
N LYS F 64 34.28 -31.65 -3.51
CA LYS F 64 34.28 -32.08 -4.91
C LYS F 64 33.25 -33.18 -5.15
N GLU F 65 33.00 -34.02 -4.15
CA GLU F 65 32.02 -35.10 -4.26
C GLU F 65 30.61 -34.67 -3.89
N ASP F 66 30.36 -33.38 -3.74
CA ASP F 66 29.01 -32.87 -3.49
C ASP F 66 28.41 -32.16 -4.69
N LYS F 67 29.21 -31.45 -5.48
CA LYS F 67 28.72 -30.81 -6.69
C LYS F 67 28.29 -31.82 -7.74
N LEU F 68 28.98 -32.97 -7.81
CA LEU F 68 28.53 -34.08 -8.65
C LEU F 68 27.18 -34.60 -8.19
N TYR F 69 26.97 -34.67 -6.88
CA TYR F 69 25.70 -35.12 -6.32
C TYR F 69 24.56 -34.15 -6.66
N ILE F 70 24.81 -32.85 -6.57
CA ILE F 70 23.80 -31.86 -6.94
C ILE F 70 23.51 -31.90 -8.44
N PHE F 71 24.53 -32.05 -9.28
CA PHE F 71 24.34 -32.13 -10.73
C PHE F 71 23.52 -33.35 -11.13
N TRP F 72 23.92 -34.52 -10.63
CA TRP F 72 23.18 -35.74 -10.93
C TRP F 72 21.93 -35.88 -10.08
N GLY F 73 21.60 -34.92 -9.22
CA GLY F 73 20.27 -34.88 -8.65
C GLY F 73 19.34 -34.00 -9.47
N THR F 74 19.88 -32.95 -10.09
CA THR F 74 19.06 -32.12 -10.97
C THR F 74 18.73 -32.84 -12.28
N VAL F 75 19.65 -33.65 -12.80
CA VAL F 75 19.38 -34.37 -14.05
C VAL F 75 18.25 -35.38 -13.86
N ILE F 76 18.20 -36.07 -12.72
CA ILE F 76 17.15 -37.06 -12.47
C ILE F 76 15.92 -36.36 -11.89
N GLY F 77 15.93 -35.03 -11.87
CA GLY F 77 14.72 -34.30 -11.60
C GLY F 77 14.12 -33.79 -12.90
N ILE F 78 14.97 -33.58 -13.91
CA ILE F 78 14.50 -33.19 -15.24
C ILE F 78 14.03 -34.39 -16.07
N VAL F 79 14.66 -35.56 -15.92
CA VAL F 79 14.27 -36.75 -16.67
C VAL F 79 12.88 -37.27 -16.30
N ILE F 80 12.50 -37.20 -15.02
CA ILE F 80 11.19 -37.66 -14.57
C ILE F 80 10.06 -36.82 -15.13
N SER F 81 10.23 -35.49 -15.14
CA SER F 81 9.18 -34.60 -15.64
C SER F 81 8.99 -34.76 -17.15
N ALA F 82 10.05 -35.08 -17.88
CA ALA F 82 9.96 -35.34 -19.30
C ALA F 82 9.17 -36.62 -19.58
N THR F 83 9.36 -37.65 -18.76
CA THR F 83 8.61 -38.89 -18.94
C THR F 83 7.16 -38.75 -18.49
N ILE F 84 6.87 -37.90 -17.52
CA ILE F 84 5.48 -37.62 -17.14
C ILE F 84 4.78 -36.81 -18.21
N PHE F 85 5.44 -35.77 -18.76
CA PHE F 85 4.85 -34.93 -19.79
C PHE F 85 4.69 -35.67 -21.12
N GLY F 86 5.54 -36.66 -21.39
CA GLY F 86 5.37 -37.47 -22.59
C GLY F 86 4.12 -38.33 -22.53
N ALA F 87 3.73 -38.77 -21.34
CA ALA F 87 2.54 -39.60 -21.19
C ALA F 87 1.26 -38.79 -21.43
N PHE F 88 1.28 -37.50 -21.09
CA PHE F 88 0.18 -36.61 -21.42
C PHE F 88 0.33 -35.99 -22.81
N ARG F 89 1.18 -36.56 -23.65
CA ARG F 89 1.37 -36.08 -25.02
C ARG F 89 0.92 -37.08 -26.06
N TYR F 90 1.09 -38.38 -25.81
CA TYR F 90 0.54 -39.38 -26.72
C TYR F 90 -0.98 -39.40 -26.66
N ASN F 91 -1.55 -39.27 -25.46
CA ASN F 91 -2.99 -39.36 -25.28
C ASN F 91 -3.61 -37.96 -25.30
N ARG F 92 -3.73 -37.43 -26.51
CA ARG F 92 -4.28 -36.10 -26.73
C ARG F 92 -5.49 -36.17 -27.64
N ASN F 93 -6.36 -35.15 -27.52
CA ASN F 93 -7.44 -34.95 -28.46
C ASN F 93 -6.93 -34.02 -29.56
N VAL F 94 -6.65 -34.57 -30.73
CA VAL F 94 -6.13 -33.80 -31.86
C VAL F 94 -7.32 -33.43 -32.74
N PRO F 95 -7.63 -32.15 -32.89
CA PRO F 95 -8.72 -31.75 -33.78
C PRO F 95 -8.34 -31.91 -35.24
N LYS F 96 -9.35 -31.80 -36.10
CA LYS F 96 -9.18 -32.10 -37.53
C LYS F 96 -8.32 -31.05 -38.23
N THR F 97 -8.21 -29.84 -37.68
CA THR F 97 -7.45 -28.79 -38.36
C THR F 97 -5.95 -29.00 -38.29
N MET F 98 -5.46 -29.79 -37.33
CA MET F 98 -4.02 -30.00 -37.17
C MET F 98 -3.58 -31.21 -38.00
N ASN F 99 -3.54 -30.98 -39.31
CA ASN F 99 -3.02 -31.93 -40.28
C ASN F 99 -2.37 -31.13 -41.39
N ARG F 100 -1.44 -31.73 -42.12
CA ARG F 100 -0.69 -30.99 -43.12
C ARG F 100 -1.55 -30.65 -44.34
N GLU F 101 -2.46 -31.54 -44.73
CA GLU F 101 -3.32 -31.30 -45.88
C GLU F 101 -4.42 -30.28 -45.60
N TRP F 102 -4.61 -29.87 -44.34
CA TRP F 102 -5.50 -28.79 -43.98
C TRP F 102 -4.80 -27.46 -43.83
N GLN F 103 -3.53 -27.47 -43.43
CA GLN F 103 -2.76 -26.24 -43.30
C GLN F 103 -2.09 -25.83 -44.60
N ALA F 104 -2.20 -26.65 -45.64
CA ALA F 104 -1.79 -26.25 -46.98
C ALA F 104 -2.93 -25.63 -47.76
N ALA F 105 -4.17 -25.95 -47.40
CA ALA F 105 -5.32 -25.27 -48.01
C ALA F 105 -5.50 -23.88 -47.43
N SER F 106 -5.04 -23.64 -46.21
CA SER F 106 -5.17 -22.31 -45.60
C SER F 106 -4.17 -21.33 -46.21
N ASP F 107 -3.01 -21.84 -46.65
CA ASP F 107 -2.00 -20.98 -47.26
C ASP F 107 -2.44 -20.40 -48.59
N GLU F 108 -3.27 -21.12 -49.36
CA GLU F 108 -3.78 -20.57 -50.61
C GLU F 108 -4.76 -19.42 -50.37
N TYR F 109 -5.61 -19.55 -49.34
CA TYR F 109 -6.51 -18.47 -48.98
C TYR F 109 -5.75 -17.27 -48.44
N LEU F 110 -4.69 -17.52 -47.67
CA LEU F 110 -3.87 -16.42 -47.16
C LEU F 110 -2.96 -15.85 -48.23
N LYS F 111 -2.80 -16.55 -49.35
CA LYS F 111 -2.01 -16.02 -50.47
C LYS F 111 -2.86 -15.19 -51.41
N SER F 112 -4.10 -15.60 -51.65
CA SER F 112 -5.00 -14.84 -52.53
C SER F 112 -5.37 -13.50 -51.92
N LYS F 113 -5.82 -13.51 -50.68
CA LYS F 113 -5.98 -12.29 -49.89
C LYS F 113 -4.65 -12.06 -49.19
N ASN F 114 -3.85 -11.14 -49.75
CA ASN F 114 -2.46 -10.90 -49.36
C ASN F 114 -2.31 -10.58 -47.87
N ALA F 115 -1.72 -11.53 -47.15
CA ALA F 115 -1.59 -11.46 -45.70
C ALA F 115 -0.15 -11.77 -45.34
N GLU F 116 0.35 -11.07 -44.31
CA GLU F 116 1.75 -11.02 -43.91
C GLU F 116 2.64 -10.68 -45.11
N PRO F 117 2.60 -9.43 -45.64
CA PRO F 117 3.42 -9.12 -46.82
C PRO F 117 4.89 -9.02 -46.46
N PHE F 118 5.17 -8.42 -45.30
CA PHE F 118 6.56 -8.09 -44.93
C PHE F 118 7.33 -9.29 -44.38
N THR F 119 6.91 -9.79 -43.21
CA THR F 119 7.58 -10.98 -42.62
C THR F 119 7.23 -12.23 -43.40
N GLY F 120 6.52 -13.16 -42.77
CA GLY F 120 6.05 -14.38 -43.41
C GLY F 120 4.71 -14.87 -42.91
N TYR F 121 4.02 -15.58 -43.80
CA TYR F 121 2.88 -16.41 -43.45
C TYR F 121 3.24 -17.87 -43.74
N SER F 122 2.95 -18.74 -42.76
CA SER F 122 3.04 -20.19 -42.93
C SER F 122 2.28 -20.86 -41.81
N GLN F 123 1.19 -21.56 -42.11
CA GLN F 123 0.42 -22.23 -41.08
C GLN F 123 0.80 -23.69 -40.93
N ILE F 124 1.86 -24.14 -41.60
CA ILE F 124 2.26 -25.54 -41.59
C ILE F 124 3.15 -25.80 -40.39
N GLN F 125 2.67 -26.63 -39.46
CA GLN F 125 3.47 -27.05 -38.32
C GLN F 125 3.20 -28.52 -38.02
N SER F 126 2.72 -29.25 -39.04
CA SER F 126 2.32 -30.67 -38.99
C SER F 126 1.37 -30.99 -37.84
N GLU G 1 39.00 10.58 5.19
CA GLU G 1 39.58 11.84 5.61
C GLU G 1 40.97 11.61 6.20
N GLU G 2 41.26 10.37 6.57
CA GLU G 2 42.51 10.03 7.23
C GLU G 2 43.60 9.81 6.19
N THR G 3 44.79 10.34 6.48
CA THR G 3 45.93 10.35 5.58
C THR G 3 46.85 9.18 5.97
N TYR G 4 47.83 8.90 5.11
CA TYR G 4 48.77 7.80 5.32
C TYR G 4 49.58 7.98 6.59
N GLU G 5 50.08 9.20 6.84
CA GLU G 5 50.96 9.45 7.98
C GLU G 5 50.22 9.54 9.31
N GLU G 6 48.89 9.53 9.31
CA GLU G 6 48.12 9.40 10.54
C GLU G 6 47.66 7.97 10.79
N PHE G 7 47.34 7.23 9.73
CA PHE G 7 47.09 5.80 9.79
C PHE G 7 48.31 5.06 10.34
N SER G 8 49.50 5.37 9.83
CA SER G 8 50.72 4.70 10.22
C SER G 8 51.29 5.20 11.54
N GLN G 9 50.54 6.01 12.28
CA GLN G 9 50.91 6.37 13.64
C GLN G 9 49.87 5.83 14.61
N ARG G 10 48.60 5.91 14.21
CA ARG G 10 47.51 5.41 15.05
C ARG G 10 47.58 3.90 15.18
N TYR G 11 47.91 3.18 14.09
CA TYR G 11 48.00 1.74 14.25
C TYR G 11 49.28 1.29 14.94
N GLU G 12 50.35 2.09 14.91
CA GLU G 12 51.51 1.82 15.74
C GLU G 12 51.20 1.97 17.23
N LYS G 13 50.48 3.04 17.58
CA LYS G 13 50.07 3.25 18.97
C LYS G 13 49.12 2.16 19.44
N GLU G 14 48.24 1.67 18.56
CA GLU G 14 47.34 0.59 18.95
C GLU G 14 48.09 -0.74 19.08
N PHE G 15 49.07 -0.99 18.22
CA PHE G 15 49.85 -2.22 18.31
C PHE G 15 50.81 -2.23 19.49
N ASP G 16 51.19 -1.07 20.02
CA ASP G 16 52.12 -1.00 21.14
C ASP G 16 51.41 -0.95 22.49
N GLU G 17 50.15 -1.40 22.53
CA GLU G 17 49.45 -1.42 23.81
C GLU G 17 48.57 -2.67 24.00
N ALA G 18 48.63 -3.65 23.10
CA ALA G 18 47.84 -4.86 23.24
C ALA G 18 48.43 -5.76 24.33
N TYR G 19 47.55 -6.48 25.03
CA TYR G 19 47.96 -7.28 26.17
C TYR G 19 47.64 -8.76 26.05
N ASP G 20 46.80 -9.18 25.11
CA ASP G 20 46.42 -10.57 24.96
C ASP G 20 46.47 -10.91 23.47
N LEU G 21 46.17 -12.17 23.13
CA LEU G 21 46.17 -12.64 21.76
C LEU G 21 44.93 -12.19 20.99
N PHE G 22 43.80 -12.12 21.68
CA PHE G 22 42.57 -11.55 21.15
C PHE G 22 42.77 -10.12 20.66
N GLU G 23 43.50 -9.30 21.43
CA GLU G 23 43.69 -7.92 21.04
C GLU G 23 44.67 -7.77 19.88
N VAL G 24 45.72 -8.58 19.84
CA VAL G 24 46.66 -8.53 18.73
C VAL G 24 45.98 -8.95 17.43
N GLN G 25 45.20 -10.03 17.47
CA GLN G 25 44.45 -10.43 16.29
C GLN G 25 43.32 -9.47 15.94
N ARG G 26 42.76 -8.75 16.91
CA ARG G 26 41.74 -7.75 16.64
C ARG G 26 42.31 -6.55 15.89
N VAL G 27 43.43 -6.00 16.38
CA VAL G 27 44.05 -4.88 15.69
C VAL G 27 44.63 -5.30 14.35
N LEU G 28 45.15 -6.53 14.24
CA LEU G 28 45.63 -7.03 12.96
C LEU G 28 44.51 -7.28 11.96
N ASN G 29 43.30 -7.59 12.43
CA ASN G 29 42.19 -7.87 11.53
C ASN G 29 41.62 -6.61 10.89
N ASN G 30 41.52 -5.51 11.63
CA ASN G 30 41.01 -4.27 11.06
C ASN G 30 42.09 -3.35 10.52
N CYS G 31 43.36 -3.74 10.61
CA CYS G 31 44.41 -3.03 9.90
C CYS G 31 44.41 -3.39 8.42
N PHE G 32 44.18 -4.67 8.11
CA PHE G 32 43.98 -5.12 6.73
C PHE G 32 42.53 -5.05 6.31
N SER G 33 41.87 -3.92 6.49
CA SER G 33 40.48 -3.76 6.06
C SER G 33 40.23 -2.35 5.54
N TYR G 34 41.27 -1.68 5.07
CA TYR G 34 41.19 -0.34 4.53
C TYR G 34 41.70 -0.37 3.08
N ASP G 35 41.76 0.79 2.46
CA ASP G 35 42.33 0.92 1.13
C ASP G 35 43.83 1.13 1.17
N ILE G 36 44.38 1.51 2.32
CA ILE G 36 45.81 1.72 2.49
C ILE G 36 46.43 0.40 2.92
N VAL G 37 47.51 -0.01 2.25
CA VAL G 37 48.25 -1.16 2.77
C VAL G 37 49.04 -0.71 4.00
N PRO G 38 49.34 -1.60 4.95
CA PRO G 38 50.16 -1.19 6.09
C PRO G 38 51.58 -0.87 5.69
N SER G 39 52.18 0.06 6.41
CA SER G 39 53.55 0.46 6.17
C SER G 39 54.50 -0.64 6.65
N PRO G 40 55.75 -0.64 6.18
CA PRO G 40 56.73 -1.58 6.75
C PRO G 40 57.04 -1.34 8.23
N ALA G 41 56.80 -0.13 8.74
CA ALA G 41 57.01 0.13 10.16
C ALA G 41 55.89 -0.46 11.02
N VAL G 42 54.66 -0.48 10.51
CA VAL G 42 53.54 -1.03 11.28
C VAL G 42 53.66 -2.54 11.41
N ILE G 43 54.02 -3.23 10.32
CA ILE G 43 54.23 -4.67 10.34
C ILE G 43 55.40 -5.07 11.21
N GLY G 44 56.43 -4.22 11.29
CA GLY G 44 57.54 -4.45 12.20
C GLY G 44 57.15 -4.31 13.67
N LYS G 45 56.13 -3.49 13.94
CA LYS G 45 55.59 -3.42 15.30
C LYS G 45 54.68 -4.61 15.59
N ALA G 46 53.98 -5.11 14.58
CA ALA G 46 53.05 -6.22 14.78
C ALA G 46 53.77 -7.51 15.13
N LEU G 47 54.98 -7.72 14.60
CA LEU G 47 55.73 -8.91 14.93
C LEU G 47 56.29 -8.87 16.35
N ASN G 48 56.70 -7.69 16.84
CA ASN G 48 57.05 -7.56 18.25
C ASN G 48 55.85 -7.74 19.15
N ALA G 49 54.68 -7.26 18.71
CA ALA G 49 53.45 -7.50 19.47
C ALA G 49 53.10 -8.98 19.52
N CYS G 50 53.32 -9.71 18.43
CA CYS G 50 53.13 -11.16 18.43
C CYS G 50 54.21 -11.89 19.24
N ARG G 51 55.39 -11.30 19.39
CA ARG G 51 56.44 -11.84 20.25
C ARG G 51 56.14 -11.68 21.73
N ARG G 52 55.53 -10.56 22.13
CA ARG G 52 55.21 -10.35 23.55
C ARG G 52 54.13 -11.33 24.03
N VAL G 53 53.16 -11.65 23.18
CA VAL G 53 52.07 -12.54 23.57
C VAL G 53 52.45 -14.00 23.32
N ASN G 54 53.62 -14.24 22.70
CA ASN G 54 54.19 -15.56 22.42
C ASN G 54 53.29 -16.43 21.55
N ASP G 55 53.08 -16.01 20.30
CA ASP G 55 52.37 -16.83 19.32
C ASP G 55 53.21 -16.93 18.06
N TYR G 56 53.22 -18.10 17.44
CA TYR G 56 54.02 -18.35 16.25
C TYR G 56 53.22 -18.31 14.96
N ALA G 57 52.00 -18.84 14.99
CA ALA G 57 51.21 -18.96 13.76
C ALA G 57 50.74 -17.60 13.26
N THR G 58 50.46 -16.68 14.18
CA THR G 58 50.09 -15.32 13.78
C THR G 58 51.23 -14.58 13.11
N ALA G 59 52.47 -14.81 13.57
CA ALA G 59 53.63 -14.18 12.94
C ALA G 59 53.92 -14.74 11.55
N VAL G 60 53.43 -15.92 11.22
CA VAL G 60 53.50 -16.44 9.87
C VAL G 60 52.34 -15.92 9.02
N ARG G 61 51.14 -15.81 9.61
CA ARG G 61 49.95 -15.46 8.84
C ARG G 61 49.93 -13.97 8.46
N VAL G 62 50.76 -13.13 9.12
CA VAL G 62 50.90 -11.74 8.69
C VAL G 62 51.52 -11.67 7.30
N PHE G 63 52.56 -12.47 7.05
CA PHE G 63 53.24 -12.42 5.76
C PHE G 63 52.40 -13.04 4.64
N GLU G 64 51.46 -13.91 4.98
CA GLU G 64 50.56 -14.49 4.00
C GLU G 64 49.48 -13.51 3.55
N GLY G 65 49.08 -12.58 4.41
CA GLY G 65 48.10 -11.59 4.05
C GLY G 65 48.66 -10.49 3.16
N LEU G 66 49.97 -10.29 3.24
CA LEU G 66 50.62 -9.31 2.37
C LEU G 66 50.61 -9.77 0.92
N LYS G 67 50.65 -11.08 0.69
CA LYS G 67 50.59 -11.61 -0.67
C LYS G 67 49.22 -11.39 -1.31
N HIS G 68 48.18 -11.23 -0.52
CA HIS G 68 46.85 -10.95 -1.04
C HIS G 68 46.52 -9.47 -1.09
N LYS G 69 47.06 -8.67 -0.17
CA LYS G 69 46.79 -7.23 -0.18
C LYS G 69 47.55 -6.52 -1.30
N VAL G 70 48.81 -6.91 -1.53
CA VAL G 70 49.64 -6.27 -2.53
C VAL G 70 49.22 -6.68 -3.95
N GLU G 71 49.19 -5.69 -4.85
CA GLU G 71 48.73 -5.83 -6.22
C GLU G 71 49.59 -6.77 -7.07
N THR G 72 50.91 -6.60 -7.05
CA THR G 72 51.80 -7.36 -7.93
C THR G 72 52.74 -8.28 -7.15
N LYS G 73 53.70 -8.88 -7.84
CA LYS G 73 54.71 -9.71 -7.20
C LYS G 73 55.98 -8.95 -6.86
N GLU G 74 56.34 -7.92 -7.65
CA GLU G 74 57.55 -7.16 -7.39
C GLU G 74 57.46 -6.37 -6.08
N GLN G 75 56.27 -5.82 -5.78
CA GLN G 75 56.08 -5.11 -4.53
C GLN G 75 56.15 -6.03 -3.33
N TYR G 76 55.68 -7.27 -3.48
CA TYR G 76 55.78 -8.26 -2.40
C TYR G 76 57.22 -8.62 -2.09
N ASP G 77 58.05 -8.78 -3.12
CA ASP G 77 59.47 -9.00 -2.89
C ASP G 77 60.21 -7.75 -2.44
N ALA G 78 59.66 -6.57 -2.72
CA ALA G 78 60.20 -5.35 -2.13
C ALA G 78 59.84 -5.20 -0.66
N TYR G 79 58.74 -5.82 -0.23
CA TYR G 79 58.43 -5.87 1.19
C TYR G 79 59.30 -6.86 1.95
N LEU G 80 59.77 -7.91 1.28
CA LEU G 80 60.50 -8.99 1.96
C LEU G 80 62.01 -8.76 2.01
N GLU G 81 62.53 -7.79 1.28
CA GLU G 81 63.95 -7.44 1.35
C GLU G 81 64.24 -6.33 2.35
N GLU G 82 63.21 -5.77 2.98
CA GLU G 82 63.35 -4.80 4.06
C GLU G 82 62.88 -5.35 5.40
N LEU G 83 61.96 -6.31 5.40
CA LEU G 83 61.57 -7.02 6.61
C LEU G 83 62.36 -8.33 6.73
N LYS G 84 63.68 -8.21 6.69
CA LYS G 84 64.55 -9.38 6.71
C LYS G 84 65.35 -9.52 7.99
N ASP G 85 65.85 -8.41 8.54
CA ASP G 85 66.52 -8.47 9.84
C ASP G 85 65.52 -8.68 10.97
N VAL G 86 64.26 -8.33 10.76
CA VAL G 86 63.21 -8.67 11.72
C VAL G 86 62.93 -10.16 11.69
N ARG G 87 62.91 -10.78 10.51
CA ARG G 87 62.61 -12.20 10.39
C ARG G 87 63.74 -13.07 10.92
N GLU G 88 64.97 -12.77 10.54
CA GLU G 88 66.08 -13.63 10.92
C GLU G 88 66.58 -13.40 12.33
N GLU G 89 66.03 -12.44 13.09
CA GLU G 89 66.34 -12.29 14.50
C GLU G 89 65.32 -12.97 15.38
N LEU G 90 64.03 -12.73 15.13
CA LEU G 90 62.98 -13.42 15.86
C LEU G 90 62.90 -14.89 15.47
N GLY G 91 63.11 -15.21 14.19
CA GLY G 91 63.11 -16.58 13.73
C GLY G 91 61.91 -17.00 12.91
N ILE G 92 61.14 -16.06 12.36
CA ILE G 92 59.89 -16.39 11.69
C ILE G 92 60.18 -17.00 10.32
N ASP G 93 59.54 -18.13 10.03
CA ASP G 93 59.64 -18.80 8.75
C ASP G 93 58.35 -18.57 7.97
N LEU G 94 58.49 -18.32 6.67
CA LEU G 94 57.34 -18.14 5.81
C LEU G 94 56.63 -19.46 5.53
N LYS G 95 55.44 -19.37 4.94
CA LYS G 95 54.68 -20.58 4.63
C LYS G 95 55.32 -21.38 3.50
N GLU G 96 55.90 -20.71 2.51
CA GLU G 96 56.49 -21.41 1.38
C GLU G 96 57.86 -21.99 1.69
N GLU G 97 58.40 -21.74 2.88
CA GLU G 97 59.62 -22.41 3.33
C GLU G 97 59.33 -23.55 4.30
N LEU G 98 58.14 -23.60 4.90
CA LEU G 98 57.73 -24.70 5.75
C LEU G 98 57.08 -25.83 4.98
N PHE G 99 56.32 -25.49 3.93
CA PHE G 99 55.44 -26.40 3.22
C PHE G 99 54.51 -27.18 4.14
N PRO G 100 53.56 -26.50 4.82
CA PRO G 100 52.78 -27.19 5.84
C PRO G 100 51.70 -28.09 5.27
N THR H 1 -20.33 -5.35 52.33
CA THR H 1 -21.06 -4.38 53.12
C THR H 1 -21.53 -3.21 52.28
N ALA H 2 -20.76 -2.12 52.29
CA ALA H 2 -21.10 -0.91 51.55
C ALA H 2 -20.82 -1.08 50.05
N THR H 3 -21.00 0.01 49.29
CA THR H 3 -20.75 -0.03 47.86
C THR H 3 -19.27 -0.13 47.51
N GLU H 4 -18.38 0.11 48.48
CA GLU H 4 -16.96 -0.17 48.30
C GLU H 4 -16.64 -1.63 48.69
N LYS H 5 -17.10 -2.53 47.82
CA LYS H 5 -16.60 -3.89 47.77
C LYS H 5 -15.34 -4.01 46.92
N ILE H 6 -14.81 -2.88 46.45
CA ILE H 6 -13.63 -2.84 45.60
C ILE H 6 -12.42 -3.30 46.40
N ILE H 7 -12.43 -3.07 47.71
CA ILE H 7 -11.27 -3.40 48.53
C ILE H 7 -11.48 -4.83 49.05
N GLU H 8 -12.62 -5.43 48.67
CA GLU H 8 -12.90 -6.82 49.00
C GLU H 8 -12.73 -7.77 47.81
N LEU H 9 -13.17 -7.37 46.62
CA LEU H 9 -12.99 -8.21 45.44
C LEU H 9 -11.58 -8.17 44.87
N GLN H 10 -10.76 -7.22 45.30
CA GLN H 10 -9.35 -7.16 44.92
C GLN H 10 -8.49 -8.07 45.77
N LYS H 11 -9.03 -8.62 46.86
CA LYS H 11 -8.39 -9.69 47.60
C LYS H 11 -8.92 -11.06 47.20
N PHE H 12 -9.86 -11.12 46.27
CA PHE H 12 -10.44 -12.36 45.77
C PHE H 12 -9.93 -12.72 44.38
N TYR H 13 -9.84 -11.74 43.48
CA TYR H 13 -9.33 -12.02 42.14
C TYR H 13 -7.83 -12.26 42.17
N GLN H 14 -7.14 -11.70 43.15
CA GLN H 14 -5.80 -12.14 43.52
C GLN H 14 -5.98 -13.30 44.50
N SER H 15 -5.11 -14.30 44.40
CA SER H 15 -5.17 -15.56 45.17
C SER H 15 -6.49 -16.29 44.94
N THR H 16 -6.72 -16.78 43.73
CA THR H 16 -7.98 -17.40 43.37
C THR H 16 -7.83 -18.89 43.06
N ASN H 17 -6.77 -19.23 42.30
CA ASN H 17 -6.40 -20.55 41.75
C ASN H 17 -7.36 -21.03 40.67
N LYS H 18 -8.24 -20.18 40.17
CA LYS H 18 -9.09 -20.44 39.02
C LYS H 18 -8.86 -19.33 38.01
N PRO H 19 -9.20 -19.55 36.73
CA PRO H 19 -9.11 -18.45 35.76
C PRO H 19 -10.11 -17.34 36.04
N ILE H 20 -9.84 -16.17 35.46
CA ILE H 20 -10.60 -14.96 35.72
C ILE H 20 -12.04 -15.04 35.26
N TYR H 21 -12.32 -15.72 34.15
CA TYR H 21 -13.66 -15.76 33.57
C TYR H 21 -14.58 -16.75 34.27
N ALA H 22 -14.06 -17.51 35.23
CA ALA H 22 -14.88 -18.49 35.96
C ALA H 22 -14.56 -18.46 37.45
N ALA H 23 -14.23 -17.29 37.97
CA ALA H 23 -13.81 -17.15 39.36
C ALA H 23 -14.93 -16.75 40.29
N HIS H 24 -15.78 -15.82 39.87
CA HIS H 24 -16.91 -15.38 40.69
C HIS H 24 -17.97 -16.49 40.75
N PRO H 25 -18.78 -16.52 41.81
CA PRO H 25 -19.94 -17.42 41.81
C PRO H 25 -21.16 -16.85 41.09
N ARG H 26 -20.95 -16.27 39.91
CA ARG H 26 -21.99 -15.82 39.01
C ARG H 26 -21.73 -16.21 37.57
N SER H 27 -20.51 -16.63 37.22
CA SER H 27 -20.12 -16.89 35.84
C SER H 27 -20.79 -18.12 35.25
N LYS H 28 -21.44 -18.95 36.08
CA LYS H 28 -22.24 -20.05 35.56
C LYS H 28 -23.38 -19.53 34.68
N TYR H 29 -24.05 -18.47 35.14
CA TYR H 29 -25.22 -17.94 34.46
C TYR H 29 -24.87 -17.30 33.13
N TYR H 30 -23.64 -16.84 32.96
CA TYR H 30 -23.20 -16.34 31.67
C TYR H 30 -22.61 -17.42 30.78
N LEU H 31 -21.85 -18.35 31.35
CA LEU H 31 -21.08 -19.30 30.55
C LEU H 31 -21.85 -20.55 30.15
N ILE H 32 -22.93 -20.91 30.84
CA ILE H 32 -23.68 -22.11 30.44
C ILE H 32 -24.59 -21.84 29.23
N PRO H 33 -25.44 -20.78 29.18
CA PRO H 33 -26.20 -20.55 27.94
C PRO H 33 -25.37 -20.23 26.71
N TYR H 34 -24.24 -19.53 26.88
CA TYR H 34 -23.43 -19.12 25.74
C TYR H 34 -22.78 -20.32 25.06
N PHE H 35 -22.12 -21.17 25.83
CA PHE H 35 -21.53 -22.37 25.26
C PHE H 35 -22.58 -23.41 24.88
N GLY H 36 -23.76 -23.36 25.50
CA GLY H 36 -24.84 -24.24 25.07
C GLY H 36 -25.40 -23.88 23.71
N LEU H 37 -25.66 -22.60 23.48
CA LEU H 37 -26.23 -22.16 22.21
C LEU H 37 -25.19 -22.06 21.10
N LEU H 38 -23.91 -21.87 21.43
CA LEU H 38 -22.87 -21.87 20.40
C LEU H 38 -22.72 -23.24 19.76
N GLY H 39 -22.85 -24.32 20.53
CA GLY H 39 -22.78 -25.66 19.96
C GLY H 39 -24.00 -26.06 19.16
N VAL H 40 -25.06 -25.27 19.20
CA VAL H 40 -26.20 -25.46 18.30
C VAL H 40 -26.04 -24.60 17.04
N SER H 41 -25.53 -23.37 17.23
CA SER H 41 -25.32 -22.48 16.09
C SER H 41 -24.26 -23.02 15.13
N VAL H 42 -23.16 -23.56 15.66
CA VAL H 42 -22.17 -24.19 14.79
C VAL H 42 -22.67 -25.49 14.19
N ALA H 43 -23.40 -26.30 14.94
CA ALA H 43 -23.90 -27.58 14.43
C ALA H 43 -25.08 -27.42 13.46
N ALA H 44 -25.65 -26.22 13.34
CA ALA H 44 -26.68 -25.98 12.33
C ALA H 44 -26.13 -25.46 11.02
N THR H 45 -24.97 -24.80 11.03
CA THR H 45 -24.35 -24.33 9.79
C THR H 45 -23.36 -25.33 9.22
N LEU H 46 -23.21 -26.50 9.83
CA LEU H 46 -22.49 -27.60 9.22
C LEU H 46 -23.43 -28.68 8.73
N PHE H 47 -24.72 -28.56 9.01
CA PHE H 47 -25.74 -29.40 8.43
C PHE H 47 -26.39 -28.77 7.21
N TYR H 48 -26.51 -27.45 7.17
CA TYR H 48 -27.09 -26.75 6.04
C TYR H 48 -26.07 -26.39 4.97
N THR H 49 -24.78 -26.56 5.22
CA THR H 49 -23.77 -26.42 4.18
C THR H 49 -23.34 -27.75 3.59
N GLY H 50 -23.90 -28.86 4.06
CA GLY H 50 -23.62 -30.15 3.49
C GLY H 50 -24.85 -30.70 2.81
N ARG H 51 -26.02 -30.34 3.34
CA ARG H 51 -27.28 -30.60 2.67
C ARG H 51 -27.42 -29.80 1.39
N ALA H 52 -26.81 -28.62 1.34
CA ALA H 52 -26.93 -27.72 0.21
C ALA H 52 -25.95 -28.04 -0.91
N CYS H 53 -24.84 -28.70 -0.60
CA CYS H 53 -23.94 -29.19 -1.64
C CYS H 53 -24.55 -30.34 -2.44
N PHE H 54 -25.53 -31.05 -1.87
CA PHE H 54 -26.21 -32.12 -2.56
C PHE H 54 -27.46 -31.64 -3.31
N GLY H 55 -27.74 -30.34 -3.28
CA GLY H 55 -28.83 -29.78 -4.05
C GLY H 55 -30.16 -29.70 -3.34
N ILE H 56 -30.25 -30.13 -2.08
CA ILE H 56 -31.52 -30.13 -1.35
C ILE H 56 -31.81 -28.71 -0.87
N LYS H 57 -33.03 -28.24 -1.16
CA LYS H 57 -33.50 -26.94 -0.73
C LYS H 57 -34.62 -27.10 0.28
N ASP H 58 -35.04 -25.99 0.87
CA ASP H 58 -36.15 -25.98 1.81
C ASP H 58 -37.32 -25.16 1.28
N ASP I 1 11.02 -28.30 30.46
CA ASP I 1 10.88 -29.15 29.28
C ASP I 1 11.23 -28.41 28.01
N VAL I 2 11.93 -27.27 28.15
CA VAL I 2 12.32 -26.49 26.99
C VAL I 2 13.46 -27.20 26.26
N GLY I 3 13.28 -27.44 24.97
CA GLY I 3 14.24 -28.19 24.20
C GLY I 3 13.87 -28.23 22.72
N PRO I 4 14.62 -29.03 21.94
CA PRO I 4 14.51 -28.92 20.49
C PRO I 4 13.24 -29.52 19.89
N TYR I 5 12.43 -30.24 20.66
CA TYR I 5 11.16 -30.77 20.17
C TYR I 5 10.03 -30.35 21.12
N SER I 6 10.04 -29.10 21.55
CA SER I 6 9.06 -28.62 22.52
C SER I 6 8.13 -27.55 21.98
N ASN I 7 8.50 -26.84 20.92
CA ASN I 7 7.67 -25.76 20.39
C ASN I 7 6.77 -26.20 19.24
N LEU I 8 6.72 -27.49 18.93
CA LEU I 8 5.93 -27.92 17.78
C LEU I 8 4.63 -28.57 18.24
N PRO I 9 3.53 -28.31 17.52
CA PRO I 9 2.22 -28.83 17.95
C PRO I 9 2.06 -30.33 17.84
N PHE I 10 2.93 -31.01 17.10
CA PHE I 10 2.82 -32.45 16.87
C PHE I 10 4.03 -33.16 17.46
N LYS I 11 3.80 -34.38 17.93
CA LYS I 11 4.86 -35.21 18.48
C LYS I 11 5.60 -35.92 17.36
N VAL I 12 6.93 -35.95 17.46
CA VAL I 12 7.77 -36.49 16.41
C VAL I 12 8.45 -37.80 16.79
N LYS I 13 9.02 -37.91 17.99
CA LYS I 13 9.75 -39.10 18.40
C LYS I 13 9.04 -39.75 19.57
N ASN I 14 9.34 -41.04 19.76
CA ASN I 14 8.69 -41.93 20.73
C ASN I 14 7.18 -41.97 20.53
N ARG I 15 6.76 -42.48 19.37
CA ARG I 15 5.37 -42.42 18.95
C ARG I 15 4.98 -43.80 18.44
N ARG I 16 3.71 -44.17 18.62
CA ARG I 16 3.25 -45.51 18.24
C ARG I 16 3.22 -45.69 16.73
N VAL I 17 2.38 -44.92 16.04
CA VAL I 17 2.37 -44.87 14.59
C VAL I 17 3.55 -44.00 14.16
N PRO I 18 4.41 -44.46 13.25
CA PRO I 18 5.58 -43.66 12.84
C PRO I 18 5.18 -42.40 12.10
N TYR I 19 6.09 -41.41 12.11
CA TYR I 19 5.75 -40.05 11.70
C TYR I 19 5.54 -39.92 10.19
N ALA I 20 5.95 -40.94 9.43
CA ALA I 20 5.82 -40.90 7.98
C ALA I 20 4.37 -40.87 7.53
N VAL I 21 3.49 -41.57 8.24
CA VAL I 21 2.06 -41.58 7.91
C VAL I 21 1.41 -40.21 8.15
N PRO I 22 1.57 -39.53 9.31
CA PRO I 22 0.99 -38.18 9.41
C PRO I 22 1.68 -37.15 8.55
N HIS I 23 2.95 -37.35 8.19
CA HIS I 23 3.57 -36.40 7.28
C HIS I 23 3.06 -36.58 5.85
N PHE I 24 2.83 -37.83 5.44
CA PHE I 24 2.40 -38.07 4.07
C PHE I 24 0.92 -37.74 3.86
N LEU I 25 0.09 -37.99 4.87
CA LEU I 25 -1.36 -37.80 4.69
C LEU I 25 -1.72 -36.32 4.57
N PHE I 26 -0.94 -35.45 5.23
CA PHE I 26 -1.11 -34.01 5.15
C PHE I 26 -0.96 -33.51 3.71
N PHE I 27 0.14 -33.91 3.07
CA PHE I 27 0.37 -33.52 1.68
C PHE I 27 -0.56 -34.26 0.73
N ALA I 28 -0.98 -35.48 1.08
CA ALA I 28 -1.91 -36.22 0.24
C ALA I 28 -3.28 -35.53 0.17
N ILE I 29 -3.78 -35.07 1.33
CA ILE I 29 -5.03 -34.32 1.35
C ILE I 29 -4.87 -32.98 0.65
N GLY I 30 -3.72 -32.32 0.86
CA GLY I 30 -3.48 -31.01 0.27
C GLY I 30 -3.39 -31.03 -1.25
N MET I 31 -2.85 -32.10 -1.82
CA MET I 31 -2.86 -32.28 -3.27
C MET I 31 -3.94 -33.22 -3.76
N GLY I 32 -4.92 -33.57 -2.92
CA GLY I 32 -6.06 -34.32 -3.39
C GLY I 32 -7.41 -33.64 -3.35
N ILE I 33 -7.55 -32.57 -2.54
CA ILE I 33 -8.84 -31.85 -2.51
C ILE I 33 -9.23 -31.19 -3.83
N PRO I 34 -8.38 -30.42 -4.53
CA PRO I 34 -8.86 -29.75 -5.75
C PRO I 34 -9.08 -30.67 -6.94
N PHE I 35 -8.73 -31.95 -6.87
CA PHE I 35 -9.21 -32.91 -7.85
C PHE I 35 -10.60 -33.44 -7.50
N PHE I 36 -10.92 -33.56 -6.22
CA PHE I 36 -12.26 -33.94 -5.79
C PHE I 36 -13.27 -32.88 -6.16
N ALA I 37 -12.89 -31.59 -6.02
CA ALA I 37 -13.81 -30.51 -6.40
C ALA I 37 -14.13 -30.55 -7.90
N CYS I 38 -13.11 -30.78 -8.72
CA CYS I 38 -13.31 -30.88 -10.16
C CYS I 38 -14.13 -32.12 -10.52
N TYR I 39 -13.94 -33.22 -9.80
CA TYR I 39 -14.74 -34.42 -10.04
C TYR I 39 -16.22 -34.19 -9.74
N VAL I 40 -16.52 -33.52 -8.63
CA VAL I 40 -17.90 -33.24 -8.24
C VAL I 40 -18.57 -32.32 -9.25
N GLN I 41 -17.88 -31.22 -9.63
CA GLN I 41 -18.51 -30.30 -10.55
C GLN I 41 -18.52 -30.80 -11.99
N LEU I 42 -17.68 -31.78 -12.33
CA LEU I 42 -17.82 -32.42 -13.63
C LEU I 42 -19.02 -33.37 -13.65
N LYS I 43 -19.19 -34.16 -12.59
CA LYS I 43 -20.29 -35.12 -12.57
C LYS I 43 -21.65 -34.45 -12.40
N ARG I 44 -21.72 -33.27 -11.81
CA ARG I 44 -23.00 -32.57 -11.72
C ARG I 44 -23.43 -31.93 -13.03
N SER I 45 -22.54 -31.82 -14.01
CA SER I 45 -22.87 -31.14 -15.27
C SER I 45 -22.81 -32.10 -16.45
N GLY I 46 -23.25 -33.34 -16.26
CA GLY I 46 -23.40 -34.26 -17.37
C GLY I 46 -22.15 -35.00 -17.80
N SER I 47 -21.09 -34.26 -18.13
CA SER I 47 -19.85 -34.82 -18.67
C SER I 47 -19.15 -35.72 -17.66
N ILE I 48 -18.76 -36.91 -18.13
CA ILE I 48 -18.24 -38.08 -17.37
C ILE I 48 -17.61 -37.89 -15.99
N SER J 1 58.07 4.77 -3.87
CA SER J 1 58.71 3.50 -4.18
C SER J 1 57.68 2.38 -4.24
N LEU J 2 58.15 1.15 -4.10
CA LEU J 2 57.29 -0.03 -4.17
C LEU J 2 56.69 -0.40 -2.83
N THR J 3 56.99 0.36 -1.77
CA THR J 3 56.45 0.11 -0.45
C THR J 3 55.46 1.18 -0.03
N ARG J 4 54.84 1.86 -0.99
CA ARG J 4 53.85 2.90 -0.71
C ARG J 4 52.69 2.68 -1.67
N ILE J 5 51.62 2.07 -1.18
CA ILE J 5 50.42 1.81 -1.96
C ILE J 5 49.25 2.41 -1.20
N GLN J 6 48.48 3.27 -1.87
CA GLN J 6 47.44 4.02 -1.19
C GLN J 6 46.05 3.73 -1.70
N GLY J 7 45.85 3.69 -3.01
CA GLY J 7 44.52 3.46 -3.56
C GLY J 7 44.48 2.35 -4.59
N SER J 8 43.66 1.33 -4.36
CA SER J 8 43.58 0.22 -5.30
C SER J 8 42.13 -0.08 -5.69
N VAL J 9 41.21 0.04 -4.73
CA VAL J 9 39.83 -0.33 -4.97
C VAL J 9 39.11 0.70 -5.84
N LYS J 10 39.46 1.98 -5.69
CA LYS J 10 38.78 3.06 -6.41
C LYS J 10 39.04 2.97 -7.92
N ARG J 11 40.25 2.61 -8.31
CA ARG J 11 40.55 2.40 -9.73
C ARG J 11 39.78 1.22 -10.29
N ARG J 12 39.61 0.16 -9.48
CA ARG J 12 38.80 -0.98 -9.89
C ARG J 12 37.35 -0.58 -10.09
N ILE J 13 36.81 0.27 -9.20
CA ILE J 13 35.43 0.72 -9.34
C ILE J 13 35.26 1.57 -10.60
N LEU J 14 36.20 2.48 -10.85
CA LEU J 14 36.10 3.33 -12.03
C LEU J 14 36.32 2.56 -13.33
N THR J 15 37.07 1.46 -13.31
CA THR J 15 37.13 0.62 -14.50
C THR J 15 35.88 -0.23 -14.65
N ASP J 16 35.33 -0.74 -13.56
CA ASP J 16 34.17 -1.64 -13.64
C ASP J 16 32.86 -0.92 -13.89
N ILE J 17 32.80 0.40 -13.77
CA ILE J 17 31.67 1.15 -14.29
C ILE J 17 31.90 1.59 -15.74
N SER J 18 33.14 1.85 -16.14
CA SER J 18 33.45 2.31 -17.49
C SER J 18 33.65 1.16 -18.47
N VAL J 19 33.40 -0.08 -18.05
CA VAL J 19 33.32 -1.21 -18.97
C VAL J 19 31.91 -1.78 -19.03
N GLY J 20 31.16 -1.73 -17.94
CA GLY J 20 29.79 -2.20 -17.93
C GLY J 20 28.82 -1.27 -18.63
N LEU J 21 29.26 -0.06 -18.96
CA LEU J 21 28.47 0.86 -19.77
C LEU J 21 28.83 0.81 -21.24
N THR J 22 30.11 0.62 -21.56
CA THR J 22 30.52 0.43 -22.95
C THR J 22 29.95 -0.88 -23.50
N LEU J 23 29.96 -1.94 -22.68
CA LEU J 23 29.36 -3.20 -23.07
C LEU J 23 27.85 -3.06 -23.21
N GLY J 24 27.23 -2.25 -22.35
CA GLY J 24 25.79 -2.04 -22.45
C GLY J 24 25.40 -1.26 -23.69
N PHE J 25 26.19 -0.25 -24.03
CA PHE J 25 25.95 0.52 -25.25
C PHE J 25 26.26 -0.30 -26.50
N GLY J 26 27.22 -1.22 -26.43
CA GLY J 26 27.46 -2.10 -27.56
C GLY J 26 26.34 -3.09 -27.80
N PHE J 27 25.76 -3.62 -26.72
CA PHE J 27 24.66 -4.57 -26.83
C PHE J 27 23.32 -3.90 -27.06
N ALA J 28 23.25 -2.57 -27.04
CA ALA J 28 22.05 -1.84 -27.37
C ALA J 28 22.08 -1.18 -28.73
N SER J 29 23.27 -0.98 -29.32
CA SER J 29 23.41 -0.40 -30.64
C SER J 29 23.38 -1.46 -31.74
N TYR J 30 23.15 -2.72 -31.39
CA TYR J 30 22.81 -3.74 -32.36
C TYR J 30 21.31 -3.93 -32.50
N TRP J 31 20.54 -3.59 -31.46
CA TRP J 31 19.10 -3.61 -31.50
C TRP J 31 18.49 -2.48 -32.34
N TRP J 32 19.21 -1.37 -32.51
CA TRP J 32 18.66 -0.20 -33.18
C TRP J 32 19.30 0.03 -34.55
N TRP J 33 20.45 -0.59 -34.82
CA TRP J 33 21.04 -0.50 -36.14
C TRP J 33 21.26 -1.85 -36.81
N GLY J 34 20.70 -2.94 -36.28
CA GLY J 34 20.74 -4.19 -37.00
C GLY J 34 19.44 -4.97 -36.94
N VAL J 35 18.49 -4.51 -36.13
CA VAL J 35 17.22 -5.21 -35.97
C VAL J 35 16.07 -4.29 -36.35
N HIS J 36 16.23 -2.99 -36.11
CA HIS J 36 15.11 -2.05 -36.21
C HIS J 36 15.09 -1.31 -37.54
N LYS J 37 16.19 -0.65 -37.90
CA LYS J 37 16.24 0.15 -39.13
C LYS J 37 16.05 -0.65 -40.43
N PRO J 38 16.66 -1.84 -40.63
CA PRO J 38 16.32 -2.60 -41.85
C PRO J 38 14.87 -3.05 -41.94
N THR J 39 14.18 -3.28 -40.82
CA THR J 39 12.75 -3.60 -40.89
C THR J 39 11.93 -2.42 -41.38
N VAL J 40 12.26 -1.21 -40.93
CA VAL J 40 11.58 -0.01 -41.43
C VAL J 40 11.90 0.22 -42.90
N ALA J 41 13.14 -0.07 -43.30
CA ALA J 41 13.52 0.05 -44.71
C ALA J 41 12.75 -0.94 -45.58
N HIS J 42 12.59 -2.18 -45.12
CA HIS J 42 11.83 -3.19 -45.87
C HIS J 42 10.35 -2.82 -45.95
N ARG J 43 9.80 -2.29 -44.85
CA ARG J 43 8.43 -1.80 -44.83
C ARG J 43 8.21 -0.67 -45.83
N GLU J 44 9.17 0.26 -45.91
CA GLU J 44 9.02 1.38 -46.82
C GLU J 44 9.18 0.96 -48.28
N ASN J 45 10.15 0.08 -48.57
CA ASN J 45 10.31 -0.37 -49.96
C ASN J 45 9.19 -1.30 -50.40
N TYR J 46 8.44 -1.89 -49.47
CA TYR J 46 7.20 -2.53 -49.88
C TYR J 46 6.14 -1.51 -50.27
N TYR J 47 6.12 -0.34 -49.65
CA TYR J 47 5.11 0.68 -49.94
C TYR J 47 5.48 1.59 -51.09
N ILE J 48 6.72 1.54 -51.59
CA ILE J 48 7.09 2.33 -52.76
C ILE J 48 7.12 1.35 -53.94
N GLU J 49 6.42 0.22 -53.77
CA GLU J 49 6.17 -0.68 -54.88
C GLU J 49 4.69 -1.03 -55.06
N LEU J 50 3.87 -0.97 -54.03
CA LEU J 50 2.43 -1.17 -54.18
C LEU J 50 1.75 0.01 -54.86
N ALA J 51 2.27 1.23 -54.69
CA ALA J 51 1.69 2.42 -55.31
C ALA J 51 2.00 2.49 -56.80
N LYS J 52 3.18 2.02 -57.21
CA LYS J 52 3.56 2.09 -58.61
C LYS J 52 2.75 1.12 -59.46
N LYS J 53 2.38 -0.03 -58.89
CA LYS J 53 1.52 -0.97 -59.61
C LYS J 53 0.13 -0.40 -59.82
N LYS J 54 -0.40 0.31 -58.82
CA LYS J 54 -1.70 0.95 -58.98
C LYS J 54 -1.62 2.14 -59.93
N LYS J 55 -0.47 2.81 -59.97
CA LYS J 55 -0.26 3.89 -60.93
C LYS J 55 -0.22 3.35 -62.36
N ALA J 56 0.37 2.16 -62.54
CA ALA J 56 0.41 1.51 -63.85
C ALA J 56 -0.99 1.12 -64.31
N GLU J 57 -1.80 0.59 -63.41
CA GLU J 57 -3.18 0.23 -63.73
C GLU J 57 -4.05 1.48 -63.83
N GLU K 1 -20.69 10.86 -51.29
CA GLU K 1 -19.29 10.51 -51.29
C GLU K 1 -18.76 10.35 -49.87
N LEU K 2 -19.46 9.53 -49.08
CA LEU K 2 -19.06 9.07 -47.75
C LEU K 2 -18.82 10.21 -46.76
N LYS K 3 -19.88 10.94 -46.39
CA LYS K 3 -19.76 12.06 -45.46
C LYS K 3 -20.48 11.74 -44.16
N THR K 4 -19.82 12.01 -43.03
CA THR K 4 -20.38 11.82 -41.70
C THR K 4 -20.16 13.07 -40.85
N VAL K 5 -20.42 12.92 -39.55
CA VAL K 5 -20.32 13.98 -38.55
C VAL K 5 -18.85 14.39 -38.40
N GLY K 6 -18.62 15.68 -38.15
CA GLY K 6 -17.27 16.20 -38.06
C GLY K 6 -16.67 16.11 -36.67
N PHE K 7 -16.32 17.25 -36.08
CA PHE K 7 -15.60 17.27 -34.82
C PHE K 7 -16.50 17.64 -33.65
N ASP K 8 -17.26 18.74 -33.75
CA ASP K 8 -18.20 19.22 -32.74
C ASP K 8 -17.52 19.47 -31.40
N ALA K 9 -16.73 20.56 -31.32
CA ALA K 9 -15.70 20.71 -30.29
C ALA K 9 -16.27 20.86 -28.88
N ARG K 10 -17.59 21.05 -28.75
CA ARG K 10 -18.19 21.02 -27.42
C ARG K 10 -18.17 19.62 -26.79
N PHE K 11 -18.00 18.57 -27.61
CA PHE K 11 -17.83 17.21 -27.12
C PHE K 11 -16.58 16.60 -27.74
N PRO K 12 -15.38 16.90 -27.19
CA PRO K 12 -14.15 16.49 -27.85
C PRO K 12 -13.57 15.17 -27.34
N GLN K 13 -14.22 14.56 -26.36
CA GLN K 13 -13.62 13.51 -25.55
C GLN K 13 -13.87 12.16 -26.23
N GLN K 14 -13.55 11.03 -25.59
CA GLN K 14 -13.79 9.71 -26.18
C GLN K 14 -15.19 9.18 -25.88
N ASN K 15 -15.86 9.71 -24.87
CA ASN K 15 -17.23 9.30 -24.54
C ASN K 15 -18.21 10.14 -25.36
N GLN K 16 -18.84 9.50 -26.34
CA GLN K 16 -19.85 10.18 -27.16
C GLN K 16 -21.26 9.86 -26.71
N THR K 17 -21.44 9.65 -25.41
CA THR K 17 -22.77 9.28 -24.90
C THR K 17 -23.66 10.49 -24.68
N LYS K 18 -23.09 11.69 -24.68
CA LYS K 18 -23.90 12.90 -24.53
C LYS K 18 -24.28 13.52 -25.87
N HIS K 19 -23.48 13.28 -26.91
CA HIS K 19 -23.78 13.77 -28.26
C HIS K 19 -25.06 13.16 -28.80
N CYS K 20 -25.25 11.86 -28.58
CA CYS K 20 -26.47 11.14 -28.96
C CYS K 20 -27.70 11.73 -28.30
N TYR K 21 -27.65 11.90 -26.97
CA TYR K 21 -28.79 12.40 -26.22
C TYR K 21 -29.12 13.84 -26.56
N GLN K 22 -28.09 14.67 -26.74
CA GLN K 22 -28.30 16.07 -27.08
C GLN K 22 -28.88 16.22 -28.48
N SER K 23 -28.42 15.40 -29.44
CA SER K 23 -28.98 15.45 -30.78
C SER K 23 -30.45 15.00 -30.80
N TYR K 24 -30.78 13.97 -30.03
CA TYR K 24 -32.17 13.49 -29.95
C TYR K 24 -33.10 14.56 -29.35
N LEU K 25 -32.68 15.16 -28.23
CA LEU K 25 -33.48 16.20 -27.59
C LEU K 25 -33.62 17.43 -28.49
N ASP K 26 -32.55 17.81 -29.20
CA ASP K 26 -32.61 18.99 -30.07
C ASP K 26 -33.53 18.75 -31.25
N TYR K 27 -33.51 17.54 -31.83
CA TYR K 27 -34.44 17.23 -32.92
C TYR K 27 -35.89 17.28 -32.47
N HIS K 28 -36.20 16.73 -31.30
CA HIS K 28 -37.59 16.77 -30.89
C HIS K 28 -38.03 18.16 -30.42
N LYS K 29 -37.11 18.96 -29.87
CA LYS K 29 -37.42 20.35 -29.61
C LYS K 29 -37.70 21.14 -30.89
N CYS K 30 -36.93 20.92 -31.95
CA CYS K 30 -37.18 21.73 -33.14
C CYS K 30 -38.27 21.13 -34.02
N ILE K 31 -38.80 19.97 -33.68
CA ILE K 31 -39.95 19.44 -34.39
C ILE K 31 -41.27 19.68 -33.63
N THR K 32 -41.22 19.95 -32.31
CA THR K 32 -42.44 20.38 -31.62
C THR K 32 -42.92 21.74 -32.12
N VAL K 33 -41.99 22.67 -32.29
CA VAL K 33 -42.27 23.93 -32.96
C VAL K 33 -41.75 23.80 -34.38
N LYS K 34 -42.07 24.79 -35.21
CA LYS K 34 -41.57 24.98 -36.58
C LYS K 34 -41.95 23.84 -37.53
N GLY K 35 -42.98 23.07 -37.23
CA GLY K 35 -43.46 22.04 -38.13
C GLY K 35 -42.59 20.79 -38.12
N GLU K 36 -43.02 19.81 -38.91
CA GLU K 36 -42.32 18.54 -39.02
C GLU K 36 -41.47 18.42 -40.28
N ASP K 37 -41.79 19.19 -41.31
CA ASP K 37 -41.01 19.23 -42.55
C ASP K 37 -40.30 20.58 -42.59
N PHE K 38 -39.07 20.63 -42.12
CA PHE K 38 -38.29 21.86 -42.09
C PHE K 38 -36.83 21.45 -42.19
N ALA K 39 -35.99 22.32 -42.77
CA ALA K 39 -34.71 21.88 -43.30
C ALA K 39 -33.59 21.64 -42.27
N PRO K 40 -33.32 22.50 -41.28
CA PRO K 40 -32.21 22.18 -40.37
C PRO K 40 -32.50 21.08 -39.37
N CYS K 41 -33.74 20.58 -39.26
CA CYS K 41 -34.05 19.49 -38.35
C CYS K 41 -33.84 18.13 -39.00
N LYS K 42 -33.22 18.09 -40.18
CA LYS K 42 -32.69 16.86 -40.74
C LYS K 42 -31.18 16.76 -40.58
N VAL K 43 -30.52 17.81 -40.11
CA VAL K 43 -29.14 17.69 -39.67
C VAL K 43 -29.09 16.88 -38.38
N PHE K 44 -30.01 17.15 -37.45
CA PHE K 44 -30.11 16.40 -36.21
C PHE K 44 -30.54 14.96 -36.42
N TRP K 45 -31.44 14.73 -37.38
CA TRP K 45 -31.90 13.37 -37.70
C TRP K 45 -30.75 12.52 -38.21
N LYS K 46 -29.91 13.07 -39.07
CA LYS K 46 -28.73 12.35 -39.52
C LYS K 46 -27.67 12.28 -38.43
N THR K 47 -27.70 13.22 -37.49
CA THR K 47 -26.73 13.20 -36.41
C THR K 47 -26.99 12.09 -35.40
N TYR K 48 -28.24 11.88 -34.96
CA TYR K 48 -28.43 10.82 -33.97
C TYR K 48 -28.68 9.46 -34.62
N ASN K 49 -28.87 9.40 -35.93
CA ASN K 49 -28.92 8.11 -36.59
C ASN K 49 -27.54 7.61 -36.98
N SER K 50 -26.50 8.40 -36.74
CA SER K 50 -25.14 8.03 -37.08
C SER K 50 -24.30 7.67 -35.87
N LEU K 51 -24.76 7.93 -34.65
CA LEU K 51 -24.03 7.57 -33.45
C LEU K 51 -24.78 6.63 -32.52
N CYS K 52 -26.10 6.74 -32.41
CA CYS K 52 -26.90 6.02 -31.43
C CYS K 52 -27.24 4.64 -31.95
N PRO K 53 -27.14 3.60 -31.12
CA PRO K 53 -27.70 2.29 -31.51
C PRO K 53 -29.21 2.35 -31.57
N SER K 54 -29.79 1.45 -32.38
CA SER K 54 -31.21 1.55 -32.73
C SER K 54 -32.12 1.19 -31.58
N ALA K 55 -31.69 0.27 -30.72
CA ALA K 55 -32.52 -0.18 -29.60
C ALA K 55 -32.77 0.93 -28.59
N TRP K 56 -31.78 1.82 -28.42
CA TRP K 56 -31.96 2.98 -27.56
C TRP K 56 -33.04 3.91 -28.09
N VAL K 57 -33.07 4.12 -29.42
CA VAL K 57 -34.09 4.96 -30.03
C VAL K 57 -35.47 4.33 -29.91
N GLU K 58 -35.56 3.00 -30.07
CA GLU K 58 -36.85 2.32 -29.92
C GLU K 58 -37.37 2.41 -28.49
N GLU K 59 -36.49 2.22 -27.49
CA GLU K 59 -36.90 2.36 -26.10
C GLU K 59 -37.32 3.79 -25.77
N TRP K 60 -36.61 4.78 -26.30
CA TRP K 60 -36.96 6.17 -26.04
C TRP K 60 -38.29 6.55 -26.70
N ASP K 61 -38.57 6.01 -27.89
CA ASP K 61 -39.84 6.29 -28.55
C ASP K 61 -41.01 5.64 -27.82
N GLU K 62 -40.84 4.41 -27.31
CA GLU K 62 -41.89 3.80 -26.52
C GLU K 62 -42.12 4.55 -25.21
N GLN K 63 -41.04 4.99 -24.57
CA GLN K 63 -41.15 5.76 -23.34
C GLN K 63 -41.82 7.11 -23.57
N ARG K 64 -41.59 7.72 -24.73
CA ARG K 64 -42.30 8.93 -25.11
C ARG K 64 -43.78 8.69 -25.40
N GLU K 65 -44.12 7.58 -26.04
CA GLU K 65 -45.52 7.29 -26.36
C GLU K 65 -46.32 6.85 -25.14
N LYS K 66 -45.66 6.38 -24.08
CA LYS K 66 -46.37 6.09 -22.83
C LYS K 66 -46.48 7.30 -21.92
N GLY K 67 -45.91 8.45 -22.30
CA GLY K 67 -45.90 9.65 -21.50
C GLY K 67 -44.78 9.70 -20.49
N ILE K 68 -44.02 8.61 -20.38
CA ILE K 68 -43.06 8.39 -19.30
C ILE K 68 -41.65 8.59 -19.81
N PHE K 69 -41.13 9.81 -19.75
CA PHE K 69 -39.81 10.06 -20.32
C PHE K 69 -39.05 11.13 -19.54
N PRO K 70 -37.92 10.80 -18.93
CA PRO K 70 -37.11 11.83 -18.26
C PRO K 70 -36.30 12.66 -19.25
N GLY K 71 -36.70 13.90 -19.43
CA GLY K 71 -36.00 14.76 -20.37
C GLY K 71 -36.48 16.18 -20.25
N ASN K 72 -35.89 17.05 -21.08
CA ASN K 72 -36.24 18.46 -21.09
C ASN K 72 -36.84 18.87 -22.43
N LEU K 73 -37.75 18.06 -22.97
CA LEU K 73 -38.33 18.34 -24.28
C LEU K 73 -39.28 19.52 -24.26
N LYS K 74 -39.74 19.95 -23.09
CA LYS K 74 -40.68 21.08 -22.98
C LYS K 74 -39.87 22.37 -22.95
N VAL K 75 -39.23 22.68 -24.08
CA VAL K 75 -38.44 23.89 -24.32
C VAL K 75 -37.34 24.13 -23.27
N PHE L 1 23.82 -4.47 48.10
CA PHE L 1 23.93 -3.21 47.36
C PHE L 1 23.30 -2.07 48.14
N THR L 2 23.57 -0.84 47.72
CA THR L 2 23.04 0.35 48.37
C THR L 2 21.79 0.82 47.64
N THR L 3 20.75 1.15 48.39
CA THR L 3 19.47 1.52 47.81
C THR L 3 19.54 2.91 47.18
N VAL L 4 18.82 3.09 46.07
CA VAL L 4 18.76 4.38 45.41
C VAL L 4 17.86 5.33 46.20
N LYS L 5 18.39 6.50 46.52
CA LYS L 5 17.63 7.53 47.20
C LYS L 5 16.72 8.26 46.21
N GLY L 6 15.75 8.98 46.76
CA GLY L 6 14.77 9.68 45.96
C GLY L 6 15.10 11.17 45.86
N ASP L 7 15.09 11.68 44.64
CA ASP L 7 15.31 13.09 44.41
C ASP L 7 14.09 13.88 44.88
N PRO L 8 14.26 14.88 45.75
CA PRO L 8 13.11 15.65 46.21
C PRO L 8 12.76 16.81 45.29
N ALA L 9 13.37 16.85 44.10
CA ALA L 9 13.00 17.81 43.08
C ALA L 9 12.04 17.26 42.04
N LYS L 10 11.99 15.94 41.86
CA LYS L 10 10.98 15.30 41.03
C LYS L 10 9.76 14.87 41.82
N ALA L 11 9.75 15.11 43.13
CA ALA L 11 8.62 14.80 43.97
C ALA L 11 7.60 15.95 43.99
N GLN L 12 8.08 17.19 44.01
CA GLN L 12 7.17 18.33 43.97
C GLN L 12 6.56 18.52 42.59
N ALA L 13 7.22 18.02 41.55
CA ALA L 13 6.69 18.16 40.19
C ALA L 13 5.44 17.31 40.01
N PHE L 14 5.42 16.12 40.60
CA PHE L 14 4.24 15.26 40.49
C PHE L 14 3.11 15.77 41.36
N LYS L 15 3.43 16.33 42.52
CA LYS L 15 2.40 16.81 43.44
C LYS L 15 1.87 18.20 43.07
N LYS L 16 2.50 18.88 42.11
CA LYS L 16 1.97 20.11 41.55
C LYS L 16 1.03 19.85 40.39
N HIS L 17 1.30 18.83 39.59
CA HIS L 17 0.44 18.50 38.47
C HIS L 17 -0.82 17.75 38.89
N LEU L 18 -0.95 17.35 40.15
CA LEU L 18 -2.18 16.74 40.64
C LEU L 18 -3.05 17.71 41.41
N ASP L 19 -2.51 18.86 41.84
CA ASP L 19 -3.30 19.90 42.47
C ASP L 19 -3.62 21.05 41.53
N ASP L 20 -3.06 21.04 40.31
CA ASP L 20 -3.44 21.97 39.26
C ASP L 20 -4.43 21.35 38.28
N VAL L 21 -5.05 20.23 38.65
CA VAL L 21 -6.16 19.67 37.90
C VAL L 21 -7.42 19.95 38.72
N TYR L 22 -7.28 19.97 40.04
CA TYR L 22 -8.35 20.46 40.90
C TYR L 22 -8.58 21.95 40.68
N HIS L 23 -7.50 22.73 40.65
CA HIS L 23 -7.53 24.08 40.13
C HIS L 23 -7.51 23.99 38.61
N HIS L 24 -8.01 25.06 37.94
CA HIS L 24 -8.31 25.19 36.51
C HIS L 24 -9.52 24.37 36.08
N SER L 25 -10.10 23.58 36.97
CA SER L 25 -11.35 22.89 36.74
C SER L 25 -12.39 23.28 37.79
N LYS L 26 -12.29 24.51 38.26
CA LYS L 26 -13.28 25.12 39.14
C LYS L 26 -14.17 26.12 38.41
N GLY L 27 -13.62 26.88 37.47
CA GLY L 27 -14.41 27.81 36.69
C GLY L 27 -14.98 27.18 35.42
N THR L 28 -14.28 26.19 34.87
CA THR L 28 -14.77 25.54 33.66
C THR L 28 -15.99 24.66 33.94
N THR L 29 -16.02 24.02 35.12
CA THR L 29 -17.16 23.20 35.52
C THR L 29 -18.43 24.00 35.68
N ALA L 30 -18.35 25.20 36.28
CA ALA L 30 -19.52 26.06 36.39
C ALA L 30 -19.86 26.78 35.09
N LEU L 31 -18.89 26.98 34.20
CA LEU L 31 -19.17 27.58 32.90
C LEU L 31 -19.94 26.62 32.01
N TRP L 32 -19.47 25.36 31.91
CA TRP L 32 -20.07 24.42 30.99
C TRP L 32 -21.42 23.90 31.49
N LYS L 33 -21.77 24.16 32.74
CA LYS L 33 -23.14 23.94 33.19
C LYS L 33 -24.08 25.00 32.63
N LYS L 34 -23.63 26.26 32.61
CA LYS L 34 -24.46 27.33 32.07
C LYS L 34 -24.53 27.30 30.55
N ILE L 35 -23.53 26.73 29.88
CA ILE L 35 -23.65 26.51 28.43
C ILE L 35 -24.60 25.34 28.17
N SER L 36 -24.84 24.50 29.18
CA SER L 36 -25.74 23.38 29.01
C SER L 36 -27.12 23.56 29.62
N TYR L 37 -27.39 24.69 30.29
CA TYR L 37 -28.69 24.91 30.92
C TYR L 37 -29.33 26.21 30.48
N PHE L 38 -28.67 26.99 29.62
CA PHE L 38 -29.23 28.27 29.22
C PHE L 38 -29.18 28.50 27.71
N VAL L 39 -28.28 27.82 27.02
CA VAL L 39 -28.20 27.96 25.57
C VAL L 39 -28.22 26.59 24.90
N ALA L 40 -28.74 25.58 25.60
CA ALA L 40 -28.87 24.27 25.01
C ALA L 40 -30.30 23.73 25.18
N LEU L 41 -30.95 24.08 26.29
CA LEU L 41 -32.32 23.63 26.51
C LEU L 41 -33.37 24.47 25.76
N PRO L 42 -33.32 25.82 25.76
CA PRO L 42 -34.30 26.55 24.91
C PRO L 42 -34.20 26.28 23.42
N ALA L 43 -33.02 25.93 22.91
CA ALA L 43 -32.87 25.59 21.50
C ALA L 43 -33.67 24.34 21.13
N ILE L 44 -33.50 23.28 21.93
CA ILE L 44 -34.23 22.03 21.71
C ILE L 44 -35.73 22.25 21.94
N ALA L 45 -36.08 23.07 22.94
CA ALA L 45 -37.49 23.33 23.22
C ALA L 45 -38.17 24.07 22.08
N LEU L 46 -37.53 25.13 21.56
CA LEU L 46 -38.11 25.92 20.47
C LEU L 46 -38.21 25.11 19.19
N THR L 47 -37.17 24.33 18.86
CA THR L 47 -37.23 23.55 17.64
C THR L 47 -38.21 22.39 17.75
N ALA L 48 -38.39 21.82 18.94
CA ALA L 48 -39.41 20.78 19.11
C ALA L 48 -40.82 21.34 18.96
N VAL L 49 -41.08 22.50 19.55
CA VAL L 49 -42.40 23.13 19.43
C VAL L 49 -42.67 23.55 17.99
N ASN L 50 -41.65 24.03 17.27
CA ASN L 50 -41.83 24.38 15.86
C ASN L 50 -42.11 23.15 14.99
N THR L 51 -41.27 22.11 15.12
CA THR L 51 -41.42 20.94 14.26
C THR L 51 -42.64 20.11 14.59
N TYR L 52 -43.19 20.21 15.81
CA TYR L 52 -44.45 19.53 16.11
C TYR L 52 -45.59 20.09 15.27
N PHE L 53 -45.71 21.43 15.20
CA PHE L 53 -46.76 22.03 14.37
C PHE L 53 -46.49 21.78 12.90
N VAL L 54 -45.23 21.89 12.47
CA VAL L 54 -44.88 21.73 11.06
C VAL L 54 -45.18 20.32 10.56
N GLU L 55 -44.85 19.30 11.36
CA GLU L 55 -45.01 17.92 10.93
C GLU L 55 -46.23 17.28 11.60
N ALA L 56 -47.10 18.10 12.18
CA ALA L 56 -48.46 17.68 12.49
C ALA L 56 -49.49 18.31 11.56
N GLU L 57 -49.14 19.37 10.83
CA GLU L 57 -49.96 19.79 9.69
C GLU L 57 -49.79 18.90 8.48
N HIS L 58 -48.65 18.22 8.36
CA HIS L 58 -48.41 17.25 7.30
C HIS L 58 -48.95 15.87 7.64
N ALA L 59 -49.48 15.67 8.84
CA ALA L 59 -50.03 14.39 9.25
C ALA L 59 -51.50 14.24 8.89
N GLU L 60 -52.07 15.23 8.21
CA GLU L 60 -53.43 15.15 7.70
C GLU L 60 -53.49 15.27 6.19
N HIS L 61 -52.34 15.42 5.52
CA HIS L 61 -52.25 15.27 4.08
C HIS L 61 -51.75 13.89 3.68
N ARG L 62 -51.48 13.03 4.66
CA ARG L 62 -51.05 11.66 4.40
C ARG L 62 -52.09 10.63 4.80
N ALA L 63 -53.08 11.00 5.60
CA ALA L 63 -54.15 10.09 5.95
C ALA L 63 -55.18 9.94 4.84
N HIS L 64 -55.18 10.86 3.87
CA HIS L 64 -56.03 10.74 2.70
C HIS L 64 -55.34 10.09 1.51
N ASN L 65 -54.01 9.91 1.57
CA ASN L 65 -53.32 9.20 0.51
C ASN L 65 -53.24 7.70 0.80
N ARG L 66 -54.37 7.11 1.17
CA ARG L 66 -54.48 5.66 1.32
C ARG L 66 -55.70 5.09 0.62
N HIS L 67 -56.82 5.81 0.56
CA HIS L 67 -57.99 5.37 -0.17
C HIS L 67 -57.99 5.87 -1.61
N LEU L 68 -56.88 6.44 -2.06
CA LEU L 68 -56.71 6.77 -3.47
C LEU L 68 -56.62 5.49 -4.28
N SER L 69 -57.29 5.46 -5.44
CA SER L 69 -57.25 4.30 -6.30
C SER L 69 -55.91 4.21 -7.02
N ASP L 70 -55.69 3.08 -7.69
CA ASP L 70 -54.44 2.85 -8.40
C ASP L 70 -54.31 3.71 -9.66
N GLU L 71 -55.38 4.34 -10.11
CA GLU L 71 -55.35 5.19 -11.30
C GLU L 71 -55.19 6.67 -10.95
N GLU L 72 -55.06 7.00 -9.67
CA GLU L 72 -54.85 8.38 -9.25
C GLU L 72 -53.53 8.58 -8.53
N TRP L 73 -52.76 7.51 -8.31
CA TRP L 73 -51.42 7.63 -7.76
C TRP L 73 -50.51 8.32 -8.78
N PRO L 74 -49.47 9.03 -8.32
CA PRO L 74 -48.48 9.60 -9.24
C PRO L 74 -47.82 8.58 -10.16
N LYS L 75 -47.56 8.97 -11.40
CA LYS L 75 -47.09 8.07 -12.43
C LYS L 75 -45.67 7.59 -12.11
N ALA L 76 -45.39 6.36 -12.53
CA ALA L 76 -44.14 5.69 -12.19
C ALA L 76 -43.24 5.70 -13.41
N TYR L 77 -42.04 6.21 -13.24
CA TYR L 77 -41.04 6.29 -14.29
C TYR L 77 -40.38 4.93 -14.51
N PRO L 78 -39.40 4.78 -15.43
CA PRO L 78 -38.43 3.70 -15.24
C PRO L 78 -37.50 4.00 -14.07
N TYR L 79 -36.59 3.08 -13.76
CA TYR L 79 -35.70 3.05 -12.58
C TYR L 79 -36.44 3.21 -11.25
N GLN L 80 -37.77 3.04 -11.21
CA GLN L 80 -38.58 3.55 -10.11
C GLN L 80 -38.80 2.52 -9.03
N ASN L 81 -39.16 1.29 -9.39
CA ASN L 81 -39.25 0.22 -8.40
C ASN L 81 -38.52 -0.99 -8.98
N VAL L 82 -37.23 -1.11 -8.63
CA VAL L 82 -36.40 -2.17 -9.17
C VAL L 82 -36.69 -3.44 -8.39
N ARG L 83 -37.36 -4.40 -9.03
CA ARG L 83 -37.62 -5.72 -8.46
C ARG L 83 -37.06 -6.74 -9.44
N ARG L 84 -35.81 -7.11 -9.24
CA ARG L 84 -35.07 -7.98 -10.15
C ARG L 84 -34.56 -9.16 -9.34
N VAL L 85 -34.60 -9.04 -8.01
CA VAL L 85 -34.42 -10.14 -7.07
C VAL L 85 -35.50 -9.94 -6.01
N ASP L 86 -36.24 -11.00 -5.70
CA ASP L 86 -37.27 -10.91 -4.67
C ASP L 86 -36.65 -10.94 -3.28
N PHE L 87 -37.19 -10.11 -2.40
CA PHE L 87 -36.71 -10.04 -1.04
C PHE L 87 -37.09 -11.31 -0.27
N PHE L 88 -36.23 -11.69 0.67
CA PHE L 88 -36.42 -12.97 1.35
C PHE L 88 -37.31 -12.89 2.59
N TRP L 89 -37.71 -11.70 3.03
CA TRP L 89 -38.61 -11.59 4.18
C TRP L 89 -40.02 -11.31 3.66
N GLY L 90 -40.97 -12.15 4.06
CA GLY L 90 -42.38 -12.03 3.71
C GLY L 90 -42.60 -12.09 2.20
N ASP L 91 -43.49 -11.23 1.72
CA ASP L 91 -43.62 -11.01 0.29
C ASP L 91 -42.39 -10.30 -0.24
N GLY L 92 -42.13 -10.46 -1.54
CA GLY L 92 -40.97 -9.88 -2.15
C GLY L 92 -41.13 -8.45 -2.63
N ASP L 93 -42.25 -7.80 -2.33
CA ASP L 93 -42.53 -6.45 -2.82
C ASP L 93 -42.52 -5.42 -1.69
N LYS L 94 -41.88 -5.74 -0.56
CA LYS L 94 -41.89 -4.85 0.58
C LYS L 94 -40.52 -4.82 1.24
N THR L 95 -40.03 -3.64 1.58
CA THR L 95 -38.77 -3.46 2.29
C THR L 95 -39.00 -3.47 3.78
N LEU L 96 -37.95 -3.19 4.55
CA LEU L 96 -38.01 -3.12 6.01
C LEU L 96 -39.00 -2.07 6.51
N PHE L 97 -38.72 -0.81 6.21
CA PHE L 97 -39.66 0.26 6.52
C PHE L 97 -40.55 0.46 5.31
N TRP L 98 -41.86 0.27 5.48
CA TRP L 98 -42.78 0.36 4.34
C TRP L 98 -44.15 0.69 4.91
N ASN L 99 -44.56 1.94 4.81
CA ASN L 99 -45.94 2.28 5.12
C ASN L 99 -46.76 2.40 3.83
N PRO L 100 -47.98 1.88 3.80
CA PRO L 100 -48.80 2.03 2.59
C PRO L 100 -49.37 3.42 2.40
N ASP L 101 -49.33 4.26 3.44
CA ASP L 101 -49.94 5.58 3.37
C ASP L 101 -49.13 6.58 2.54
N VAL L 102 -47.84 6.32 2.31
CA VAL L 102 -47.02 7.28 1.59
C VAL L 102 -46.48 6.59 0.34
N ASN L 103 -46.32 5.27 0.42
CA ASN L 103 -45.62 4.52 -0.63
C ASN L 103 -46.50 3.39 -1.15
N ARG L 104 -46.41 3.14 -2.47
CA ARG L 104 -47.16 2.08 -3.12
C ARG L 104 -46.38 1.63 -4.35
N HIS L 105 -46.69 0.43 -4.83
CA HIS L 105 -46.06 -0.15 -6.02
C HIS L 105 -47.17 -0.65 -6.94
N VAL L 106 -47.46 0.13 -7.98
CA VAL L 106 -48.61 -0.13 -8.85
C VAL L 106 -48.18 -1.09 -9.96
N LYS L 107 -48.94 -2.16 -10.14
CA LYS L 107 -48.69 -3.13 -11.21
C LYS L 107 -49.57 -2.83 -12.42
#